data_3QRL
# 
_entry.id   3QRL 
# 
_audit_conform.dict_name       mmcif_pdbx.dic 
_audit_conform.dict_version    5.387 
_audit_conform.dict_location   http://mmcif.pdb.org/dictionaries/ascii/mmcif_pdbx.dic 
# 
loop_
_database_2.database_id 
_database_2.database_code 
_database_2.pdbx_database_accession 
_database_2.pdbx_DOI 
PDB   3QRL         pdb_00003qrl 10.2210/pdb3qrl/pdb 
RCSB  RCSB064014   ?            ?                   
WWPDB D_1000064014 ?            ?                   
# 
loop_
_pdbx_audit_revision_history.ordinal 
_pdbx_audit_revision_history.data_content_type 
_pdbx_audit_revision_history.major_revision 
_pdbx_audit_revision_history.minor_revision 
_pdbx_audit_revision_history.revision_date 
1 'Structure model' 1 0 2012-02-29 
2 'Structure model' 1 1 2024-02-21 
# 
_pdbx_audit_revision_details.ordinal             1 
_pdbx_audit_revision_details.revision_ordinal    1 
_pdbx_audit_revision_details.data_content_type   'Structure model' 
_pdbx_audit_revision_details.provider            repository 
_pdbx_audit_revision_details.type                'Initial release' 
_pdbx_audit_revision_details.description         ? 
_pdbx_audit_revision_details.details             ? 
# 
loop_
_pdbx_audit_revision_group.ordinal 
_pdbx_audit_revision_group.revision_ordinal 
_pdbx_audit_revision_group.data_content_type 
_pdbx_audit_revision_group.group 
1 2 'Structure model' 'Data collection'      
2 2 'Structure model' 'Database references'  
3 2 'Structure model' 'Derived calculations' 
# 
loop_
_pdbx_audit_revision_category.ordinal 
_pdbx_audit_revision_category.revision_ordinal 
_pdbx_audit_revision_category.data_content_type 
_pdbx_audit_revision_category.category 
1 2 'Structure model' chem_comp_atom     
2 2 'Structure model' chem_comp_bond     
3 2 'Structure model' database_2         
4 2 'Structure model' struct_ref_seq_dif 
5 2 'Structure model' struct_site        
# 
loop_
_pdbx_audit_revision_item.ordinal 
_pdbx_audit_revision_item.revision_ordinal 
_pdbx_audit_revision_item.data_content_type 
_pdbx_audit_revision_item.item 
1 2 'Structure model' '_database_2.pdbx_DOI'                
2 2 'Structure model' '_database_2.pdbx_database_accession' 
3 2 'Structure model' '_struct_ref_seq_dif.details'         
4 2 'Structure model' '_struct_site.pdbx_auth_asym_id'      
5 2 'Structure model' '_struct_site.pdbx_auth_comp_id'      
6 2 'Structure model' '_struct_site.pdbx_auth_seq_id'       
# 
_pdbx_database_status.status_code                     REL 
_pdbx_database_status.entry_id                        3QRL 
_pdbx_database_status.recvd_initial_deposition_date   2011-02-18 
_pdbx_database_status.deposit_site                    RCSB 
_pdbx_database_status.process_site                    RCSB 
_pdbx_database_status.status_code_sf                  REL 
_pdbx_database_status.status_code_mr                  ? 
_pdbx_database_status.SG_entry                        ? 
_pdbx_database_status.status_code_cs                  ? 
_pdbx_database_status.pdb_format_compatible           Y 
_pdbx_database_status.status_code_nmr_data            ? 
_pdbx_database_status.methods_development_category    ? 
# 
loop_
_audit_author.name 
_audit_author.pdbx_ordinal 
'Simpson, P.J.' 1 
'Warren, A.J.'  2 
# 
_citation.id                        primary 
_citation.title                     'Crystal structure of the Taf14 YEATS domain' 
_citation.journal_abbrev            'To be Published' 
_citation.journal_volume            ? 
_citation.page_first                ? 
_citation.page_last                 ? 
_citation.year                      ? 
_citation.journal_id_ASTM           ? 
_citation.country                   ? 
_citation.journal_id_ISSN           ? 
_citation.journal_id_CSD            0353 
_citation.book_publisher            ? 
_citation.pdbx_database_id_PubMed   ? 
_citation.pdbx_database_id_DOI      ? 
# 
loop_
_citation_author.citation_id 
_citation_author.name 
_citation_author.ordinal 
_citation_author.identifier_ORCID 
primary 'Simpson, P.J.' 1 ? 
primary 'Warren, A.J.'  2 ? 
# 
loop_
_entity.id 
_entity.type 
_entity.src_method 
_entity.pdbx_description 
_entity.formula_weight 
_entity.pdbx_number_of_molecules 
_entity.pdbx_ec 
_entity.pdbx_mutation 
_entity.pdbx_fragment 
_entity.details 
1 polymer     man 'Transcription initiation factor TFIID subunit 14' 16051.319 1   ? ? 'YEATS Domain (UNP Residues 1-137)' ? 
2 non-polymer syn 'TRIETHYLENE GLYCOL'                               150.173   1   ? ? ?                                   ? 
3 water       nat water                                              18.015    139 ? ? ?                                   ? 
# 
_entity_name_com.entity_id   1 
_entity_name_com.name        
;Actin non-complementing mutant 1, Chromosome stability protein 10, SWI/SNF chromatin-remodeling complex subunit TAF14, SWI/SNF complex 29 kDa subunit, SWI/SNF complex subunit TAF14, TBP-associated factor 14, TBP-associated factor 30 kDa, Transcription factor G 30 kDa subunit, Transcription initiation factor TFIIF 30 kDa subunit
;
# 
_entity_poly.entity_id                      1 
_entity_poly.type                           'polypeptide(L)' 
_entity_poly.nstd_linkage                   no 
_entity_poly.nstd_monomer                   no 
_entity_poly.pdbx_seq_one_letter_code       
;GSHMVATVKRTIRIKTQQHILPEVPPVENFPVRQWSIEIVLLDDEGKEIPATIFDKVIYHLHPTFANPNRTFTDPPFRIE
EQGWGGFPLDISVFLLEKAGERKIPHDLNFLQESYEVEHVIQIPLNKPLLTEELAKSGST
;
_entity_poly.pdbx_seq_one_letter_code_can   
;GSHMVATVKRTIRIKTQQHILPEVPPVENFPVRQWSIEIVLLDDEGKEIPATIFDKVIYHLHPTFANPNRTFTDPPFRIE
EQGWGGFPLDISVFLLEKAGERKIPHDLNFLQESYEVEHVIQIPLNKPLLTEELAKSGST
;
_entity_poly.pdbx_strand_id                 A 
_entity_poly.pdbx_target_identifier         ? 
# 
loop_
_pdbx_entity_nonpoly.entity_id 
_pdbx_entity_nonpoly.name 
_pdbx_entity_nonpoly.comp_id 
2 'TRIETHYLENE GLYCOL' PGE 
3 water                HOH 
# 
loop_
_entity_poly_seq.entity_id 
_entity_poly_seq.num 
_entity_poly_seq.mon_id 
_entity_poly_seq.hetero 
1 1   GLY n 
1 2   SER n 
1 3   HIS n 
1 4   MET n 
1 5   VAL n 
1 6   ALA n 
1 7   THR n 
1 8   VAL n 
1 9   LYS n 
1 10  ARG n 
1 11  THR n 
1 12  ILE n 
1 13  ARG n 
1 14  ILE n 
1 15  LYS n 
1 16  THR n 
1 17  GLN n 
1 18  GLN n 
1 19  HIS n 
1 20  ILE n 
1 21  LEU n 
1 22  PRO n 
1 23  GLU n 
1 24  VAL n 
1 25  PRO n 
1 26  PRO n 
1 27  VAL n 
1 28  GLU n 
1 29  ASN n 
1 30  PHE n 
1 31  PRO n 
1 32  VAL n 
1 33  ARG n 
1 34  GLN n 
1 35  TRP n 
1 36  SER n 
1 37  ILE n 
1 38  GLU n 
1 39  ILE n 
1 40  VAL n 
1 41  LEU n 
1 42  LEU n 
1 43  ASP n 
1 44  ASP n 
1 45  GLU n 
1 46  GLY n 
1 47  LYS n 
1 48  GLU n 
1 49  ILE n 
1 50  PRO n 
1 51  ALA n 
1 52  THR n 
1 53  ILE n 
1 54  PHE n 
1 55  ASP n 
1 56  LYS n 
1 57  VAL n 
1 58  ILE n 
1 59  TYR n 
1 60  HIS n 
1 61  LEU n 
1 62  HIS n 
1 63  PRO n 
1 64  THR n 
1 65  PHE n 
1 66  ALA n 
1 67  ASN n 
1 68  PRO n 
1 69  ASN n 
1 70  ARG n 
1 71  THR n 
1 72  PHE n 
1 73  THR n 
1 74  ASP n 
1 75  PRO n 
1 76  PRO n 
1 77  PHE n 
1 78  ARG n 
1 79  ILE n 
1 80  GLU n 
1 81  GLU n 
1 82  GLN n 
1 83  GLY n 
1 84  TRP n 
1 85  GLY n 
1 86  GLY n 
1 87  PHE n 
1 88  PRO n 
1 89  LEU n 
1 90  ASP n 
1 91  ILE n 
1 92  SER n 
1 93  VAL n 
1 94  PHE n 
1 95  LEU n 
1 96  LEU n 
1 97  GLU n 
1 98  LYS n 
1 99  ALA n 
1 100 GLY n 
1 101 GLU n 
1 102 ARG n 
1 103 LYS n 
1 104 ILE n 
1 105 PRO n 
1 106 HIS n 
1 107 ASP n 
1 108 LEU n 
1 109 ASN n 
1 110 PHE n 
1 111 LEU n 
1 112 GLN n 
1 113 GLU n 
1 114 SER n 
1 115 TYR n 
1 116 GLU n 
1 117 VAL n 
1 118 GLU n 
1 119 HIS n 
1 120 VAL n 
1 121 ILE n 
1 122 GLN n 
1 123 ILE n 
1 124 PRO n 
1 125 LEU n 
1 126 ASN n 
1 127 LYS n 
1 128 PRO n 
1 129 LEU n 
1 130 LEU n 
1 131 THR n 
1 132 GLU n 
1 133 GLU n 
1 134 LEU n 
1 135 ALA n 
1 136 LYS n 
1 137 SER n 
1 138 GLY n 
1 139 SER n 
1 140 THR n 
# 
_entity_src_gen.entity_id                          1 
_entity_src_gen.pdbx_src_id                        1 
_entity_src_gen.pdbx_alt_source_flag               sample 
_entity_src_gen.pdbx_seq_type                      ? 
_entity_src_gen.pdbx_beg_seq_num                   ? 
_entity_src_gen.pdbx_end_seq_num                   ? 
_entity_src_gen.gene_src_common_name               
;brewer's yeast,lager beer yeast,yeast
;
_entity_src_gen.gene_src_genus                     ? 
_entity_src_gen.pdbx_gene_src_gene                 'ANC1, CST10, SWP29, TAF14, TAF30, TFG3, YPL129W' 
_entity_src_gen.gene_src_species                   ? 
_entity_src_gen.gene_src_strain                    Y5563 
_entity_src_gen.gene_src_tissue                    ? 
_entity_src_gen.gene_src_tissue_fraction           ? 
_entity_src_gen.gene_src_details                   ? 
_entity_src_gen.pdbx_gene_src_fragment             ? 
_entity_src_gen.pdbx_gene_src_scientific_name      'Saccharomyces cerevisiae' 
_entity_src_gen.pdbx_gene_src_ncbi_taxonomy_id     4932 
_entity_src_gen.pdbx_gene_src_variant              ? 
_entity_src_gen.pdbx_gene_src_cell_line            ? 
_entity_src_gen.pdbx_gene_src_atcc                 ? 
_entity_src_gen.pdbx_gene_src_organ                ? 
_entity_src_gen.pdbx_gene_src_organelle            ? 
_entity_src_gen.pdbx_gene_src_cell                 ? 
_entity_src_gen.pdbx_gene_src_cellular_location    ? 
_entity_src_gen.host_org_common_name               ? 
_entity_src_gen.pdbx_host_org_scientific_name      'Escherichia coli' 
_entity_src_gen.pdbx_host_org_ncbi_taxonomy_id     562 
_entity_src_gen.host_org_genus                     ? 
_entity_src_gen.pdbx_host_org_gene                 ? 
_entity_src_gen.pdbx_host_org_organ                ? 
_entity_src_gen.host_org_species                   ? 
_entity_src_gen.pdbx_host_org_tissue               ? 
_entity_src_gen.pdbx_host_org_tissue_fraction      ? 
_entity_src_gen.pdbx_host_org_strain               'C41(DE3)' 
_entity_src_gen.pdbx_host_org_variant              ? 
_entity_src_gen.pdbx_host_org_cell_line            ? 
_entity_src_gen.pdbx_host_org_atcc                 ? 
_entity_src_gen.pdbx_host_org_culture_collection   ? 
_entity_src_gen.pdbx_host_org_cell                 ? 
_entity_src_gen.pdbx_host_org_organelle            ? 
_entity_src_gen.pdbx_host_org_cellular_location    ? 
_entity_src_gen.pdbx_host_org_vector_type          Plasmid 
_entity_src_gen.pdbx_host_org_vector               ? 
_entity_src_gen.host_org_details                   ? 
_entity_src_gen.expression_system_id               ? 
_entity_src_gen.plasmid_name                       pET28a 
_entity_src_gen.plasmid_details                    ? 
_entity_src_gen.pdbx_description                   ? 
# 
loop_
_chem_comp.id 
_chem_comp.type 
_chem_comp.mon_nstd_flag 
_chem_comp.name 
_chem_comp.pdbx_synonyms 
_chem_comp.formula 
_chem_comp.formula_weight 
ALA 'L-peptide linking' y ALANINE              ? 'C3 H7 N O2'     89.093  
ARG 'L-peptide linking' y ARGININE             ? 'C6 H15 N4 O2 1' 175.209 
ASN 'L-peptide linking' y ASPARAGINE           ? 'C4 H8 N2 O3'    132.118 
ASP 'L-peptide linking' y 'ASPARTIC ACID'      ? 'C4 H7 N O4'     133.103 
GLN 'L-peptide linking' y GLUTAMINE            ? 'C5 H10 N2 O3'   146.144 
GLU 'L-peptide linking' y 'GLUTAMIC ACID'      ? 'C5 H9 N O4'     147.129 
GLY 'peptide linking'   y GLYCINE              ? 'C2 H5 N O2'     75.067  
HIS 'L-peptide linking' y HISTIDINE            ? 'C6 H10 N3 O2 1' 156.162 
HOH non-polymer         . WATER                ? 'H2 O'           18.015  
ILE 'L-peptide linking' y ISOLEUCINE           ? 'C6 H13 N O2'    131.173 
LEU 'L-peptide linking' y LEUCINE              ? 'C6 H13 N O2'    131.173 
LYS 'L-peptide linking' y LYSINE               ? 'C6 H15 N2 O2 1' 147.195 
MET 'L-peptide linking' y METHIONINE           ? 'C5 H11 N O2 S'  149.211 
PGE non-polymer         . 'TRIETHYLENE GLYCOL' ? 'C6 H14 O4'      150.173 
PHE 'L-peptide linking' y PHENYLALANINE        ? 'C9 H11 N O2'    165.189 
PRO 'L-peptide linking' y PROLINE              ? 'C5 H9 N O2'     115.130 
SER 'L-peptide linking' y SERINE               ? 'C3 H7 N O3'     105.093 
THR 'L-peptide linking' y THREONINE            ? 'C4 H9 N O3'     119.119 
TRP 'L-peptide linking' y TRYPTOPHAN           ? 'C11 H12 N2 O2'  204.225 
TYR 'L-peptide linking' y TYROSINE             ? 'C9 H11 N O3'    181.189 
VAL 'L-peptide linking' y VALINE               ? 'C5 H11 N O2'    117.146 
# 
loop_
_pdbx_poly_seq_scheme.asym_id 
_pdbx_poly_seq_scheme.entity_id 
_pdbx_poly_seq_scheme.seq_id 
_pdbx_poly_seq_scheme.mon_id 
_pdbx_poly_seq_scheme.ndb_seq_num 
_pdbx_poly_seq_scheme.pdb_seq_num 
_pdbx_poly_seq_scheme.auth_seq_num 
_pdbx_poly_seq_scheme.pdb_mon_id 
_pdbx_poly_seq_scheme.auth_mon_id 
_pdbx_poly_seq_scheme.pdb_strand_id 
_pdbx_poly_seq_scheme.pdb_ins_code 
_pdbx_poly_seq_scheme.hetero 
A 1 1   GLY 1   -2  ?   ?   ?   A . n 
A 1 2   SER 2   -1  ?   ?   ?   A . n 
A 1 3   HIS 3   0   ?   ?   ?   A . n 
A 1 4   MET 4   1   1   MET MET A . n 
A 1 5   VAL 5   2   2   VAL VAL A . n 
A 1 6   ALA 6   3   3   ALA ALA A . n 
A 1 7   THR 7   4   4   THR THR A . n 
A 1 8   VAL 8   5   5   VAL VAL A . n 
A 1 9   LYS 9   6   6   LYS LYS A . n 
A 1 10  ARG 10  7   7   ARG ARG A . n 
A 1 11  THR 11  8   8   THR THR A . n 
A 1 12  ILE 12  9   9   ILE ILE A . n 
A 1 13  ARG 13  10  10  ARG ARG A . n 
A 1 14  ILE 14  11  11  ILE ILE A . n 
A 1 15  LYS 15  12  12  LYS LYS A . n 
A 1 16  THR 16  13  13  THR THR A . n 
A 1 17  GLN 17  14  14  GLN GLN A . n 
A 1 18  GLN 18  15  15  GLN GLN A . n 
A 1 19  HIS 19  16  16  HIS HIS A . n 
A 1 20  ILE 20  17  17  ILE ILE A . n 
A 1 21  LEU 21  18  18  LEU LEU A . n 
A 1 22  PRO 22  19  19  PRO PRO A . n 
A 1 23  GLU 23  20  20  GLU GLU A . n 
A 1 24  VAL 24  21  21  VAL VAL A . n 
A 1 25  PRO 25  22  22  PRO PRO A . n 
A 1 26  PRO 26  23  23  PRO PRO A . n 
A 1 27  VAL 27  24  24  VAL VAL A . n 
A 1 28  GLU 28  25  25  GLU GLU A . n 
A 1 29  ASN 29  26  26  ASN ASN A . n 
A 1 30  PHE 30  27  27  PHE PHE A . n 
A 1 31  PRO 31  28  28  PRO PRO A . n 
A 1 32  VAL 32  29  29  VAL VAL A . n 
A 1 33  ARG 33  30  30  ARG ARG A . n 
A 1 34  GLN 34  31  31  GLN GLN A . n 
A 1 35  TRP 35  32  32  TRP TRP A . n 
A 1 36  SER 36  33  33  SER SER A . n 
A 1 37  ILE 37  34  34  ILE ILE A . n 
A 1 38  GLU 38  35  35  GLU GLU A . n 
A 1 39  ILE 39  36  36  ILE ILE A . n 
A 1 40  VAL 40  37  37  VAL VAL A . n 
A 1 41  LEU 41  38  38  LEU LEU A . n 
A 1 42  LEU 42  39  39  LEU LEU A . n 
A 1 43  ASP 43  40  40  ASP ASP A . n 
A 1 44  ASP 44  41  41  ASP ASP A . n 
A 1 45  GLU 45  42  42  GLU GLU A . n 
A 1 46  GLY 46  43  43  GLY GLY A . n 
A 1 47  LYS 47  44  44  LYS LYS A . n 
A 1 48  GLU 48  45  45  GLU GLU A . n 
A 1 49  ILE 49  46  46  ILE ILE A . n 
A 1 50  PRO 50  47  47  PRO PRO A . n 
A 1 51  ALA 51  48  48  ALA ALA A . n 
A 1 52  THR 52  49  49  THR THR A . n 
A 1 53  ILE 53  50  50  ILE ILE A . n 
A 1 54  PHE 54  51  51  PHE PHE A . n 
A 1 55  ASP 55  52  52  ASP ASP A . n 
A 1 56  LYS 56  53  53  LYS LYS A . n 
A 1 57  VAL 57  54  54  VAL VAL A . n 
A 1 58  ILE 58  55  55  ILE ILE A . n 
A 1 59  TYR 59  56  56  TYR TYR A . n 
A 1 60  HIS 60  57  57  HIS HIS A . n 
A 1 61  LEU 61  58  58  LEU LEU A . n 
A 1 62  HIS 62  59  59  HIS HIS A . n 
A 1 63  PRO 63  60  60  PRO PRO A . n 
A 1 64  THR 64  61  61  THR THR A . n 
A 1 65  PHE 65  62  62  PHE PHE A . n 
A 1 66  ALA 66  63  63  ALA ALA A . n 
A 1 67  ASN 67  64  64  ASN ASN A . n 
A 1 68  PRO 68  65  65  PRO PRO A . n 
A 1 69  ASN 69  66  66  ASN ASN A . n 
A 1 70  ARG 70  67  67  ARG ARG A . n 
A 1 71  THR 71  68  68  THR THR A . n 
A 1 72  PHE 72  69  69  PHE PHE A . n 
A 1 73  THR 73  70  70  THR THR A . n 
A 1 74  ASP 74  71  71  ASP ASP A . n 
A 1 75  PRO 75  72  72  PRO PRO A . n 
A 1 76  PRO 76  73  73  PRO PRO A . n 
A 1 77  PHE 77  74  74  PHE PHE A . n 
A 1 78  ARG 78  75  75  ARG ARG A . n 
A 1 79  ILE 79  76  76  ILE ILE A . n 
A 1 80  GLU 80  77  77  GLU GLU A . n 
A 1 81  GLU 81  78  78  GLU GLU A . n 
A 1 82  GLN 82  79  79  GLN GLN A . n 
A 1 83  GLY 83  80  80  GLY GLY A . n 
A 1 84  TRP 84  81  81  TRP TRP A . n 
A 1 85  GLY 85  82  82  GLY GLY A . n 
A 1 86  GLY 86  83  83  GLY GLY A . n 
A 1 87  PHE 87  84  84  PHE PHE A . n 
A 1 88  PRO 88  85  85  PRO PRO A . n 
A 1 89  LEU 89  86  86  LEU LEU A . n 
A 1 90  ASP 90  87  87  ASP ASP A . n 
A 1 91  ILE 91  88  88  ILE ILE A . n 
A 1 92  SER 92  89  89  SER SER A . n 
A 1 93  VAL 93  90  90  VAL VAL A . n 
A 1 94  PHE 94  91  91  PHE PHE A . n 
A 1 95  LEU 95  92  92  LEU LEU A . n 
A 1 96  LEU 96  93  93  LEU LEU A . n 
A 1 97  GLU 97  94  94  GLU GLU A . n 
A 1 98  LYS 98  95  95  LYS LYS A . n 
A 1 99  ALA 99  96  96  ALA ALA A . n 
A 1 100 GLY 100 97  97  GLY GLY A . n 
A 1 101 GLU 101 98  98  GLU GLU A . n 
A 1 102 ARG 102 99  99  ARG ARG A . n 
A 1 103 LYS 103 100 100 LYS LYS A . n 
A 1 104 ILE 104 101 101 ILE ILE A . n 
A 1 105 PRO 105 102 102 PRO PRO A . n 
A 1 106 HIS 106 103 103 HIS HIS A . n 
A 1 107 ASP 107 104 104 ASP ASP A . n 
A 1 108 LEU 108 105 105 LEU LEU A . n 
A 1 109 ASN 109 106 106 ASN ASN A . n 
A 1 110 PHE 110 107 107 PHE PHE A . n 
A 1 111 LEU 111 108 108 LEU LEU A . n 
A 1 112 GLN 112 109 109 GLN GLN A . n 
A 1 113 GLU 113 110 110 GLU GLU A . n 
A 1 114 SER 114 111 111 SER SER A . n 
A 1 115 TYR 115 112 112 TYR TYR A . n 
A 1 116 GLU 116 113 113 GLU GLU A . n 
A 1 117 VAL 117 114 114 VAL VAL A . n 
A 1 118 GLU 118 115 115 GLU GLU A . n 
A 1 119 HIS 119 116 116 HIS HIS A . n 
A 1 120 VAL 120 117 117 VAL VAL A . n 
A 1 121 ILE 121 118 118 ILE ILE A . n 
A 1 122 GLN 122 119 119 GLN GLN A . n 
A 1 123 ILE 123 120 120 ILE ILE A . n 
A 1 124 PRO 124 121 121 PRO PRO A . n 
A 1 125 LEU 125 122 122 LEU LEU A . n 
A 1 126 ASN 126 123 123 ASN ASN A . n 
A 1 127 LYS 127 124 124 LYS LYS A . n 
A 1 128 PRO 128 125 125 PRO PRO A . n 
A 1 129 LEU 129 126 126 LEU LEU A . n 
A 1 130 LEU 130 127 127 LEU LEU A . n 
A 1 131 THR 131 128 128 THR THR A . n 
A 1 132 GLU 132 129 129 GLU GLU A . n 
A 1 133 GLU 133 130 130 GLU GLU A . n 
A 1 134 LEU 134 131 131 LEU LEU A . n 
A 1 135 ALA 135 132 132 ALA ALA A . n 
A 1 136 LYS 136 133 133 LYS LYS A . n 
A 1 137 SER 137 134 134 SER SER A . n 
A 1 138 GLY 138 135 135 GLY GLY A . n 
A 1 139 SER 139 136 136 SER SER A . n 
A 1 140 THR 140 137 137 THR THR A . n 
# 
loop_
_pdbx_nonpoly_scheme.asym_id 
_pdbx_nonpoly_scheme.entity_id 
_pdbx_nonpoly_scheme.mon_id 
_pdbx_nonpoly_scheme.ndb_seq_num 
_pdbx_nonpoly_scheme.pdb_seq_num 
_pdbx_nonpoly_scheme.auth_seq_num 
_pdbx_nonpoly_scheme.pdb_mon_id 
_pdbx_nonpoly_scheme.auth_mon_id 
_pdbx_nonpoly_scheme.pdb_strand_id 
_pdbx_nonpoly_scheme.pdb_ins_code 
B 2 PGE 1   138 1   PGE PGE A . 
C 3 HOH 1   139 139 HOH HOH A . 
C 3 HOH 2   140 1   HOH HOH A . 
C 3 HOH 3   141 2   HOH HOH A . 
C 3 HOH 4   142 3   HOH HOH A . 
C 3 HOH 5   143 4   HOH HOH A . 
C 3 HOH 6   144 5   HOH HOH A . 
C 3 HOH 7   145 6   HOH HOH A . 
C 3 HOH 8   146 7   HOH HOH A . 
C 3 HOH 9   147 8   HOH HOH A . 
C 3 HOH 10  148 9   HOH HOH A . 
C 3 HOH 11  149 10  HOH HOH A . 
C 3 HOH 12  150 11  HOH HOH A . 
C 3 HOH 13  151 12  HOH HOH A . 
C 3 HOH 14  152 13  HOH HOH A . 
C 3 HOH 15  153 14  HOH HOH A . 
C 3 HOH 16  154 15  HOH HOH A . 
C 3 HOH 17  155 16  HOH HOH A . 
C 3 HOH 18  156 17  HOH HOH A . 
C 3 HOH 19  157 18  HOH HOH A . 
C 3 HOH 20  158 19  HOH HOH A . 
C 3 HOH 21  159 20  HOH HOH A . 
C 3 HOH 22  160 21  HOH HOH A . 
C 3 HOH 23  161 22  HOH HOH A . 
C 3 HOH 24  162 23  HOH HOH A . 
C 3 HOH 25  163 24  HOH HOH A . 
C 3 HOH 26  164 25  HOH HOH A . 
C 3 HOH 27  165 26  HOH HOH A . 
C 3 HOH 28  166 27  HOH HOH A . 
C 3 HOH 29  167 28  HOH HOH A . 
C 3 HOH 30  168 29  HOH HOH A . 
C 3 HOH 31  169 30  HOH HOH A . 
C 3 HOH 32  170 31  HOH HOH A . 
C 3 HOH 33  171 32  HOH HOH A . 
C 3 HOH 34  172 33  HOH HOH A . 
C 3 HOH 35  173 34  HOH HOH A . 
C 3 HOH 36  174 35  HOH HOH A . 
C 3 HOH 37  175 36  HOH HOH A . 
C 3 HOH 38  176 37  HOH HOH A . 
C 3 HOH 39  177 38  HOH HOH A . 
C 3 HOH 40  178 39  HOH HOH A . 
C 3 HOH 41  179 40  HOH HOH A . 
C 3 HOH 42  180 41  HOH HOH A . 
C 3 HOH 43  181 42  HOH HOH A . 
C 3 HOH 44  182 43  HOH HOH A . 
C 3 HOH 45  183 44  HOH HOH A . 
C 3 HOH 46  184 45  HOH HOH A . 
C 3 HOH 47  185 46  HOH HOH A . 
C 3 HOH 48  186 47  HOH HOH A . 
C 3 HOH 49  187 48  HOH HOH A . 
C 3 HOH 50  188 49  HOH HOH A . 
C 3 HOH 51  189 50  HOH HOH A . 
C 3 HOH 52  190 51  HOH HOH A . 
C 3 HOH 53  191 52  HOH HOH A . 
C 3 HOH 54  192 53  HOH HOH A . 
C 3 HOH 55  193 54  HOH HOH A . 
C 3 HOH 56  194 55  HOH HOH A . 
C 3 HOH 57  195 56  HOH HOH A . 
C 3 HOH 58  196 57  HOH HOH A . 
C 3 HOH 59  197 58  HOH HOH A . 
C 3 HOH 60  198 59  HOH HOH A . 
C 3 HOH 61  199 60  HOH HOH A . 
C 3 HOH 62  200 61  HOH HOH A . 
C 3 HOH 63  201 62  HOH HOH A . 
C 3 HOH 64  202 63  HOH HOH A . 
C 3 HOH 65  203 64  HOH HOH A . 
C 3 HOH 66  204 65  HOH HOH A . 
C 3 HOH 67  205 66  HOH HOH A . 
C 3 HOH 68  206 67  HOH HOH A . 
C 3 HOH 69  207 68  HOH HOH A . 
C 3 HOH 70  208 69  HOH HOH A . 
C 3 HOH 71  209 70  HOH HOH A . 
C 3 HOH 72  210 71  HOH HOH A . 
C 3 HOH 73  211 72  HOH HOH A . 
C 3 HOH 74  212 73  HOH HOH A . 
C 3 HOH 75  213 74  HOH HOH A . 
C 3 HOH 76  214 75  HOH HOH A . 
C 3 HOH 77  215 76  HOH HOH A . 
C 3 HOH 78  216 77  HOH HOH A . 
C 3 HOH 79  217 78  HOH HOH A . 
C 3 HOH 80  218 79  HOH HOH A . 
C 3 HOH 81  219 80  HOH HOH A . 
C 3 HOH 82  220 81  HOH HOH A . 
C 3 HOH 83  221 82  HOH HOH A . 
C 3 HOH 84  222 83  HOH HOH A . 
C 3 HOH 85  223 84  HOH HOH A . 
C 3 HOH 86  224 85  HOH HOH A . 
C 3 HOH 87  225 86  HOH HOH A . 
C 3 HOH 88  226 87  HOH HOH A . 
C 3 HOH 89  227 88  HOH HOH A . 
C 3 HOH 90  228 89  HOH HOH A . 
C 3 HOH 91  229 90  HOH HOH A . 
C 3 HOH 92  230 91  HOH HOH A . 
C 3 HOH 93  231 92  HOH HOH A . 
C 3 HOH 94  232 93  HOH HOH A . 
C 3 HOH 95  233 94  HOH HOH A . 
C 3 HOH 96  234 95  HOH HOH A . 
C 3 HOH 97  235 96  HOH HOH A . 
C 3 HOH 98  236 97  HOH HOH A . 
C 3 HOH 99  237 98  HOH HOH A . 
C 3 HOH 100 238 99  HOH HOH A . 
C 3 HOH 101 239 100 HOH HOH A . 
C 3 HOH 102 240 101 HOH HOH A . 
C 3 HOH 103 241 102 HOH HOH A . 
C 3 HOH 104 242 103 HOH HOH A . 
C 3 HOH 105 243 104 HOH HOH A . 
C 3 HOH 106 244 105 HOH HOH A . 
C 3 HOH 107 245 106 HOH HOH A . 
C 3 HOH 108 246 107 HOH HOH A . 
C 3 HOH 109 247 108 HOH HOH A . 
C 3 HOH 110 248 109 HOH HOH A . 
C 3 HOH 111 249 110 HOH HOH A . 
C 3 HOH 112 250 111 HOH HOH A . 
C 3 HOH 113 251 112 HOH HOH A . 
C 3 HOH 114 252 113 HOH HOH A . 
C 3 HOH 115 253 114 HOH HOH A . 
C 3 HOH 116 254 115 HOH HOH A . 
C 3 HOH 117 255 116 HOH HOH A . 
C 3 HOH 118 256 117 HOH HOH A . 
C 3 HOH 119 257 118 HOH HOH A . 
C 3 HOH 120 258 119 HOH HOH A . 
C 3 HOH 121 259 120 HOH HOH A . 
C 3 HOH 122 260 121 HOH HOH A . 
C 3 HOH 123 261 122 HOH HOH A . 
C 3 HOH 124 262 123 HOH HOH A . 
C 3 HOH 125 263 124 HOH HOH A . 
C 3 HOH 126 264 125 HOH HOH A . 
C 3 HOH 127 265 126 HOH HOH A . 
C 3 HOH 128 266 127 HOH HOH A . 
C 3 HOH 129 267 128 HOH HOH A . 
C 3 HOH 130 268 129 HOH HOH A . 
C 3 HOH 131 269 130 HOH HOH A . 
C 3 HOH 132 270 131 HOH HOH A . 
C 3 HOH 133 271 132 HOH HOH A . 
C 3 HOH 134 272 133 HOH HOH A . 
C 3 HOH 135 273 134 HOH HOH A . 
C 3 HOH 136 274 135 HOH HOH A . 
C 3 HOH 137 275 136 HOH HOH A . 
C 3 HOH 138 276 137 HOH HOH A . 
C 3 HOH 139 277 138 HOH HOH A . 
# 
loop_
_software.name 
_software.classification 
_software.version 
_software.citation_id 
_software.pdbx_ordinal 
XDS       'data scaling'   .        ? 1 
autoSHARP phasing          .        ? 2 
REFMAC    refinement       5.5.0109 ? 3 
XDS       'data reduction' .        ? 4 
# 
_cell.entry_id           3QRL 
_cell.length_a           113.019 
_cell.length_b           113.019 
_cell.length_c           26.329 
_cell.angle_alpha        90.00 
_cell.angle_beta         90.00 
_cell.angle_gamma        120.00 
_cell.Z_PDB              6 
_cell.pdbx_unique_axis   ? 
_cell.length_a_esd       ? 
_cell.length_b_esd       ? 
_cell.length_c_esd       ? 
_cell.angle_alpha_esd    ? 
_cell.angle_beta_esd     ? 
_cell.angle_gamma_esd    ? 
# 
_symmetry.entry_id                         3QRL 
_symmetry.space_group_name_H-M             'P 65' 
_symmetry.pdbx_full_space_group_name_H-M   ? 
_symmetry.cell_setting                     ? 
_symmetry.Int_Tables_number                170 
_symmetry.space_group_name_Hall            ? 
# 
_exptl.entry_id          3QRL 
_exptl.method            'X-RAY DIFFRACTION' 
_exptl.crystals_number   1 
# 
_exptl_crystal.id                    1 
_exptl_crystal.density_meas          ? 
_exptl_crystal.density_Matthews      3.02 
_exptl_crystal.density_percent_sol   59.33 
_exptl_crystal.description           ? 
_exptl_crystal.F_000                 ? 
_exptl_crystal.preparation           ? 
# 
_exptl_crystal_grow.crystal_id      1 
_exptl_crystal_grow.method          'VAPOR DIFFUSION, SITTING DROP' 
_exptl_crystal_grow.temp            298 
_exptl_crystal_grow.temp_details    ? 
_exptl_crystal_grow.pH              5.5 
_exptl_crystal_grow.pdbx_details    
'42.5% (v/v) PEG-600, 100 mM Sodium Citrate pH 5.5, VAPOR DIFFUSION, SITTING DROP, temperature 298K' 
_exptl_crystal_grow.pdbx_pH_range   ? 
# 
_diffrn.id                     1 
_diffrn.ambient_temp           100 
_diffrn.ambient_temp_details   ? 
_diffrn.crystal_id             1 
# 
_diffrn_detector.diffrn_id              1 
_diffrn_detector.detector               CCD 
_diffrn_detector.type                   'ADSC QUANTUM 210' 
_diffrn_detector.pdbx_collection_date   2009-05-01 
_diffrn_detector.details                Mirrors 
# 
_diffrn_radiation.diffrn_id                        1 
_diffrn_radiation.wavelength_id                    1 
_diffrn_radiation.pdbx_monochromatic_or_laue_m_l   M 
_diffrn_radiation.monochromator                    Diamond 
_diffrn_radiation.pdbx_diffrn_protocol             'SINGLE WAVELENGTH' 
_diffrn_radiation.pdbx_scattering_type             x-ray 
# 
_diffrn_radiation_wavelength.id           1 
_diffrn_radiation_wavelength.wavelength   0.93 
_diffrn_radiation_wavelength.wt           1.0 
# 
_diffrn_source.diffrn_id                   1 
_diffrn_source.source                      SYNCHROTRON 
_diffrn_source.type                        'ESRF BEAMLINE ID14-1' 
_diffrn_source.pdbx_synchrotron_site       ESRF 
_diffrn_source.pdbx_synchrotron_beamline   ID14-1 
_diffrn_source.pdbx_wavelength             ? 
_diffrn_source.pdbx_wavelength_list        0.93 
# 
_reflns.entry_id                     3QRL 
_reflns.observed_criterion_sigma_I   ? 
_reflns.observed_criterion_sigma_F   ? 
_reflns.d_resolution_low             32.626 
_reflns.d_resolution_high            1.7 
_reflns.number_obs                   21602 
_reflns.number_all                   ? 
_reflns.percent_possible_obs         99.6 
_reflns.pdbx_Rmerge_I_obs            0.032 
_reflns.pdbx_Rsym_value              0.032 
_reflns.pdbx_netI_over_sigmaI        24.3 
_reflns.B_iso_Wilson_estimate        25.7 
_reflns.pdbx_redundancy              5.4 
_reflns.R_free_details               ? 
_reflns.limit_h_max                  ? 
_reflns.limit_h_min                  ? 
_reflns.limit_k_max                  ? 
_reflns.limit_k_min                  ? 
_reflns.limit_l_max                  ? 
_reflns.limit_l_min                  ? 
_reflns.observed_criterion_F_max     ? 
_reflns.observed_criterion_F_min     ? 
_reflns.pdbx_chi_squared             ? 
_reflns.pdbx_scaling_rejects         ? 
_reflns.pdbx_ordinal                 1 
_reflns.pdbx_diffrn_id               1 
# 
_reflns_shell.d_res_high             1.7 
_reflns_shell.d_res_low              1.79 
_reflns_shell.percent_possible_all   99.9 
_reflns_shell.Rmerge_I_obs           0.408 
_reflns_shell.pdbx_Rsym_value        0.408 
_reflns_shell.meanI_over_sigI_obs    3.4 
_reflns_shell.pdbx_redundancy        5.5 
_reflns_shell.percent_possible_obs   ? 
_reflns_shell.number_unique_all      3130 
_reflns_shell.number_measured_all    ? 
_reflns_shell.number_measured_obs    ? 
_reflns_shell.number_unique_obs      ? 
_reflns_shell.pdbx_chi_squared       ? 
_reflns_shell.pdbx_ordinal           1 
_reflns_shell.pdbx_diffrn_id         1 
# 
_refine.entry_id                                 3QRL 
_refine.ls_number_reflns_obs                     20494 
_refine.ls_number_reflns_all                     ? 
_refine.pdbx_ls_sigma_I                          ? 
_refine.pdbx_ls_sigma_F                          . 
_refine.pdbx_data_cutoff_high_absF               ? 
_refine.pdbx_data_cutoff_low_absF                ? 
_refine.pdbx_data_cutoff_high_rms_absF           ? 
_refine.ls_d_res_low                             32.626 
_refine.ls_d_res_high                            1.70 
_refine.ls_percent_reflns_obs                    99.48 
_refine.ls_R_factor_obs                          0.18988 
_refine.ls_R_factor_all                          ? 
_refine.ls_R_factor_R_work                       0.18757 
_refine.ls_R_factor_R_free                       0.23508 
_refine.ls_R_factor_R_free_error                 ? 
_refine.ls_R_factor_R_free_error_details         ? 
_refine.ls_percent_reflns_R_free                 5.1 
_refine.ls_number_reflns_R_free                  1104 
_refine.ls_number_parameters                     ? 
_refine.ls_number_restraints                     ? 
_refine.occupancy_min                            ? 
_refine.occupancy_max                            ? 
_refine.correlation_coeff_Fo_to_Fc               0.965 
_refine.correlation_coeff_Fo_to_Fc_free          0.943 
_refine.B_iso_mean                               21.688 
_refine.aniso_B[1][1]                            -1.96 
_refine.aniso_B[2][2]                            -1.96 
_refine.aniso_B[3][3]                            2.94 
_refine.aniso_B[1][2]                            -0.98 
_refine.aniso_B[1][3]                            0.00 
_refine.aniso_B[2][3]                            0.00 
_refine.solvent_model_details                    MASK 
_refine.solvent_model_param_ksol                 ? 
_refine.solvent_model_param_bsol                 ? 
_refine.pdbx_solvent_vdw_probe_radii             1.40 
_refine.pdbx_solvent_ion_probe_radii             0.80 
_refine.pdbx_solvent_shrinkage_radii             0.80 
_refine.pdbx_ls_cross_valid_method               THROUGHOUT 
_refine.details                                  'HYDROGENS HAVE BEEN ADDED IN THE RIDING POSITIONS' 
_refine.pdbx_starting_model                      ? 
_refine.pdbx_method_to_determine_struct          SAD 
_refine.pdbx_isotropic_thermal_model             isotropic 
_refine.pdbx_stereochemistry_target_values       'MAXIMUM LIKELIHOOD' 
_refine.pdbx_stereochem_target_val_spec_case     ? 
_refine.pdbx_R_Free_selection_details            RANDOM 
_refine.pdbx_overall_ESU_R_Free                  0.102 
_refine.overall_SU_ML                            0.076 
_refine.overall_SU_B                             5.360 
_refine.overall_SU_R_Cruickshank_DPI             ? 
_refine.ls_redundancy_reflns_obs                 ? 
_refine.B_iso_min                                ? 
_refine.B_iso_max                                ? 
_refine.overall_SU_R_free                        ? 
_refine.ls_wR_factor_R_free                      ? 
_refine.ls_wR_factor_R_work                      ? 
_refine.overall_FOM_free_R_set                   ? 
_refine.overall_FOM_work_R_set                   ? 
_refine.pdbx_overall_phase_error                 ? 
_refine.pdbx_refine_id                           'X-RAY DIFFRACTION' 
_refine.pdbx_overall_ESU_R                       0.094 
_refine.pdbx_diffrn_id                           1 
_refine.pdbx_TLS_residual_ADP_flag               ? 
_refine.pdbx_overall_SU_R_free_Cruickshank_DPI   ? 
_refine.pdbx_overall_SU_R_Blow_DPI               ? 
_refine.pdbx_overall_SU_R_free_Blow_DPI          ? 
# 
_refine_hist.pdbx_refine_id                   'X-RAY DIFFRACTION' 
_refine_hist.cycle_id                         LAST 
_refine_hist.pdbx_number_atoms_protein        1116 
_refine_hist.pdbx_number_atoms_nucleic_acid   0 
_refine_hist.pdbx_number_atoms_ligand         10 
_refine_hist.number_atoms_solvent             139 
_refine_hist.number_atoms_total               1265 
_refine_hist.d_res_high                       1.70 
_refine_hist.d_res_low                        32.626 
# 
loop_
_refine_ls_restr.type 
_refine_ls_restr.dev_ideal 
_refine_ls_restr.dev_ideal_target 
_refine_ls_restr.weight 
_refine_ls_restr.number 
_refine_ls_restr.pdbx_refine_id 
_refine_ls_restr.pdbx_restraint_function 
r_bond_refined_d       0.011  0.022  ? 1178 'X-RAY DIFFRACTION' ? 
r_angle_refined_deg    1.516  1.979  ? 1606 'X-RAY DIFFRACTION' ? 
r_dihedral_angle_1_deg 6.802  5.000  ? 142  'X-RAY DIFFRACTION' ? 
r_dihedral_angle_2_deg 35.478 24.464 ? 56   'X-RAY DIFFRACTION' ? 
r_dihedral_angle_3_deg 16.326 15.000 ? 204  'X-RAY DIFFRACTION' ? 
r_dihedral_angle_4_deg 16.687 15.000 ? 7    'X-RAY DIFFRACTION' ? 
r_chiral_restr         0.127  0.200  ? 180  'X-RAY DIFFRACTION' ? 
r_gen_planes_refined   0.021  0.022  ? 897  'X-RAY DIFFRACTION' ? 
r_mcbond_it            2.191  1.500  ? 701  'X-RAY DIFFRACTION' ? 
r_mcangle_it           3.393  2.000  ? 1162 'X-RAY DIFFRACTION' ? 
r_scbond_it            4.928  3.000  ? 477  'X-RAY DIFFRACTION' ? 
r_scangle_it           8.091  4.500  ? 441  'X-RAY DIFFRACTION' ? 
# 
_refine_ls_shell.pdbx_total_number_of_bins_used   20 
_refine_ls_shell.d_res_high                       1.700 
_refine_ls_shell.d_res_low                        1.744 
_refine_ls_shell.number_reflns_R_work             1514 
_refine_ls_shell.R_factor_R_work                  0.346 
_refine_ls_shell.percent_reflns_obs               99.94 
_refine_ls_shell.R_factor_R_free                  0.346 
_refine_ls_shell.R_factor_R_free_error            ? 
_refine_ls_shell.percent_reflns_R_free            ? 
_refine_ls_shell.number_reflns_R_free             74 
_refine_ls_shell.number_reflns_all                ? 
_refine_ls_shell.R_factor_all                     ? 
_refine_ls_shell.number_reflns_obs                1514 
_refine_ls_shell.redundancy_reflns_obs            ? 
_refine_ls_shell.pdbx_refine_id                   'X-RAY DIFFRACTION' 
# 
_struct.entry_id                  3QRL 
_struct.title                     'Crystal Structure of the Taf14 YEATS domain' 
_struct.pdbx_model_details        ? 
_struct.pdbx_CASP_flag            N 
_struct.pdbx_model_type_details   ? 
# 
_struct_keywords.entry_id        3QRL 
_struct_keywords.pdbx_keywords   'NUCLEAR PROTEIN' 
_struct_keywords.text            'YEATS domain, Ig fold, Nucleus, NUCLEAR PROTEIN' 
# 
loop_
_struct_asym.id 
_struct_asym.pdbx_blank_PDB_chainid_flag 
_struct_asym.pdbx_modified 
_struct_asym.entity_id 
_struct_asym.details 
A N N 1 ? 
B N N 2 ? 
C N N 3 ? 
# 
_struct_ref.id                         1 
_struct_ref.db_name                    UNP 
_struct_ref.db_code                    TAF14_YEAST 
_struct_ref.pdbx_db_accession          P35189 
_struct_ref.entity_id                  1 
_struct_ref.pdbx_seq_one_letter_code   
;MVATVKRTIRIKTQQHILPEVPPVENFPVRQWSIEIVLLDDEGKEIPATIFDKVIYHLHPTFANPNRTFTDPPFRIEEQG
WGGFPLDISVFLLEKAGERKIPHDLNFLQESYEVEHVIQIPLNKPLLTEELAKSGST
;
_struct_ref.pdbx_align_begin           1 
_struct_ref.pdbx_db_isoform            ? 
# 
_struct_ref_seq.align_id                      1 
_struct_ref_seq.ref_id                        1 
_struct_ref_seq.pdbx_PDB_id_code              3QRL 
_struct_ref_seq.pdbx_strand_id                A 
_struct_ref_seq.seq_align_beg                 4 
_struct_ref_seq.pdbx_seq_align_beg_ins_code   ? 
_struct_ref_seq.seq_align_end                 140 
_struct_ref_seq.pdbx_seq_align_end_ins_code   ? 
_struct_ref_seq.pdbx_db_accession             P35189 
_struct_ref_seq.db_align_beg                  1 
_struct_ref_seq.pdbx_db_align_beg_ins_code    ? 
_struct_ref_seq.db_align_end                  137 
_struct_ref_seq.pdbx_db_align_end_ins_code    ? 
_struct_ref_seq.pdbx_auth_seq_align_beg       1 
_struct_ref_seq.pdbx_auth_seq_align_end       137 
# 
loop_
_struct_ref_seq_dif.align_id 
_struct_ref_seq_dif.pdbx_pdb_id_code 
_struct_ref_seq_dif.mon_id 
_struct_ref_seq_dif.pdbx_pdb_strand_id 
_struct_ref_seq_dif.seq_num 
_struct_ref_seq_dif.pdbx_pdb_ins_code 
_struct_ref_seq_dif.pdbx_seq_db_name 
_struct_ref_seq_dif.pdbx_seq_db_accession_code 
_struct_ref_seq_dif.db_mon_id 
_struct_ref_seq_dif.pdbx_seq_db_seq_num 
_struct_ref_seq_dif.details 
_struct_ref_seq_dif.pdbx_auth_seq_num 
_struct_ref_seq_dif.pdbx_ordinal 
1 3QRL GLY A 1 ? UNP P35189 ? ? 'expression tag' -2 1 
1 3QRL SER A 2 ? UNP P35189 ? ? 'expression tag' -1 2 
1 3QRL HIS A 3 ? UNP P35189 ? ? 'expression tag' 0  3 
# 
_pdbx_struct_assembly.id                   1 
_pdbx_struct_assembly.details              author_and_software_defined_assembly 
_pdbx_struct_assembly.method_details       PISA 
_pdbx_struct_assembly.oligomeric_details   monomeric 
_pdbx_struct_assembly.oligomeric_count     1 
# 
_pdbx_struct_assembly_gen.assembly_id       1 
_pdbx_struct_assembly_gen.oper_expression   1 
_pdbx_struct_assembly_gen.asym_id_list      A,B,C 
# 
_pdbx_struct_oper_list.id                   1 
_pdbx_struct_oper_list.type                 'identity operation' 
_pdbx_struct_oper_list.name                 1_555 
_pdbx_struct_oper_list.symmetry_operation   x,y,z 
_pdbx_struct_oper_list.matrix[1][1]         1.0000000000 
_pdbx_struct_oper_list.matrix[1][2]         0.0000000000 
_pdbx_struct_oper_list.matrix[1][3]         0.0000000000 
_pdbx_struct_oper_list.vector[1]            0.0000000000 
_pdbx_struct_oper_list.matrix[2][1]         0.0000000000 
_pdbx_struct_oper_list.matrix[2][2]         1.0000000000 
_pdbx_struct_oper_list.matrix[2][3]         0.0000000000 
_pdbx_struct_oper_list.vector[2]            0.0000000000 
_pdbx_struct_oper_list.matrix[3][1]         0.0000000000 
_pdbx_struct_oper_list.matrix[3][2]         0.0000000000 
_pdbx_struct_oper_list.matrix[3][3]         1.0000000000 
_pdbx_struct_oper_list.vector[3]            0.0000000000 
# 
_struct_biol.id        1 
_struct_biol.details   ? 
# 
loop_
_struct_conf.conf_type_id 
_struct_conf.id 
_struct_conf.pdbx_PDB_helix_id 
_struct_conf.beg_label_comp_id 
_struct_conf.beg_label_asym_id 
_struct_conf.beg_label_seq_id 
_struct_conf.pdbx_beg_PDB_ins_code 
_struct_conf.end_label_comp_id 
_struct_conf.end_label_asym_id 
_struct_conf.end_label_seq_id 
_struct_conf.pdbx_end_PDB_ins_code 
_struct_conf.beg_auth_comp_id 
_struct_conf.beg_auth_asym_id 
_struct_conf.beg_auth_seq_id 
_struct_conf.end_auth_comp_id 
_struct_conf.end_auth_asym_id 
_struct_conf.end_auth_seq_id 
_struct_conf.pdbx_PDB_helix_class 
_struct_conf.details 
_struct_conf.pdbx_PDB_helix_length 
HELX_P HELX_P1 1 GLU A 97  ? ALA A 99  ? GLU A 94  ALA A 96  5 ? 3 
HELX_P HELX_P2 2 LYS A 127 ? ALA A 135 ? LYS A 124 ALA A 132 1 ? 9 
# 
_struct_conf_type.id          HELX_P 
_struct_conf_type.criteria    ? 
_struct_conf_type.reference   ? 
# 
_struct_mon_prot_cis.pdbx_id                1 
_struct_mon_prot_cis.label_comp_id          PRO 
_struct_mon_prot_cis.label_seq_id           75 
_struct_mon_prot_cis.label_asym_id          A 
_struct_mon_prot_cis.label_alt_id           . 
_struct_mon_prot_cis.pdbx_PDB_ins_code      ? 
_struct_mon_prot_cis.auth_comp_id           PRO 
_struct_mon_prot_cis.auth_seq_id            72 
_struct_mon_prot_cis.auth_asym_id           A 
_struct_mon_prot_cis.pdbx_label_comp_id_2   PRO 
_struct_mon_prot_cis.pdbx_label_seq_id_2    76 
_struct_mon_prot_cis.pdbx_label_asym_id_2   A 
_struct_mon_prot_cis.pdbx_PDB_ins_code_2    ? 
_struct_mon_prot_cis.pdbx_auth_comp_id_2    PRO 
_struct_mon_prot_cis.pdbx_auth_seq_id_2     73 
_struct_mon_prot_cis.pdbx_auth_asym_id_2    A 
_struct_mon_prot_cis.pdbx_PDB_model_num     1 
_struct_mon_prot_cis.pdbx_omega_angle       3.60 
# 
loop_
_struct_sheet.id 
_struct_sheet.type 
_struct_sheet.number_strands 
_struct_sheet.details 
A ? 3 ? 
B ? 4 ? 
C ? 4 ? 
# 
loop_
_struct_sheet_order.sheet_id 
_struct_sheet_order.range_id_1 
_struct_sheet_order.range_id_2 
_struct_sheet_order.offset 
_struct_sheet_order.sense 
A 1 2 ? anti-parallel 
A 2 3 ? anti-parallel 
B 1 2 ? anti-parallel 
B 2 3 ? anti-parallel 
B 3 4 ? anti-parallel 
C 1 2 ? anti-parallel 
C 2 3 ? anti-parallel 
C 3 4 ? anti-parallel 
# 
loop_
_struct_sheet_range.sheet_id 
_struct_sheet_range.id 
_struct_sheet_range.beg_label_comp_id 
_struct_sheet_range.beg_label_asym_id 
_struct_sheet_range.beg_label_seq_id 
_struct_sheet_range.pdbx_beg_PDB_ins_code 
_struct_sheet_range.end_label_comp_id 
_struct_sheet_range.end_label_asym_id 
_struct_sheet_range.end_label_seq_id 
_struct_sheet_range.pdbx_end_PDB_ins_code 
_struct_sheet_range.beg_auth_comp_id 
_struct_sheet_range.beg_auth_asym_id 
_struct_sheet_range.beg_auth_seq_id 
_struct_sheet_range.end_auth_comp_id 
_struct_sheet_range.end_auth_asym_id 
_struct_sheet_range.end_auth_seq_id 
A 1 GLU A 48  ? ILE A 49  ? GLU A 45  ILE A 46  
A 2 ARG A 33  ? LEU A 42  ? ARG A 30  LEU A 39  
A 3 ILE A 79  ? GLY A 83  ? ILE A 76  GLY A 80  
B 1 GLU A 48  ? ILE A 49  ? GLU A 45  ILE A 46  
B 2 ARG A 33  ? LEU A 42  ? ARG A 30  LEU A 39  
B 3 THR A 7   ? ILE A 20  ? THR A 4   ILE A 17  
B 4 SER A 114 ? PRO A 124 ? SER A 111 PRO A 121 
C 1 ASN A 69  ? PHE A 72  ? ASN A 66  PHE A 69  
C 2 PHE A 54  ? HIS A 60  ? PHE A 51  HIS A 57  
C 3 LEU A 89  ? LEU A 95  ? LEU A 86  LEU A 92  
C 4 GLY A 100 ? HIS A 106 ? GLY A 97  HIS A 103 
# 
loop_
_pdbx_struct_sheet_hbond.sheet_id 
_pdbx_struct_sheet_hbond.range_id_1 
_pdbx_struct_sheet_hbond.range_id_2 
_pdbx_struct_sheet_hbond.range_1_label_atom_id 
_pdbx_struct_sheet_hbond.range_1_label_comp_id 
_pdbx_struct_sheet_hbond.range_1_label_asym_id 
_pdbx_struct_sheet_hbond.range_1_label_seq_id 
_pdbx_struct_sheet_hbond.range_1_PDB_ins_code 
_pdbx_struct_sheet_hbond.range_1_auth_atom_id 
_pdbx_struct_sheet_hbond.range_1_auth_comp_id 
_pdbx_struct_sheet_hbond.range_1_auth_asym_id 
_pdbx_struct_sheet_hbond.range_1_auth_seq_id 
_pdbx_struct_sheet_hbond.range_2_label_atom_id 
_pdbx_struct_sheet_hbond.range_2_label_comp_id 
_pdbx_struct_sheet_hbond.range_2_label_asym_id 
_pdbx_struct_sheet_hbond.range_2_label_seq_id 
_pdbx_struct_sheet_hbond.range_2_PDB_ins_code 
_pdbx_struct_sheet_hbond.range_2_auth_atom_id 
_pdbx_struct_sheet_hbond.range_2_auth_comp_id 
_pdbx_struct_sheet_hbond.range_2_auth_asym_id 
_pdbx_struct_sheet_hbond.range_2_auth_seq_id 
A 1 2 O ILE A 49 ? O ILE A 46 N LEU A 41  ? N LEU A 38  
A 2 3 N ARG A 33 ? N ARG A 30 O GLY A 83  ? O GLY A 80  
B 1 2 O ILE A 49 ? O ILE A 46 N LEU A 41  ? N LEU A 38  
B 2 3 O GLU A 38 ? O GLU A 35 N LYS A 15  ? N LYS A 12  
B 3 4 N ILE A 12 ? N ILE A 9  O HIS A 119 ? O HIS A 116 
C 1 2 O ARG A 70 ? O ARG A 67 N TYR A 59  ? N TYR A 56  
C 2 3 N HIS A 60 ? N HIS A 57 O ASP A 90  ? O ASP A 87  
C 3 4 N VAL A 93 ? N VAL A 90 O ARG A 102 ? O ARG A 99  
# 
_struct_site.id                   AC1 
_struct_site.pdbx_evidence_code   Software 
_struct_site.pdbx_auth_asym_id    A 
_struct_site.pdbx_auth_comp_id    PGE 
_struct_site.pdbx_auth_seq_id     138 
_struct_site.pdbx_auth_ins_code   ? 
_struct_site.pdbx_num_residues    7 
_struct_site.details              'BINDING SITE FOR RESIDUE PGE A 138' 
# 
loop_
_struct_site_gen.id 
_struct_site_gen.site_id 
_struct_site_gen.pdbx_num_res 
_struct_site_gen.label_comp_id 
_struct_site_gen.label_asym_id 
_struct_site_gen.label_seq_id 
_struct_site_gen.pdbx_auth_ins_code 
_struct_site_gen.auth_comp_id 
_struct_site_gen.auth_asym_id 
_struct_site_gen.auth_seq_id 
_struct_site_gen.label_atom_id 
_struct_site_gen.label_alt_id 
_struct_site_gen.symmetry 
_struct_site_gen.details 
1 AC1 7 THR A 64 ? THR A 61  . ? 1_555 ? 
2 AC1 7 PHE A 65 ? PHE A 62  . ? 1_555 ? 
3 AC1 7 GLY A 83 ? GLY A 80  . ? 1_555 ? 
4 AC1 7 TRP A 84 ? TRP A 81  . ? 1_555 ? 
5 AC1 7 GLY A 85 ? GLY A 82  . ? 1_555 ? 
6 AC1 7 PHE A 87 ? PHE A 84  . ? 1_555 ? 
7 AC1 7 HOH C .  ? HOH A 241 . ? 1_555 ? 
# 
_pdbx_validate_torsion.id              1 
_pdbx_validate_torsion.PDB_model_num   1 
_pdbx_validate_torsion.auth_comp_id    ASN 
_pdbx_validate_torsion.auth_asym_id    A 
_pdbx_validate_torsion.auth_seq_id     26 
_pdbx_validate_torsion.PDB_ins_code    ? 
_pdbx_validate_torsion.label_alt_id    ? 
_pdbx_validate_torsion.phi             72.46 
_pdbx_validate_torsion.psi             -4.31 
# 
_pdbx_refine_tls.pdbx_refine_id   'X-RAY DIFFRACTION' 
_pdbx_refine_tls.id               1 
_pdbx_refine_tls.details          ? 
_pdbx_refine_tls.method           refined 
_pdbx_refine_tls.origin_x         -0.2092 
_pdbx_refine_tls.origin_y         0.1905 
_pdbx_refine_tls.origin_z         -0.0176 
_pdbx_refine_tls.T[1][1]          0.0592 
_pdbx_refine_tls.T[2][2]          0.1018 
_pdbx_refine_tls.T[3][3]          0.1269 
_pdbx_refine_tls.T[1][2]          -0.0024 
_pdbx_refine_tls.T[1][3]          0.0386 
_pdbx_refine_tls.T[2][3]          -0.0155 
_pdbx_refine_tls.L[1][1]          4.9664 
_pdbx_refine_tls.L[2][2]          1.3960 
_pdbx_refine_tls.L[3][3]          0.5285 
_pdbx_refine_tls.L[1][2]          1.5710 
_pdbx_refine_tls.L[1][3]          1.2612 
_pdbx_refine_tls.L[2][3]          0.1188 
_pdbx_refine_tls.S[1][1]          0.0004 
_pdbx_refine_tls.S[1][2]          -0.1567 
_pdbx_refine_tls.S[1][3]          -0.3494 
_pdbx_refine_tls.S[2][1]          0.0541 
_pdbx_refine_tls.S[2][2]          0.0511 
_pdbx_refine_tls.S[2][3]          -0.0246 
_pdbx_refine_tls.S[3][1]          0.0556 
_pdbx_refine_tls.S[3][2]          -0.0512 
_pdbx_refine_tls.S[3][3]          -0.0515 
# 
_pdbx_refine_tls_group.pdbx_refine_id      'X-RAY DIFFRACTION' 
_pdbx_refine_tls_group.id                  1 
_pdbx_refine_tls_group.refine_tls_id       1 
_pdbx_refine_tls_group.beg_auth_asym_id    A 
_pdbx_refine_tls_group.beg_auth_seq_id     1 
_pdbx_refine_tls_group.beg_label_asym_id   ? 
_pdbx_refine_tls_group.beg_label_seq_id    ? 
_pdbx_refine_tls_group.end_auth_asym_id    A 
_pdbx_refine_tls_group.end_auth_seq_id     137 
_pdbx_refine_tls_group.end_label_asym_id   ? 
_pdbx_refine_tls_group.end_label_seq_id    ? 
_pdbx_refine_tls_group.selection           ? 
_pdbx_refine_tls_group.selection_details   ? 
# 
loop_
_pdbx_unobs_or_zero_occ_residues.id 
_pdbx_unobs_or_zero_occ_residues.PDB_model_num 
_pdbx_unobs_or_zero_occ_residues.polymer_flag 
_pdbx_unobs_or_zero_occ_residues.occupancy_flag 
_pdbx_unobs_or_zero_occ_residues.auth_asym_id 
_pdbx_unobs_or_zero_occ_residues.auth_comp_id 
_pdbx_unobs_or_zero_occ_residues.auth_seq_id 
_pdbx_unobs_or_zero_occ_residues.PDB_ins_code 
_pdbx_unobs_or_zero_occ_residues.label_asym_id 
_pdbx_unobs_or_zero_occ_residues.label_comp_id 
_pdbx_unobs_or_zero_occ_residues.label_seq_id 
1 1 Y 1 A GLY -2 ? A GLY 1 
2 1 Y 1 A SER -1 ? A SER 2 
3 1 Y 1 A HIS 0  ? A HIS 3 
# 
loop_
_chem_comp_atom.comp_id 
_chem_comp_atom.atom_id 
_chem_comp_atom.type_symbol 
_chem_comp_atom.pdbx_aromatic_flag 
_chem_comp_atom.pdbx_stereo_config 
_chem_comp_atom.pdbx_ordinal 
ALA N    N N N 1   
ALA CA   C N S 2   
ALA C    C N N 3   
ALA O    O N N 4   
ALA CB   C N N 5   
ALA OXT  O N N 6   
ALA H    H N N 7   
ALA H2   H N N 8   
ALA HA   H N N 9   
ALA HB1  H N N 10  
ALA HB2  H N N 11  
ALA HB3  H N N 12  
ALA HXT  H N N 13  
ARG N    N N N 14  
ARG CA   C N S 15  
ARG C    C N N 16  
ARG O    O N N 17  
ARG CB   C N N 18  
ARG CG   C N N 19  
ARG CD   C N N 20  
ARG NE   N N N 21  
ARG CZ   C N N 22  
ARG NH1  N N N 23  
ARG NH2  N N N 24  
ARG OXT  O N N 25  
ARG H    H N N 26  
ARG H2   H N N 27  
ARG HA   H N N 28  
ARG HB2  H N N 29  
ARG HB3  H N N 30  
ARG HG2  H N N 31  
ARG HG3  H N N 32  
ARG HD2  H N N 33  
ARG HD3  H N N 34  
ARG HE   H N N 35  
ARG HH11 H N N 36  
ARG HH12 H N N 37  
ARG HH21 H N N 38  
ARG HH22 H N N 39  
ARG HXT  H N N 40  
ASN N    N N N 41  
ASN CA   C N S 42  
ASN C    C N N 43  
ASN O    O N N 44  
ASN CB   C N N 45  
ASN CG   C N N 46  
ASN OD1  O N N 47  
ASN ND2  N N N 48  
ASN OXT  O N N 49  
ASN H    H N N 50  
ASN H2   H N N 51  
ASN HA   H N N 52  
ASN HB2  H N N 53  
ASN HB3  H N N 54  
ASN HD21 H N N 55  
ASN HD22 H N N 56  
ASN HXT  H N N 57  
ASP N    N N N 58  
ASP CA   C N S 59  
ASP C    C N N 60  
ASP O    O N N 61  
ASP CB   C N N 62  
ASP CG   C N N 63  
ASP OD1  O N N 64  
ASP OD2  O N N 65  
ASP OXT  O N N 66  
ASP H    H N N 67  
ASP H2   H N N 68  
ASP HA   H N N 69  
ASP HB2  H N N 70  
ASP HB3  H N N 71  
ASP HD2  H N N 72  
ASP HXT  H N N 73  
GLN N    N N N 74  
GLN CA   C N S 75  
GLN C    C N N 76  
GLN O    O N N 77  
GLN CB   C N N 78  
GLN CG   C N N 79  
GLN CD   C N N 80  
GLN OE1  O N N 81  
GLN NE2  N N N 82  
GLN OXT  O N N 83  
GLN H    H N N 84  
GLN H2   H N N 85  
GLN HA   H N N 86  
GLN HB2  H N N 87  
GLN HB3  H N N 88  
GLN HG2  H N N 89  
GLN HG3  H N N 90  
GLN HE21 H N N 91  
GLN HE22 H N N 92  
GLN HXT  H N N 93  
GLU N    N N N 94  
GLU CA   C N S 95  
GLU C    C N N 96  
GLU O    O N N 97  
GLU CB   C N N 98  
GLU CG   C N N 99  
GLU CD   C N N 100 
GLU OE1  O N N 101 
GLU OE2  O N N 102 
GLU OXT  O N N 103 
GLU H    H N N 104 
GLU H2   H N N 105 
GLU HA   H N N 106 
GLU HB2  H N N 107 
GLU HB3  H N N 108 
GLU HG2  H N N 109 
GLU HG3  H N N 110 
GLU HE2  H N N 111 
GLU HXT  H N N 112 
GLY N    N N N 113 
GLY CA   C N N 114 
GLY C    C N N 115 
GLY O    O N N 116 
GLY OXT  O N N 117 
GLY H    H N N 118 
GLY H2   H N N 119 
GLY HA2  H N N 120 
GLY HA3  H N N 121 
GLY HXT  H N N 122 
HIS N    N N N 123 
HIS CA   C N S 124 
HIS C    C N N 125 
HIS O    O N N 126 
HIS CB   C N N 127 
HIS CG   C Y N 128 
HIS ND1  N Y N 129 
HIS CD2  C Y N 130 
HIS CE1  C Y N 131 
HIS NE2  N Y N 132 
HIS OXT  O N N 133 
HIS H    H N N 134 
HIS H2   H N N 135 
HIS HA   H N N 136 
HIS HB2  H N N 137 
HIS HB3  H N N 138 
HIS HD1  H N N 139 
HIS HD2  H N N 140 
HIS HE1  H N N 141 
HIS HE2  H N N 142 
HIS HXT  H N N 143 
HOH O    O N N 144 
HOH H1   H N N 145 
HOH H2   H N N 146 
ILE N    N N N 147 
ILE CA   C N S 148 
ILE C    C N N 149 
ILE O    O N N 150 
ILE CB   C N S 151 
ILE CG1  C N N 152 
ILE CG2  C N N 153 
ILE CD1  C N N 154 
ILE OXT  O N N 155 
ILE H    H N N 156 
ILE H2   H N N 157 
ILE HA   H N N 158 
ILE HB   H N N 159 
ILE HG12 H N N 160 
ILE HG13 H N N 161 
ILE HG21 H N N 162 
ILE HG22 H N N 163 
ILE HG23 H N N 164 
ILE HD11 H N N 165 
ILE HD12 H N N 166 
ILE HD13 H N N 167 
ILE HXT  H N N 168 
LEU N    N N N 169 
LEU CA   C N S 170 
LEU C    C N N 171 
LEU O    O N N 172 
LEU CB   C N N 173 
LEU CG   C N N 174 
LEU CD1  C N N 175 
LEU CD2  C N N 176 
LEU OXT  O N N 177 
LEU H    H N N 178 
LEU H2   H N N 179 
LEU HA   H N N 180 
LEU HB2  H N N 181 
LEU HB3  H N N 182 
LEU HG   H N N 183 
LEU HD11 H N N 184 
LEU HD12 H N N 185 
LEU HD13 H N N 186 
LEU HD21 H N N 187 
LEU HD22 H N N 188 
LEU HD23 H N N 189 
LEU HXT  H N N 190 
LYS N    N N N 191 
LYS CA   C N S 192 
LYS C    C N N 193 
LYS O    O N N 194 
LYS CB   C N N 195 
LYS CG   C N N 196 
LYS CD   C N N 197 
LYS CE   C N N 198 
LYS NZ   N N N 199 
LYS OXT  O N N 200 
LYS H    H N N 201 
LYS H2   H N N 202 
LYS HA   H N N 203 
LYS HB2  H N N 204 
LYS HB3  H N N 205 
LYS HG2  H N N 206 
LYS HG3  H N N 207 
LYS HD2  H N N 208 
LYS HD3  H N N 209 
LYS HE2  H N N 210 
LYS HE3  H N N 211 
LYS HZ1  H N N 212 
LYS HZ2  H N N 213 
LYS HZ3  H N N 214 
LYS HXT  H N N 215 
MET N    N N N 216 
MET CA   C N S 217 
MET C    C N N 218 
MET O    O N N 219 
MET CB   C N N 220 
MET CG   C N N 221 
MET SD   S N N 222 
MET CE   C N N 223 
MET OXT  O N N 224 
MET H    H N N 225 
MET H2   H N N 226 
MET HA   H N N 227 
MET HB2  H N N 228 
MET HB3  H N N 229 
MET HG2  H N N 230 
MET HG3  H N N 231 
MET HE1  H N N 232 
MET HE2  H N N 233 
MET HE3  H N N 234 
MET HXT  H N N 235 
PGE C1   C N N 236 
PGE O1   O N N 237 
PGE C2   C N N 238 
PGE O2   O N N 239 
PGE C3   C N N 240 
PGE C4   C N N 241 
PGE O4   O N N 242 
PGE C6   C N N 243 
PGE C5   C N N 244 
PGE O3   O N N 245 
PGE H1   H N N 246 
PGE H12  H N N 247 
PGE HO1  H N N 248 
PGE H2   H N N 249 
PGE H22  H N N 250 
PGE H3   H N N 251 
PGE H32  H N N 252 
PGE H4   H N N 253 
PGE H42  H N N 254 
PGE HO4  H N N 255 
PGE H6   H N N 256 
PGE H62  H N N 257 
PGE H5   H N N 258 
PGE H52  H N N 259 
PHE N    N N N 260 
PHE CA   C N S 261 
PHE C    C N N 262 
PHE O    O N N 263 
PHE CB   C N N 264 
PHE CG   C Y N 265 
PHE CD1  C Y N 266 
PHE CD2  C Y N 267 
PHE CE1  C Y N 268 
PHE CE2  C Y N 269 
PHE CZ   C Y N 270 
PHE OXT  O N N 271 
PHE H    H N N 272 
PHE H2   H N N 273 
PHE HA   H N N 274 
PHE HB2  H N N 275 
PHE HB3  H N N 276 
PHE HD1  H N N 277 
PHE HD2  H N N 278 
PHE HE1  H N N 279 
PHE HE2  H N N 280 
PHE HZ   H N N 281 
PHE HXT  H N N 282 
PRO N    N N N 283 
PRO CA   C N S 284 
PRO C    C N N 285 
PRO O    O N N 286 
PRO CB   C N N 287 
PRO CG   C N N 288 
PRO CD   C N N 289 
PRO OXT  O N N 290 
PRO H    H N N 291 
PRO HA   H N N 292 
PRO HB2  H N N 293 
PRO HB3  H N N 294 
PRO HG2  H N N 295 
PRO HG3  H N N 296 
PRO HD2  H N N 297 
PRO HD3  H N N 298 
PRO HXT  H N N 299 
SER N    N N N 300 
SER CA   C N S 301 
SER C    C N N 302 
SER O    O N N 303 
SER CB   C N N 304 
SER OG   O N N 305 
SER OXT  O N N 306 
SER H    H N N 307 
SER H2   H N N 308 
SER HA   H N N 309 
SER HB2  H N N 310 
SER HB3  H N N 311 
SER HG   H N N 312 
SER HXT  H N N 313 
THR N    N N N 314 
THR CA   C N S 315 
THR C    C N N 316 
THR O    O N N 317 
THR CB   C N R 318 
THR OG1  O N N 319 
THR CG2  C N N 320 
THR OXT  O N N 321 
THR H    H N N 322 
THR H2   H N N 323 
THR HA   H N N 324 
THR HB   H N N 325 
THR HG1  H N N 326 
THR HG21 H N N 327 
THR HG22 H N N 328 
THR HG23 H N N 329 
THR HXT  H N N 330 
TRP N    N N N 331 
TRP CA   C N S 332 
TRP C    C N N 333 
TRP O    O N N 334 
TRP CB   C N N 335 
TRP CG   C Y N 336 
TRP CD1  C Y N 337 
TRP CD2  C Y N 338 
TRP NE1  N Y N 339 
TRP CE2  C Y N 340 
TRP CE3  C Y N 341 
TRP CZ2  C Y N 342 
TRP CZ3  C Y N 343 
TRP CH2  C Y N 344 
TRP OXT  O N N 345 
TRP H    H N N 346 
TRP H2   H N N 347 
TRP HA   H N N 348 
TRP HB2  H N N 349 
TRP HB3  H N N 350 
TRP HD1  H N N 351 
TRP HE1  H N N 352 
TRP HE3  H N N 353 
TRP HZ2  H N N 354 
TRP HZ3  H N N 355 
TRP HH2  H N N 356 
TRP HXT  H N N 357 
TYR N    N N N 358 
TYR CA   C N S 359 
TYR C    C N N 360 
TYR O    O N N 361 
TYR CB   C N N 362 
TYR CG   C Y N 363 
TYR CD1  C Y N 364 
TYR CD2  C Y N 365 
TYR CE1  C Y N 366 
TYR CE2  C Y N 367 
TYR CZ   C Y N 368 
TYR OH   O N N 369 
TYR OXT  O N N 370 
TYR H    H N N 371 
TYR H2   H N N 372 
TYR HA   H N N 373 
TYR HB2  H N N 374 
TYR HB3  H N N 375 
TYR HD1  H N N 376 
TYR HD2  H N N 377 
TYR HE1  H N N 378 
TYR HE2  H N N 379 
TYR HH   H N N 380 
TYR HXT  H N N 381 
VAL N    N N N 382 
VAL CA   C N S 383 
VAL C    C N N 384 
VAL O    O N N 385 
VAL CB   C N N 386 
VAL CG1  C N N 387 
VAL CG2  C N N 388 
VAL OXT  O N N 389 
VAL H    H N N 390 
VAL H2   H N N 391 
VAL HA   H N N 392 
VAL HB   H N N 393 
VAL HG11 H N N 394 
VAL HG12 H N N 395 
VAL HG13 H N N 396 
VAL HG21 H N N 397 
VAL HG22 H N N 398 
VAL HG23 H N N 399 
VAL HXT  H N N 400 
# 
loop_
_chem_comp_bond.comp_id 
_chem_comp_bond.atom_id_1 
_chem_comp_bond.atom_id_2 
_chem_comp_bond.value_order 
_chem_comp_bond.pdbx_aromatic_flag 
_chem_comp_bond.pdbx_stereo_config 
_chem_comp_bond.pdbx_ordinal 
ALA N   CA   sing N N 1   
ALA N   H    sing N N 2   
ALA N   H2   sing N N 3   
ALA CA  C    sing N N 4   
ALA CA  CB   sing N N 5   
ALA CA  HA   sing N N 6   
ALA C   O    doub N N 7   
ALA C   OXT  sing N N 8   
ALA CB  HB1  sing N N 9   
ALA CB  HB2  sing N N 10  
ALA CB  HB3  sing N N 11  
ALA OXT HXT  sing N N 12  
ARG N   CA   sing N N 13  
ARG N   H    sing N N 14  
ARG N   H2   sing N N 15  
ARG CA  C    sing N N 16  
ARG CA  CB   sing N N 17  
ARG CA  HA   sing N N 18  
ARG C   O    doub N N 19  
ARG C   OXT  sing N N 20  
ARG CB  CG   sing N N 21  
ARG CB  HB2  sing N N 22  
ARG CB  HB3  sing N N 23  
ARG CG  CD   sing N N 24  
ARG CG  HG2  sing N N 25  
ARG CG  HG3  sing N N 26  
ARG CD  NE   sing N N 27  
ARG CD  HD2  sing N N 28  
ARG CD  HD3  sing N N 29  
ARG NE  CZ   sing N N 30  
ARG NE  HE   sing N N 31  
ARG CZ  NH1  sing N N 32  
ARG CZ  NH2  doub N N 33  
ARG NH1 HH11 sing N N 34  
ARG NH1 HH12 sing N N 35  
ARG NH2 HH21 sing N N 36  
ARG NH2 HH22 sing N N 37  
ARG OXT HXT  sing N N 38  
ASN N   CA   sing N N 39  
ASN N   H    sing N N 40  
ASN N   H2   sing N N 41  
ASN CA  C    sing N N 42  
ASN CA  CB   sing N N 43  
ASN CA  HA   sing N N 44  
ASN C   O    doub N N 45  
ASN C   OXT  sing N N 46  
ASN CB  CG   sing N N 47  
ASN CB  HB2  sing N N 48  
ASN CB  HB3  sing N N 49  
ASN CG  OD1  doub N N 50  
ASN CG  ND2  sing N N 51  
ASN ND2 HD21 sing N N 52  
ASN ND2 HD22 sing N N 53  
ASN OXT HXT  sing N N 54  
ASP N   CA   sing N N 55  
ASP N   H    sing N N 56  
ASP N   H2   sing N N 57  
ASP CA  C    sing N N 58  
ASP CA  CB   sing N N 59  
ASP CA  HA   sing N N 60  
ASP C   O    doub N N 61  
ASP C   OXT  sing N N 62  
ASP CB  CG   sing N N 63  
ASP CB  HB2  sing N N 64  
ASP CB  HB3  sing N N 65  
ASP CG  OD1  doub N N 66  
ASP CG  OD2  sing N N 67  
ASP OD2 HD2  sing N N 68  
ASP OXT HXT  sing N N 69  
GLN N   CA   sing N N 70  
GLN N   H    sing N N 71  
GLN N   H2   sing N N 72  
GLN CA  C    sing N N 73  
GLN CA  CB   sing N N 74  
GLN CA  HA   sing N N 75  
GLN C   O    doub N N 76  
GLN C   OXT  sing N N 77  
GLN CB  CG   sing N N 78  
GLN CB  HB2  sing N N 79  
GLN CB  HB3  sing N N 80  
GLN CG  CD   sing N N 81  
GLN CG  HG2  sing N N 82  
GLN CG  HG3  sing N N 83  
GLN CD  OE1  doub N N 84  
GLN CD  NE2  sing N N 85  
GLN NE2 HE21 sing N N 86  
GLN NE2 HE22 sing N N 87  
GLN OXT HXT  sing N N 88  
GLU N   CA   sing N N 89  
GLU N   H    sing N N 90  
GLU N   H2   sing N N 91  
GLU CA  C    sing N N 92  
GLU CA  CB   sing N N 93  
GLU CA  HA   sing N N 94  
GLU C   O    doub N N 95  
GLU C   OXT  sing N N 96  
GLU CB  CG   sing N N 97  
GLU CB  HB2  sing N N 98  
GLU CB  HB3  sing N N 99  
GLU CG  CD   sing N N 100 
GLU CG  HG2  sing N N 101 
GLU CG  HG3  sing N N 102 
GLU CD  OE1  doub N N 103 
GLU CD  OE2  sing N N 104 
GLU OE2 HE2  sing N N 105 
GLU OXT HXT  sing N N 106 
GLY N   CA   sing N N 107 
GLY N   H    sing N N 108 
GLY N   H2   sing N N 109 
GLY CA  C    sing N N 110 
GLY CA  HA2  sing N N 111 
GLY CA  HA3  sing N N 112 
GLY C   O    doub N N 113 
GLY C   OXT  sing N N 114 
GLY OXT HXT  sing N N 115 
HIS N   CA   sing N N 116 
HIS N   H    sing N N 117 
HIS N   H2   sing N N 118 
HIS CA  C    sing N N 119 
HIS CA  CB   sing N N 120 
HIS CA  HA   sing N N 121 
HIS C   O    doub N N 122 
HIS C   OXT  sing N N 123 
HIS CB  CG   sing N N 124 
HIS CB  HB2  sing N N 125 
HIS CB  HB3  sing N N 126 
HIS CG  ND1  sing Y N 127 
HIS CG  CD2  doub Y N 128 
HIS ND1 CE1  doub Y N 129 
HIS ND1 HD1  sing N N 130 
HIS CD2 NE2  sing Y N 131 
HIS CD2 HD2  sing N N 132 
HIS CE1 NE2  sing Y N 133 
HIS CE1 HE1  sing N N 134 
HIS NE2 HE2  sing N N 135 
HIS OXT HXT  sing N N 136 
HOH O   H1   sing N N 137 
HOH O   H2   sing N N 138 
ILE N   CA   sing N N 139 
ILE N   H    sing N N 140 
ILE N   H2   sing N N 141 
ILE CA  C    sing N N 142 
ILE CA  CB   sing N N 143 
ILE CA  HA   sing N N 144 
ILE C   O    doub N N 145 
ILE C   OXT  sing N N 146 
ILE CB  CG1  sing N N 147 
ILE CB  CG2  sing N N 148 
ILE CB  HB   sing N N 149 
ILE CG1 CD1  sing N N 150 
ILE CG1 HG12 sing N N 151 
ILE CG1 HG13 sing N N 152 
ILE CG2 HG21 sing N N 153 
ILE CG2 HG22 sing N N 154 
ILE CG2 HG23 sing N N 155 
ILE CD1 HD11 sing N N 156 
ILE CD1 HD12 sing N N 157 
ILE CD1 HD13 sing N N 158 
ILE OXT HXT  sing N N 159 
LEU N   CA   sing N N 160 
LEU N   H    sing N N 161 
LEU N   H2   sing N N 162 
LEU CA  C    sing N N 163 
LEU CA  CB   sing N N 164 
LEU CA  HA   sing N N 165 
LEU C   O    doub N N 166 
LEU C   OXT  sing N N 167 
LEU CB  CG   sing N N 168 
LEU CB  HB2  sing N N 169 
LEU CB  HB3  sing N N 170 
LEU CG  CD1  sing N N 171 
LEU CG  CD2  sing N N 172 
LEU CG  HG   sing N N 173 
LEU CD1 HD11 sing N N 174 
LEU CD1 HD12 sing N N 175 
LEU CD1 HD13 sing N N 176 
LEU CD2 HD21 sing N N 177 
LEU CD2 HD22 sing N N 178 
LEU CD2 HD23 sing N N 179 
LEU OXT HXT  sing N N 180 
LYS N   CA   sing N N 181 
LYS N   H    sing N N 182 
LYS N   H2   sing N N 183 
LYS CA  C    sing N N 184 
LYS CA  CB   sing N N 185 
LYS CA  HA   sing N N 186 
LYS C   O    doub N N 187 
LYS C   OXT  sing N N 188 
LYS CB  CG   sing N N 189 
LYS CB  HB2  sing N N 190 
LYS CB  HB3  sing N N 191 
LYS CG  CD   sing N N 192 
LYS CG  HG2  sing N N 193 
LYS CG  HG3  sing N N 194 
LYS CD  CE   sing N N 195 
LYS CD  HD2  sing N N 196 
LYS CD  HD3  sing N N 197 
LYS CE  NZ   sing N N 198 
LYS CE  HE2  sing N N 199 
LYS CE  HE3  sing N N 200 
LYS NZ  HZ1  sing N N 201 
LYS NZ  HZ2  sing N N 202 
LYS NZ  HZ3  sing N N 203 
LYS OXT HXT  sing N N 204 
MET N   CA   sing N N 205 
MET N   H    sing N N 206 
MET N   H2   sing N N 207 
MET CA  C    sing N N 208 
MET CA  CB   sing N N 209 
MET CA  HA   sing N N 210 
MET C   O    doub N N 211 
MET C   OXT  sing N N 212 
MET CB  CG   sing N N 213 
MET CB  HB2  sing N N 214 
MET CB  HB3  sing N N 215 
MET CG  SD   sing N N 216 
MET CG  HG2  sing N N 217 
MET CG  HG3  sing N N 218 
MET SD  CE   sing N N 219 
MET CE  HE1  sing N N 220 
MET CE  HE2  sing N N 221 
MET CE  HE3  sing N N 222 
MET OXT HXT  sing N N 223 
PGE C1  O1   sing N N 224 
PGE C1  C2   sing N N 225 
PGE C1  H1   sing N N 226 
PGE C1  H12  sing N N 227 
PGE O1  HO1  sing N N 228 
PGE C2  O2   sing N N 229 
PGE C2  H2   sing N N 230 
PGE C2  H22  sing N N 231 
PGE O2  C3   sing N N 232 
PGE C3  C4   sing N N 233 
PGE C3  H3   sing N N 234 
PGE C3  H32  sing N N 235 
PGE C4  O3   sing N N 236 
PGE C4  H4   sing N N 237 
PGE C4  H42  sing N N 238 
PGE O4  C6   sing N N 239 
PGE O4  HO4  sing N N 240 
PGE C6  C5   sing N N 241 
PGE C6  H6   sing N N 242 
PGE C6  H62  sing N N 243 
PGE C5  O3   sing N N 244 
PGE C5  H5   sing N N 245 
PGE C5  H52  sing N N 246 
PHE N   CA   sing N N 247 
PHE N   H    sing N N 248 
PHE N   H2   sing N N 249 
PHE CA  C    sing N N 250 
PHE CA  CB   sing N N 251 
PHE CA  HA   sing N N 252 
PHE C   O    doub N N 253 
PHE C   OXT  sing N N 254 
PHE CB  CG   sing N N 255 
PHE CB  HB2  sing N N 256 
PHE CB  HB3  sing N N 257 
PHE CG  CD1  doub Y N 258 
PHE CG  CD2  sing Y N 259 
PHE CD1 CE1  sing Y N 260 
PHE CD1 HD1  sing N N 261 
PHE CD2 CE2  doub Y N 262 
PHE CD2 HD2  sing N N 263 
PHE CE1 CZ   doub Y N 264 
PHE CE1 HE1  sing N N 265 
PHE CE2 CZ   sing Y N 266 
PHE CE2 HE2  sing N N 267 
PHE CZ  HZ   sing N N 268 
PHE OXT HXT  sing N N 269 
PRO N   CA   sing N N 270 
PRO N   CD   sing N N 271 
PRO N   H    sing N N 272 
PRO CA  C    sing N N 273 
PRO CA  CB   sing N N 274 
PRO CA  HA   sing N N 275 
PRO C   O    doub N N 276 
PRO C   OXT  sing N N 277 
PRO CB  CG   sing N N 278 
PRO CB  HB2  sing N N 279 
PRO CB  HB3  sing N N 280 
PRO CG  CD   sing N N 281 
PRO CG  HG2  sing N N 282 
PRO CG  HG3  sing N N 283 
PRO CD  HD2  sing N N 284 
PRO CD  HD3  sing N N 285 
PRO OXT HXT  sing N N 286 
SER N   CA   sing N N 287 
SER N   H    sing N N 288 
SER N   H2   sing N N 289 
SER CA  C    sing N N 290 
SER CA  CB   sing N N 291 
SER CA  HA   sing N N 292 
SER C   O    doub N N 293 
SER C   OXT  sing N N 294 
SER CB  OG   sing N N 295 
SER CB  HB2  sing N N 296 
SER CB  HB3  sing N N 297 
SER OG  HG   sing N N 298 
SER OXT HXT  sing N N 299 
THR N   CA   sing N N 300 
THR N   H    sing N N 301 
THR N   H2   sing N N 302 
THR CA  C    sing N N 303 
THR CA  CB   sing N N 304 
THR CA  HA   sing N N 305 
THR C   O    doub N N 306 
THR C   OXT  sing N N 307 
THR CB  OG1  sing N N 308 
THR CB  CG2  sing N N 309 
THR CB  HB   sing N N 310 
THR OG1 HG1  sing N N 311 
THR CG2 HG21 sing N N 312 
THR CG2 HG22 sing N N 313 
THR CG2 HG23 sing N N 314 
THR OXT HXT  sing N N 315 
TRP N   CA   sing N N 316 
TRP N   H    sing N N 317 
TRP N   H2   sing N N 318 
TRP CA  C    sing N N 319 
TRP CA  CB   sing N N 320 
TRP CA  HA   sing N N 321 
TRP C   O    doub N N 322 
TRP C   OXT  sing N N 323 
TRP CB  CG   sing N N 324 
TRP CB  HB2  sing N N 325 
TRP CB  HB3  sing N N 326 
TRP CG  CD1  doub Y N 327 
TRP CG  CD2  sing Y N 328 
TRP CD1 NE1  sing Y N 329 
TRP CD1 HD1  sing N N 330 
TRP CD2 CE2  doub Y N 331 
TRP CD2 CE3  sing Y N 332 
TRP NE1 CE2  sing Y N 333 
TRP NE1 HE1  sing N N 334 
TRP CE2 CZ2  sing Y N 335 
TRP CE3 CZ3  doub Y N 336 
TRP CE3 HE3  sing N N 337 
TRP CZ2 CH2  doub Y N 338 
TRP CZ2 HZ2  sing N N 339 
TRP CZ3 CH2  sing Y N 340 
TRP CZ3 HZ3  sing N N 341 
TRP CH2 HH2  sing N N 342 
TRP OXT HXT  sing N N 343 
TYR N   CA   sing N N 344 
TYR N   H    sing N N 345 
TYR N   H2   sing N N 346 
TYR CA  C    sing N N 347 
TYR CA  CB   sing N N 348 
TYR CA  HA   sing N N 349 
TYR C   O    doub N N 350 
TYR C   OXT  sing N N 351 
TYR CB  CG   sing N N 352 
TYR CB  HB2  sing N N 353 
TYR CB  HB3  sing N N 354 
TYR CG  CD1  doub Y N 355 
TYR CG  CD2  sing Y N 356 
TYR CD1 CE1  sing Y N 357 
TYR CD1 HD1  sing N N 358 
TYR CD2 CE2  doub Y N 359 
TYR CD2 HD2  sing N N 360 
TYR CE1 CZ   doub Y N 361 
TYR CE1 HE1  sing N N 362 
TYR CE2 CZ   sing Y N 363 
TYR CE2 HE2  sing N N 364 
TYR CZ  OH   sing N N 365 
TYR OH  HH   sing N N 366 
TYR OXT HXT  sing N N 367 
VAL N   CA   sing N N 368 
VAL N   H    sing N N 369 
VAL N   H2   sing N N 370 
VAL CA  C    sing N N 371 
VAL CA  CB   sing N N 372 
VAL CA  HA   sing N N 373 
VAL C   O    doub N N 374 
VAL C   OXT  sing N N 375 
VAL CB  CG1  sing N N 376 
VAL CB  CG2  sing N N 377 
VAL CB  HB   sing N N 378 
VAL CG1 HG11 sing N N 379 
VAL CG1 HG12 sing N N 380 
VAL CG1 HG13 sing N N 381 
VAL CG2 HG21 sing N N 382 
VAL CG2 HG22 sing N N 383 
VAL CG2 HG23 sing N N 384 
VAL OXT HXT  sing N N 385 
# 
_atom_sites.entry_id                    3QRL 
_atom_sites.fract_transf_matrix[1][1]   -0.00593168 
_atom_sites.fract_transf_matrix[1][2]   -0.00776600 
_atom_sites.fract_transf_matrix[1][3]   0.00298049 
_atom_sites.fract_transf_matrix[2][1]   0.00372598 
_atom_sites.fract_transf_matrix[2][2]   -0.00716349 
_atom_sites.fract_transf_matrix[2][3]   0.00626008 
_atom_sites.fract_transf_matrix[3][1]   -0.01145524 
_atom_sites.fract_transf_matrix[3][2]   0.02026689 
_atom_sites.fract_transf_matrix[3][3]   0.03000979 
_atom_sites.fract_transf_vector[1]      0.677901 
_atom_sites.fract_transf_vector[2]      0.547003 
_atom_sites.fract_transf_vector[3]      0.063639 
# 
loop_
_atom_type.symbol 
C 
N 
O 
S 
# 
loop_
_atom_site.group_PDB 
_atom_site.id 
_atom_site.type_symbol 
_atom_site.label_atom_id 
_atom_site.label_alt_id 
_atom_site.label_comp_id 
_atom_site.label_asym_id 
_atom_site.label_entity_id 
_atom_site.label_seq_id 
_atom_site.pdbx_PDB_ins_code 
_atom_site.Cartn_x 
_atom_site.Cartn_y 
_atom_site.Cartn_z 
_atom_site.occupancy 
_atom_site.B_iso_or_equiv 
_atom_site.pdbx_formal_charge 
_atom_site.auth_seq_id 
_atom_site.auth_comp_id 
_atom_site.auth_asym_id 
_atom_site.auth_atom_id 
_atom_site.pdbx_PDB_model_num 
ATOM   1    N N   . MET A 1 4   ? 30.494  -2.322  5.630   1.00 44.08 ? 1   MET A N   1 
ATOM   2    C CA  . MET A 1 4   ? 29.937  -1.303  4.691   1.00 44.08 ? 1   MET A CA  1 
ATOM   3    C C   . MET A 1 4   ? 28.492  -1.516  4.221   1.00 42.46 ? 1   MET A C   1 
ATOM   4    O O   . MET A 1 4   ? 28.213  -2.400  3.406   1.00 40.78 ? 1   MET A O   1 
ATOM   5    C CB  . MET A 1 4   ? 30.853  -1.128  3.488   1.00 45.14 ? 1   MET A CB  1 
ATOM   6    C CG  . MET A 1 4   ? 31.607  0.181   3.515   1.00 51.37 ? 1   MET A CG  1 
ATOM   7    S SD  . MET A 1 4   ? 33.162  0.016   2.637   1.00 58.94 ? 1   MET A SD  1 
ATOM   8    C CE  . MET A 1 4   ? 32.841  1.067   1.218   1.00 57.91 ? 1   MET A CE  1 
ATOM   9    N N   . VAL A 1 5   ? 27.629  -0.564  4.564   1.00 39.03 ? 2   VAL A N   1 
ATOM   10   C CA  . VAL A 1 5   ? 26.197  -0.691  4.302   1.00 34.14 ? 2   VAL A CA  1 
ATOM   11   C C   . VAL A 1 5   ? 25.571  0.640   3.856   1.00 34.17 ? 2   VAL A C   1 
ATOM   12   O O   . VAL A 1 5   ? 25.680  1.661   4.555   1.00 35.91 ? 2   VAL A O   1 
ATOM   13   C CB  . VAL A 1 5   ? 25.446  -1.305  5.521   1.00 37.51 ? 2   VAL A CB  1 
ATOM   14   C CG1 . VAL A 1 5   ? 26.028  -0.815  6.832   1.00 36.04 ? 2   VAL A CG1 1 
ATOM   15   C CG2 . VAL A 1 5   ? 23.952  -1.038  5.461   1.00 29.22 ? 2   VAL A CG2 1 
ATOM   16   N N   . ALA A 1 6   ? 25.000  0.644   2.652   1.00 27.73 ? 3   ALA A N   1 
ATOM   17   C CA  . ALA A 1 6   ? 24.430  1.863   2.087   1.00 23.87 ? 3   ALA A CA  1 
ATOM   18   C C   . ALA A 1 6   ? 22.912  1.852   2.147   1.00 19.27 ? 3   ALA A C   1 
ATOM   19   O O   . ALA A 1 6   ? 22.293  2.818   1.721   1.00 18.07 ? 3   ALA A O   1 
ATOM   20   C CB  . ALA A 1 6   ? 24.889  2.070   0.646   1.00 24.63 ? 3   ALA A CB  1 
ATOM   21   N N   . THR A 1 7   ? 22.331  0.699   2.459   1.00 18.13 ? 4   THR A N   1 
ATOM   22   C CA  . THR A 1 7   ? 20.863  0.572   2.514   1.00 19.82 ? 4   THR A CA  1 
ATOM   23   C C   . THR A 1 7   ? 20.476  -0.248  3.744   1.00 21.20 ? 4   THR A C   1 
ATOM   24   O O   . THR A 1 7   ? 21.291  -1.029  4.262   1.00 19.04 ? 4   THR A O   1 
ATOM   25   C CB  . THR A 1 7   ? 20.236  -0.125  1.261   1.00 22.51 ? 4   THR A CB  1 
ATOM   26   O OG1 . THR A 1 7   ? 20.727  -1.470  1.163   1.00 25.35 ? 4   THR A OG1 1 
ATOM   27   C CG2 . THR A 1 7   ? 20.564  0.600   -0.023  1.00 26.18 ? 4   THR A CG2 1 
ATOM   28   N N   . VAL A 1 8   ? 19.199  -0.175  4.112   1.00 15.45 ? 5   VAL A N   1 
ATOM   29   C CA  . VAL A 1 8   ? 18.606  -1.101  5.070   1.00 15.02 ? 5   VAL A CA  1 
ATOM   30   C C   . VAL A 1 8   ? 17.350  -1.685  4.437   1.00 16.64 ? 5   VAL A C   1 
ATOM   31   O O   . VAL A 1 8   ? 16.772  -1.097  3.510   1.00 16.38 ? 5   VAL A O   1 
ATOM   32   C CB  . VAL A 1 8   ? 18.208  -0.390  6.409   1.00 14.69 ? 5   VAL A CB  1 
ATOM   33   C CG1 . VAL A 1 8   ? 19.438  0.226   7.082   1.00 19.98 ? 5   VAL A CG1 1 
ATOM   34   C CG2 . VAL A 1 8   ? 17.177  0.707   6.148   1.00 20.55 ? 5   VAL A CG2 1 
ATOM   35   N N   . LYS A 1 9   ? 16.904  -2.813  4.967   1.00 14.57 ? 6   LYS A N   1 
ATOM   36   C CA  . LYS A 1 9   ? 15.657  -3.422  4.487   1.00 13.83 ? 6   LYS A CA  1 
ATOM   37   C C   . LYS A 1 9   ? 14.580  -3.156  5.529   1.00 15.06 ? 6   LYS A C   1 
ATOM   38   O O   . LYS A 1 9   ? 14.880  -3.077  6.713   1.00 15.66 ? 6   LYS A O   1 
ATOM   39   C CB  . LYS A 1 9   ? 15.849  -4.925  4.269   1.00 15.54 ? 6   LYS A CB  1 
ATOM   40   C CG  . LYS A 1 9   ? 16.767  -5.253  3.105   1.00 20.32 ? 6   LYS A CG  1 
ATOM   41   C CD  . LYS A 1 9   ? 16.671  -6.727  2.726   1.00 33.16 ? 6   LYS A CD  1 
ATOM   42   C CE  . LYS A 1 9   ? 17.757  -7.136  1.735   1.00 33.24 ? 6   LYS A CE  1 
ATOM   43   N NZ  . LYS A 1 9   ? 17.956  -8.618  1.699   1.00 37.60 ? 6   LYS A NZ  1 
ATOM   44   N N   . ARG A 1 10  ? 13.364  -2.863  5.068   1.00 13.75 ? 7   ARG A N   1 
ATOM   45   C CA  . ARG A 1 10  ? 12.212  -2.742  5.937   1.00 13.79 ? 7   ARG A CA  1 
ATOM   46   C C   . ARG A 1 10  ? 11.092  -3.528  5.292   1.00 14.62 ? 7   ARG A C   1 
ATOM   47   O O   . ARG A 1 10  ? 11.001  -3.595  4.065   1.00 14.16 ? 7   ARG A O   1 
ATOM   48   C CB  . ARG A 1 10  ? 11.765  -1.275  6.073   1.00 14.84 ? 7   ARG A CB  1 
ATOM   49   C CG  . ARG A 1 10  ? 12.774  -0.432  6.845   1.00 14.05 ? 7   ARG A CG  1 
ATOM   50   C CD  . ARG A 1 10  ? 12.740  -0.784  8.336   1.00 14.96 ? 7   ARG A CD  1 
ATOM   51   N NE  . ARG A 1 10  ? 13.560  0.141   9.122   1.00 14.45 ? 7   ARG A NE  1 
ATOM   52   C CZ  . ARG A 1 10  ? 14.822  -0.084  9.474   1.00 16.68 ? 7   ARG A CZ  1 
ATOM   53   N NH1 . ARG A 1 10  ? 15.486  -1.131  8.969   1.00 16.60 ? 7   ARG A NH1 1 
ATOM   54   N NH2 . ARG A 1 10  ? 15.436  0.773   10.282  1.00 13.79 ? 7   ARG A NH2 1 
ATOM   55   N N   . THR A 1 11  ? 10.229  -4.071  6.136   1.00 13.93 ? 8   THR A N   1 
ATOM   56   C CA  . THR A 1 11  ? 9.046   -4.790  5.673   1.00 13.72 ? 8   THR A CA  1 
ATOM   57   C C   . THR A 1 11  ? 7.797   -3.927  5.796   1.00 14.35 ? 8   THR A C   1 
ATOM   58   O O   . THR A 1 11  ? 7.530   -3.331  6.843   1.00 16.59 ? 8   THR A O   1 
ATOM   59   C CB  . THR A 1 11  ? 8.848   -6.074  6.488   1.00 14.53 ? 8   THR A CB  1 
ATOM   60   O OG1 . THR A 1 11  ? 10.035  -6.868  6.421   1.00 16.95 ? 8   THR A OG1 1 
ATOM   61   C CG2 . THR A 1 11  ? 7.660   -6.879  5.949   1.00 17.08 ? 8   THR A CG2 1 
ATOM   62   N N   . ILE A 1 12  ? 7.078   -3.793  4.691   1.00 13.31 ? 9   ILE A N   1 
ATOM   63   C CA  . ILE A 1 12  ? 5.783   -3.157  4.751   1.00 13.68 ? 9   ILE A CA  1 
ATOM   64   C C   . ILE A 1 12  ? 4.692   -4.194  4.622   1.00 13.48 ? 9   ILE A C   1 
ATOM   65   O O   . ILE A 1 12  ? 4.914   -5.301  4.105   1.00 14.76 ? 9   ILE A O   1 
ATOM   66   C CB  . ILE A 1 12  ? 5.620   -2.039  3.719   1.00 13.75 ? 9   ILE A CB  1 
ATOM   67   C CG1 . ILE A 1 12  ? 5.746   -2.594  2.303   1.00 17.56 ? 9   ILE A CG1 1 
ATOM   68   C CG2 . ILE A 1 12  ? 6.690   -0.909  4.015   1.00 15.82 ? 9   ILE A CG2 1 
ATOM   69   C CD1 . ILE A 1 12  ? 5.387   -1.537  1.192   1.00 20.44 ? 9   ILE A CD1 1 
ATOM   70   N N   . ARG A 1 13  ? 3.556   -3.862  5.203   1.00 12.02 ? 10  ARG A N   1 
ATOM   71   C CA  . ARG A 1 13  ? 2.408   -4.748  5.181   1.00 12.13 ? 10  ARG A CA  1 
ATOM   72   C C   . ARG A 1 13  ? 1.234   -4.026  4.528   1.00 14.84 ? 10  ARG A C   1 
ATOM   73   O O   . ARG A 1 13  ? 0.819   -2.939  4.952   1.00 14.98 ? 10  ARG A O   1 
ATOM   74   C CB  . ARG A 1 13  ? 2.082   -5.257  6.589   1.00 12.41 ? 10  ARG A CB  1 
ATOM   75   C CG  . ARG A 1 13  ? 0.822   -6.129  6.620   1.00 14.83 ? 10  ARG A CG  1 
ATOM   76   C CD  . ARG A 1 13  ? 0.524   -6.607  8.040   1.00 15.46 ? 10  ARG A CD  1 
ATOM   77   N NE  . ARG A 1 13  ? 1.531   -7.516  8.560   1.00 12.96 ? 10  ARG A NE  1 
ATOM   78   C CZ  . ARG A 1 13  ? 1.794   -7.697  9.852   1.00 17.32 ? 10  ARG A CZ  1 
ATOM   79   N NH1 . ARG A 1 13  ? 1.124   -7.015  10.778  1.00 18.40 ? 10  ARG A NH1 1 
ATOM   80   N NH2 . ARG A 1 13  ? 2.655   -8.638  10.223  1.00 18.05 ? 10  ARG A NH2 1 
ATOM   81   N N   . ILE A 1 14  ? 0.798   -4.599  3.415   1.00 13.28 ? 11  ILE A N   1 
ATOM   82   C CA  A ILE A 1 14  ? -0.358  -4.083  2.703   0.50 13.76 ? 11  ILE A CA  1 
ATOM   83   C CA  B ILE A 1 14  ? -0.354  -4.123  2.660   0.50 12.91 ? 11  ILE A CA  1 
ATOM   84   C C   . ILE A 1 14  ? -1.604  -4.839  3.163   1.00 15.01 ? 11  ILE A C   1 
ATOM   85   O O   . ILE A 1 14  ? -1.638  -6.086  3.163   1.00 13.49 ? 11  ILE A O   1 
ATOM   86   C CB  A ILE A 1 14  ? -0.187  -4.268  1.185   0.50 14.30 ? 11  ILE A CB  1 
ATOM   87   C CB  B ILE A 1 14  ? -0.199  -4.552  1.190   0.50 10.87 ? 11  ILE A CB  1 
ATOM   88   C CG1 A ILE A 1 14  ? 1.219   -3.841  0.738   0.50 15.36 ? 11  ILE A CG1 1 
ATOM   89   C CG1 B ILE A 1 14  ? 1.171   -4.124  0.650   0.50 13.78 ? 11  ILE A CG1 1 
ATOM   90   C CG2 A ILE A 1 14  ? -1.287  -3.512  0.418   0.50 14.31 ? 11  ILE A CG2 1 
ATOM   91   C CG2 B ILE A 1 14  ? -1.380  -4.029  0.343   0.50 10.64 ? 11  ILE A CG2 1 
ATOM   92   C CD1 A ILE A 1 14  ? 1.446   -3.988  -0.757  0.50 18.99 ? 11  ILE A CD1 1 
ATOM   93   C CD1 B ILE A 1 14  ? 1.398   -2.643  0.747   0.50 10.59 ? 11  ILE A CD1 1 
ATOM   94   N N   . LYS A 1 15  ? -2.594  -4.076  3.612   1.00 12.79 ? 12  LYS A N   1 
ATOM   95   C CA  . LYS A 1 15  ? -3.784  -4.651  4.232   1.00 12.97 ? 12  LYS A CA  1 
ATOM   96   C C   . LYS A 1 15  ? -4.983  -4.343  3.360   1.00 13.12 ? 12  LYS A C   1 
ATOM   97   O O   . LYS A 1 15  ? -5.294  -3.180  3.087   1.00 14.48 ? 12  LYS A O   1 
ATOM   98   C CB  . LYS A 1 15  ? -3.996  -4.064  5.628   1.00 12.94 ? 12  LYS A CB  1 
ATOM   99   C CG  . LYS A 1 15  ? -2.818  -4.372  6.567   1.00 15.87 ? 12  LYS A CG  1 
ATOM   100  C CD  . LYS A 1 15  ? -2.705  -3.374  7.718   1.00 23.20 ? 12  LYS A CD  1 
ATOM   101  C CE  . LYS A 1 15  ? -3.880  -3.479  8.667   1.00 28.30 ? 12  LYS A CE  1 
ATOM   102  N NZ  . LYS A 1 15  ? -3.517  -3.245  10.091  1.00 25.51 ? 12  LYS A NZ  1 
ATOM   103  N N   . THR A 1 16  ? -5.726  -5.389  3.025   1.00 11.53 ? 13  THR A N   1 
ATOM   104  C CA  . THR A 1 16  ? -6.818  -5.228  2.084   1.00 10.36 ? 13  THR A CA  1 
ATOM   105  C C   . THR A 1 16  ? -8.058  -5.807  2.733   1.00 14.02 ? 13  THR A C   1 
ATOM   106  O O   . THR A 1 16  ? -7.977  -6.834  3.418   1.00 12.34 ? 13  THR A O   1 
ATOM   107  C CB  . THR A 1 16  ? -6.516  -6.019  0.782   1.00 11.99 ? 13  THR A CB  1 
ATOM   108  O OG1 . THR A 1 16  ? -5.283  -5.555  0.206   1.00 14.73 ? 13  THR A OG1 1 
ATOM   109  C CG2 . THR A 1 16  ? -7.664  -5.887  -0.232  1.00 11.39 ? 13  THR A CG2 1 
ATOM   110  N N   . GLN A 1 17  ? -9.187  -5.116  2.564   1.00 14.17 ? 14  GLN A N   1 
ATOM   111  C CA  . GLN A 1 17  ? -10.473 -5.659  3.003   1.00 11.97 ? 14  GLN A CA  1 
ATOM   112  C C   . GLN A 1 17  ? -11.448 -5.493  1.851   1.00 11.67 ? 14  GLN A C   1 
ATOM   113  O O   . GLN A 1 17  ? -11.368 -4.520  1.104   1.00 10.32 ? 14  GLN A O   1 
ATOM   114  C CB  . GLN A 1 17  ? -11.010 -4.865  4.202   1.00 17.48 ? 14  GLN A CB  1 
ATOM   115  C CG  . GLN A 1 17  ? -10.125 -4.810  5.437   1.00 27.88 ? 14  GLN A CG  1 
ATOM   116  C CD  . GLN A 1 17  ? -10.771 -4.024  6.580   1.00 43.20 ? 14  GLN A CD  1 
ATOM   117  O OE1 . GLN A 1 17  ? -10.337 -2.918  6.920   1.00 50.78 ? 14  GLN A OE1 1 
ATOM   118  N NE2 . GLN A 1 17  ? -11.882 -4.540  7.091   1.00 45.48 ? 14  GLN A NE2 1 
ATOM   119  N N   . GLN A 1 18  ? -12.518 -6.300  1.849   1.00 12.08 ? 15  GLN A N   1 
ATOM   120  C CA  . GLN A 1 18  ? -13.549 -6.094  0.857   1.00 11.72 ? 15  GLN A CA  1 
ATOM   121  C C   . GLN A 1 18  ? -14.850 -6.728  1.327   1.00 11.77 ? 15  GLN A C   1 
ATOM   122  O O   . GLN A 1 18  ? -14.834 -7.728  2.045   1.00 13.08 ? 15  GLN A O   1 
ATOM   123  C CB  . GLN A 1 18  ? -13.135 -6.701  -0.493  1.00 13.01 ? 15  GLN A CB  1 
ATOM   124  C CG  . GLN A 1 18  ? -12.866 -8.202  -0.472  1.00 17.47 ? 15  GLN A CG  1 
ATOM   125  C CD  . GLN A 1 18  ? -14.139 -9.053  -0.605  1.00 21.70 ? 15  GLN A CD  1 
ATOM   126  O OE1 . GLN A 1 18  ? -15.206 -8.571  -1.001  1.00 17.79 ? 15  GLN A OE1 1 
ATOM   127  N NE2 . GLN A 1 18  ? -14.009 -10.341 -0.300  1.00 29.09 ? 15  GLN A NE2 1 
ATOM   128  N N   . HIS A 1 19  ? -15.961 -6.106  0.945   1.00 12.47 ? 16  HIS A N   1 
ATOM   129  C CA  . HIS A 1 19  ? -17.251 -6.760  1.177   1.00 13.53 ? 16  HIS A CA  1 
ATOM   130  C C   . HIS A 1 19  ? -18.223 -6.356  0.086   1.00 11.62 ? 16  HIS A C   1 
ATOM   131  O O   . HIS A 1 19  ? -18.129 -5.268  -0.489  1.00 13.61 ? 16  HIS A O   1 
ATOM   132  C CB  . HIS A 1 19  ? -17.767 -6.425  2.584   1.00 16.32 ? 16  HIS A CB  1 
ATOM   133  C CG  . HIS A 1 19  ? -18.104 -4.976  2.774   1.00 23.24 ? 16  HIS A CG  1 
ATOM   134  N ND1 . HIS A 1 19  ? -17.143 -4.010  3.000   1.00 29.54 ? 16  HIS A ND1 1 
ATOM   135  C CD2 . HIS A 1 19  ? -19.293 -4.326  2.760   1.00 33.93 ? 16  HIS A CD2 1 
ATOM   136  C CE1 . HIS A 1 19  ? -17.726 -2.824  3.076   1.00 35.12 ? 16  HIS A CE1 1 
ATOM   137  N NE2 . HIS A 1 19  ? -19.024 -2.984  2.892   1.00 36.17 ? 16  HIS A NE2 1 
ATOM   138  N N   . ILE A 1 20  ? -19.174 -7.237  -0.206  1.00 12.06 ? 17  ILE A N   1 
ATOM   139  C CA  . ILE A 1 20  ? -20.203 -6.925  -1.198  1.00 13.26 ? 17  ILE A CA  1 
ATOM   140  C C   . ILE A 1 20  ? -21.071 -5.753  -0.744  1.00 12.64 ? 17  ILE A C   1 
ATOM   141  O O   . ILE A 1 20  ? -21.396 -5.631  0.441   1.00 16.35 ? 17  ILE A O   1 
ATOM   142  C CB  . ILE A 1 20  ? -21.112 -8.160  -1.411  1.00 14.43 ? 17  ILE A CB  1 
ATOM   143  C CG1 . ILE A 1 20  ? -20.302 -9.237  -2.121  1.00 13.29 ? 17  ILE A CG1 1 
ATOM   144  C CG2 . ILE A 1 20  ? -22.361 -7.764  -2.197  1.00 14.73 ? 17  ILE A CG2 1 
ATOM   145  C CD1 . ILE A 1 20  ? -21.013 -10.559 -2.180  1.00 13.87 ? 17  ILE A CD1 1 
ATOM   146  N N   . LEU A 1 21  ? -21.484 -4.917  -1.691  1.00 15.39 ? 18  LEU A N   1 
ATOM   147  C CA  . LEU A 1 21  ? -22.471 -3.872  -1.426  1.00 13.22 ? 18  LEU A CA  1 
ATOM   148  C C   . LEU A 1 21  ? -23.784 -4.307  -2.072  1.00 16.82 ? 18  LEU A C   1 
ATOM   149  O O   . LEU A 1 21  ? -23.888 -4.387  -3.301  1.00 17.47 ? 18  LEU A O   1 
ATOM   150  C CB  . LEU A 1 21  ? -22.011 -2.534  -2.035  1.00 15.35 ? 18  LEU A CB  1 
ATOM   151  C CG  . LEU A 1 21  ? -20.735 -1.895  -1.455  1.00 14.83 ? 18  LEU A CG  1 
ATOM   152  C CD1 . LEU A 1 21  ? -20.351 -0.699  -2.335  1.00 19.93 ? 18  LEU A CD1 1 
ATOM   153  C CD2 . LEU A 1 21  ? -20.979 -1.442  -0.008  1.00 20.87 ? 18  LEU A CD2 1 
ATOM   154  N N   . PRO A 1 22  ? -24.716 -4.820  -1.256  1.00 17.82 ? 19  PRO A N   1 
ATOM   155  C CA  . PRO A 1 22  ? -25.863 -5.469  -1.900  1.00 17.44 ? 19  PRO A CA  1 
ATOM   156  C C   . PRO A 1 22  ? -26.777 -4.478  -2.630  1.00 16.62 ? 19  PRO A C   1 
ATOM   157  O O   . PRO A 1 22  ? -27.489 -4.874  -3.558  1.00 19.04 ? 19  PRO A O   1 
ATOM   158  C CB  . PRO A 1 22  ? -26.605 -6.140  -0.738  1.00 21.80 ? 19  PRO A CB  1 
ATOM   159  C CG  . PRO A 1 22  ? -26.087 -5.476  0.508   1.00 23.13 ? 19  PRO A CG  1 
ATOM   160  C CD  . PRO A 1 22  ? -24.676 -5.042  0.199   1.00 22.12 ? 19  PRO A CD  1 
ATOM   161  N N   . GLU A 1 23  ? -26.625 -3.193  -2.326  1.00 15.59 ? 20  GLU A N   1 
ATOM   162  C CA  . GLU A 1 23  ? -27.472 -2.145  -2.923  1.00 18.75 ? 20  GLU A CA  1 
ATOM   163  C C   . GLU A 1 23  ? -26.998 -1.761  -4.321  1.00 16.42 ? 20  GLU A C   1 
ATOM   164  O O   . GLU A 1 23  ? -27.712 -1.073  -5.049  1.00 16.56 ? 20  GLU A O   1 
ATOM   165  C CB  . GLU A 1 23  ? -27.476 -0.886  -2.050  1.00 14.02 ? 20  GLU A CB  1 
ATOM   166  C CG  . GLU A 1 23  ? -26.188 -0.049  -2.123  1.00 16.72 ? 20  GLU A CG  1 
ATOM   167  C CD  . GLU A 1 23  ? -25.136 -0.473  -1.083  1.00 23.48 ? 20  GLU A CD  1 
ATOM   168  O OE1 . GLU A 1 23  ? -25.224 -1.599  -0.552  1.00 26.20 ? 20  GLU A OE1 1 
ATOM   169  O OE2 . GLU A 1 23  ? -24.281 0.361   -0.728  1.00 29.37 ? 20  GLU A OE2 1 
ATOM   170  N N   . VAL A 1 24  ? -25.830 -2.258  -4.713  1.00 16.70 ? 21  VAL A N   1 
ATOM   171  C CA  . VAL A 1 24  ? -25.276 -1.965  -6.035  1.00 17.10 ? 21  VAL A CA  1 
ATOM   172  C C   . VAL A 1 24  ? -25.575 -3.147  -6.954  1.00 15.26 ? 21  VAL A C   1 
ATOM   173  O O   . VAL A 1 24  ? -25.333 -4.296  -6.586  1.00 15.74 ? 21  VAL A O   1 
ATOM   174  C CB  . VAL A 1 24  ? -23.751 -1.755  -5.973  1.00 14.57 ? 21  VAL A CB  1 
ATOM   175  C CG1 . VAL A 1 24  ? -23.234 -1.476  -7.375  1.00 18.08 ? 21  VAL A CG1 1 
ATOM   176  C CG2 . VAL A 1 24  ? -23.370 -0.625  -4.987  1.00 15.78 ? 21  VAL A CG2 1 
ATOM   177  N N   . PRO A 1 25  ? -26.158 -2.880  -8.133  1.00 14.99 ? 22  PRO A N   1 
ATOM   178  C CA  . PRO A 1 25  ? -26.539 -3.985  -8.985  1.00 17.04 ? 22  PRO A CA  1 
ATOM   179  C C   . PRO A 1 25  ? -25.305 -4.786  -9.406  1.00 15.95 ? 22  PRO A C   1 
ATOM   180  O O   . PRO A 1 25  ? -24.303 -4.202  -9.841  1.00 17.14 ? 22  PRO A O   1 
ATOM   181  C CB  . PRO A 1 25  ? -27.154 -3.283  -10.198 1.00 19.25 ? 22  PRO A CB  1 
ATOM   182  C CG  . PRO A 1 25  ? -27.772 -2.047  -9.611  1.00 16.64 ? 22  PRO A CG  1 
ATOM   183  C CD  . PRO A 1 25  ? -26.806 -1.614  -8.538  1.00 14.35 ? 22  PRO A CD  1 
ATOM   184  N N   . PRO A 1 26  ? -25.391 -6.127  -9.312  1.00 14.13 ? 23  PRO A N   1 
ATOM   185  C CA  . PRO A 1 26  ? -24.296 -6.909  -9.875  1.00 17.57 ? 23  PRO A CA  1 
ATOM   186  C C   . PRO A 1 26  ? -24.110 -6.566  -11.349 1.00 18.32 ? 23  PRO A C   1 
ATOM   187  O O   . PRO A 1 26  ? -25.070 -6.158  -12.004 1.00 23.92 ? 23  PRO A O   1 
ATOM   188  C CB  . PRO A 1 26  ? -24.788 -8.355  -9.737  1.00 16.78 ? 23  PRO A CB  1 
ATOM   189  C CG  . PRO A 1 26  ? -25.795 -8.318  -8.644  1.00 18.43 ? 23  PRO A CG  1 
ATOM   190  C CD  . PRO A 1 26  ? -26.462 -6.979  -8.762  1.00 18.88 ? 23  PRO A CD  1 
ATOM   191  N N   . VAL A 1 27  ? -22.888 -6.740  -11.838 1.00 19.84 ? 24  VAL A N   1 
ATOM   192  C CA  . VAL A 1 27  ? -22.513 -6.496  -13.233 1.00 21.75 ? 24  VAL A CA  1 
ATOM   193  C C   . VAL A 1 27  ? -22.201 -7.833  -13.894 1.00 21.47 ? 24  VAL A C   1 
ATOM   194  O O   . VAL A 1 27  ? -21.202 -8.478  -13.545 1.00 21.84 ? 24  VAL A O   1 
ATOM   195  C CB  . VAL A 1 27  ? -21.252 -5.621  -13.307 1.00 23.30 ? 24  VAL A CB  1 
ATOM   196  C CG1 . VAL A 1 27  ? -20.885 -5.313  -14.751 1.00 27.97 ? 24  VAL A CG1 1 
ATOM   197  C CG2 . VAL A 1 27  ? -21.447 -4.324  -12.501 1.00 27.15 ? 24  VAL A CG2 1 
ATOM   198  N N   . GLU A 1 28  ? -23.108 -8.288  -14.755 1.00 17.90 ? 25  GLU A N   1 
ATOM   199  C CA  . GLU A 1 28  ? -23.045 -9.645  -15.327 1.00 16.36 ? 25  GLU A CA  1 
ATOM   200  C C   . GLU A 1 28  ? -23.012 -10.742 -14.262 1.00 18.29 ? 25  GLU A C   1 
ATOM   201  O O   . GLU A 1 28  ? -22.172 -11.632 -14.285 1.00 21.92 ? 25  GLU A O   1 
ATOM   202  C CB  . GLU A 1 28  ? -21.870 -9.769  -16.300 1.00 18.12 ? 25  GLU A CB  1 
ATOM   203  C CG  . GLU A 1 28  ? -21.818 -8.605  -17.312 1.00 21.69 ? 25  GLU A CG  1 
ATOM   204  C CD  . GLU A 1 28  ? -20.711 -8.761  -18.353 1.00 32.82 ? 25  GLU A CD  1 
ATOM   205  O OE1 . GLU A 1 28  ? -19.812 -9.590  -18.123 1.00 34.03 ? 25  GLU A OE1 1 
ATOM   206  O OE2 . GLU A 1 28  ? -20.761 -8.102  -19.421 1.00 36.15 ? 25  GLU A OE2 1 
ATOM   207  N N   . ASN A 1 29  ? -23.877 -10.606 -13.264 1.00 16.85 ? 26  ASN A N   1 
ATOM   208  C CA  . ASN A 1 29  ? -23.920 -11.532 -12.131 1.00 19.79 ? 26  ASN A CA  1 
ATOM   209  C C   . ASN A 1 29  ? -22.794 -11.460 -11.118 1.00 19.69 ? 26  ASN A C   1 
ATOM   210  O O   . ASN A 1 29  ? -22.862 -12.177 -10.114 1.00 21.70 ? 26  ASN A O   1 
ATOM   211  C CB  . ASN A 1 29  ? -24.057 -12.977 -12.596 1.00 20.50 ? 26  ASN A CB  1 
ATOM   212  C CG  . ASN A 1 29  ? -25.260 -13.180 -13.435 1.00 20.44 ? 26  ASN A CG  1 
ATOM   213  O OD1 . ASN A 1 29  ? -25.230 -13.943 -14.401 1.00 26.91 ? 26  ASN A OD1 1 
ATOM   214  N ND2 . ASN A 1 29  ? -26.377 -12.584 -13.012 1.00 21.08 ? 26  ASN A ND2 1 
ATOM   215  N N   . PHE A 1 30  ? -21.787 -10.619 -11.362 1.00 20.37 ? 27  PHE A N   1 
ATOM   216  C CA  . PHE A 1 30  ? -20.738 -10.367 -10.368 1.00 19.21 ? 27  PHE A CA  1 
ATOM   217  C C   . PHE A 1 30  ? -21.170 -9.236  -9.447  1.00 17.59 ? 27  PHE A C   1 
ATOM   218  O O   . PHE A 1 30  ? -21.469 -8.143  -9.907  1.00 17.16 ? 27  PHE A O   1 
ATOM   219  C CB  . PHE A 1 30  ? -19.391 -10.015 -11.022 1.00 17.54 ? 27  PHE A CB  1 
ATOM   220  C CG  . PHE A 1 30  ? -18.829 -11.127 -11.864 1.00 25.50 ? 27  PHE A CG  1 
ATOM   221  C CD1 . PHE A 1 30  ? -18.199 -12.216 -11.272 1.00 27.99 ? 27  PHE A CD1 1 
ATOM   222  C CD2 . PHE A 1 30  ? -19.026 -11.141 -13.232 1.00 29.39 ? 27  PHE A CD2 1 
ATOM   223  C CE1 . PHE A 1 30  ? -17.748 -13.292 -12.041 1.00 28.45 ? 27  PHE A CE1 1 
ATOM   224  C CE2 . PHE A 1 30  ? -18.550 -12.188 -14.009 1.00 30.95 ? 27  PHE A CE2 1 
ATOM   225  C CZ  . PHE A 1 30  ? -17.911 -13.269 -13.411 1.00 29.97 ? 27  PHE A CZ  1 
ATOM   226  N N   . PRO A 1 31  ? -21.207 -9.506  -8.140  1.00 17.42 ? 28  PRO A N   1 
ATOM   227  C CA  . PRO A 1 31  ? -21.624 -8.463  -7.231  1.00 16.37 ? 28  PRO A CA  1 
ATOM   228  C C   . PRO A 1 31  ? -20.555 -7.369  -7.208  1.00 17.75 ? 28  PRO A C   1 
ATOM   229  O O   . PRO A 1 31  ? -19.376 -7.659  -7.398  1.00 16.14 ? 28  PRO A O   1 
ATOM   230  C CB  . PRO A 1 31  ? -21.716 -9.187  -5.886  1.00 19.27 ? 28  PRO A CB  1 
ATOM   231  C CG  . PRO A 1 31  ? -20.766 -10.363 -6.013  1.00 21.61 ? 28  PRO A CG  1 
ATOM   232  C CD  . PRO A 1 31  ? -20.800 -10.753 -7.457  1.00 16.83 ? 28  PRO A CD  1 
ATOM   233  N N   . VAL A 1 32  ? -20.965 -6.144  -6.902  1.00 11.41 ? 29  VAL A N   1 
ATOM   234  C CA  . VAL A 1 32  ? -20.003 -5.075  -6.711  1.00 13.83 ? 29  VAL A CA  1 
ATOM   235  C C   . VAL A 1 32  ? -19.611 -5.041  -5.246  1.00 17.35 ? 29  VAL A C   1 
ATOM   236  O O   . VAL A 1 32  ? -20.457 -5.221  -4.366  1.00 15.18 ? 29  VAL A O   1 
ATOM   237  C CB  . VAL A 1 32  ? -20.570 -3.721  -7.183  1.00 15.68 ? 29  VAL A CB  1 
ATOM   238  C CG1 . VAL A 1 32  ? -19.656 -2.559  -6.768  1.00 14.94 ? 29  VAL A CG1 1 
ATOM   239  C CG2 . VAL A 1 32  ? -20.802 -3.757  -8.697  1.00 12.91 ? 29  VAL A CG2 1 
ATOM   240  N N   . ARG A 1 33  ? -18.312 -4.877  -5.014  1.00 14.36 ? 30  ARG A N   1 
ATOM   241  C CA  . ARG A 1 33  ? -17.743 -4.902  -3.674  1.00 15.41 ? 30  ARG A CA  1 
ATOM   242  C C   . ARG A 1 33  ? -17.119 -3.553  -3.374  1.00 15.76 ? 30  ARG A C   1 
ATOM   243  O O   . ARG A 1 33  ? -16.553 -2.928  -4.262  1.00 16.16 ? 30  ARG A O   1 
ATOM   244  C CB  . ARG A 1 33  ? -16.682 -5.991  -3.583  1.00 15.10 ? 30  ARG A CB  1 
ATOM   245  C CG  . ARG A 1 33  ? -17.271 -7.390  -3.841  1.00 13.65 ? 30  ARG A CG  1 
ATOM   246  C CD  . ARG A 1 33  ? -16.196 -8.378  -4.124  1.00 17.81 ? 30  ARG A CD  1 
ATOM   247  N NE  . ARG A 1 33  ? -16.785 -9.676  -4.435  1.00 18.70 ? 30  ARG A NE  1 
ATOM   248  C CZ  . ARG A 1 33  ? -17.205 -10.549 -3.523  1.00 18.63 ? 30  ARG A CZ  1 
ATOM   249  N NH1 . ARG A 1 33  ? -17.011 -10.349 -2.221  1.00 15.00 ? 30  ARG A NH1 1 
ATOM   250  N NH2 . ARG A 1 33  ? -17.812 -11.648 -3.924  1.00 15.82 ? 30  ARG A NH2 1 
ATOM   251  N N   . GLN A 1 34  ? -17.259 -3.101  -2.132  1.00 15.77 ? 31  GLN A N   1 
ATOM   252  C CA  . GLN A 1 34  ? -16.391 -2.061  -1.611  1.00 15.18 ? 31  GLN A CA  1 
ATOM   253  C C   . GLN A 1 34  ? -15.093 -2.686  -1.140  1.00 15.71 ? 31  GLN A C   1 
ATOM   254  O O   . GLN A 1 34  ? -15.091 -3.672  -0.411  1.00 14.98 ? 31  GLN A O   1 
ATOM   255  C CB  . GLN A 1 34  ? -17.067 -1.355  -0.442  1.00 17.30 ? 31  GLN A CB  1 
ATOM   256  C CG  . GLN A 1 34  ? -16.116 -0.408  0.270   1.00 28.27 ? 31  GLN A CG  1 
ATOM   257  C CD  . GLN A 1 34  ? -16.627 0.999   0.355   1.00 42.18 ? 31  GLN A CD  1 
ATOM   258  O OE1 . GLN A 1 34  ? -17.230 1.522   -0.587  1.00 46.32 ? 31  GLN A OE1 1 
ATOM   259  N NE2 . GLN A 1 34  ? -16.331 1.655   1.471   1.00 52.76 ? 31  GLN A NE2 1 
ATOM   260  N N   . TRP A 1 35  ? -13.972 -2.098  -1.536  1.00 13.67 ? 32  TRP A N   1 
ATOM   261  C CA  . TRP A 1 35  ? -12.708 -2.633  -1.098  1.00 11.98 ? 32  TRP A CA  1 
ATOM   262  C C   . TRP A 1 35  ? -11.792 -1.476  -0.681  1.00 11.43 ? 32  TRP A C   1 
ATOM   263  O O   . TRP A 1 35  ? -12.017 -0.330  -1.092  1.00 16.03 ? 32  TRP A O   1 
ATOM   264  C CB  . TRP A 1 35  ? -12.044 -3.523  -2.152  1.00 13.47 ? 32  TRP A CB  1 
ATOM   265  C CG  . TRP A 1 35  ? -11.840 -2.910  -3.518  1.00 13.85 ? 32  TRP A CG  1 
ATOM   266  C CD1 . TRP A 1 35  ? -12.642 -3.060  -4.619  1.00 19.13 ? 32  TRP A CD1 1 
ATOM   267  C CD2 . TRP A 1 35  ? -10.731 -2.092  -3.941  1.00 17.55 ? 32  TRP A CD2 1 
ATOM   268  N NE1 . TRP A 1 35  ? -12.106 -2.380  -5.694  1.00 21.56 ? 32  TRP A NE1 1 
ATOM   269  C CE2 . TRP A 1 35  ? -10.928 -1.791  -5.306  1.00 24.28 ? 32  TRP A CE2 1 
ATOM   270  C CE3 . TRP A 1 35  ? -9.608  -1.569  -3.286  1.00 16.54 ? 32  TRP A CE3 1 
ATOM   271  C CZ2 . TRP A 1 35  ? -10.040 -0.998  -6.033  1.00 20.43 ? 32  TRP A CZ2 1 
ATOM   272  C CZ3 . TRP A 1 35  ? -8.715  -0.788  -4.026  1.00 17.81 ? 32  TRP A CZ3 1 
ATOM   273  C CH2 . TRP A 1 35  ? -8.956  -0.492  -5.361  1.00 18.35 ? 32  TRP A CH2 1 
ATOM   274  N N   . SER A 1 36  ? -10.881 -1.794  0.237   1.00 11.59 ? 33  SER A N   1 
ATOM   275  C CA  . SER A 1 36  ? -9.923  -0.810  0.776   1.00 12.01 ? 33  SER A CA  1 
ATOM   276  C C   . SER A 1 36  ? -8.531  -1.431  0.872   1.00 15.26 ? 33  SER A C   1 
ATOM   277  O O   . SER A 1 36  ? -8.365  -2.632  1.133   1.00 14.04 ? 33  SER A O   1 
ATOM   278  C CB  . SER A 1 36  ? -10.391 -0.301  2.147   1.00 17.03 ? 33  SER A CB  1 
ATOM   279  O OG  . SER A 1 36  ? -10.421 -1.347  3.128   1.00 20.16 ? 33  SER A OG  1 
ATOM   280  N N   . ILE A 1 37  ? -7.532  -0.602  0.598   1.00 13.09 ? 34  ILE A N   1 
ATOM   281  C CA  . ILE A 1 37  ? -6.136  -0.941  0.864   1.00 15.36 ? 34  ILE A CA  1 
ATOM   282  C C   . ILE A 1 37  ? -5.450  0.125   1.731   1.00 18.49 ? 34  ILE A C   1 
ATOM   283  O O   . ILE A 1 37  ? -5.799  1.302   1.617   1.00 15.99 ? 34  ILE A O   1 
ATOM   284  C CB  . ILE A 1 37  ? -5.353  -1.126  -0.434  1.00 14.76 ? 34  ILE A CB  1 
ATOM   285  C CG1 . ILE A 1 37  ? -6.044  -2.072  -1.412  1.00 16.79 ? 34  ILE A CG1 1 
ATOM   286  C CG2 . ILE A 1 37  ? -3.932  -1.571  -0.148  1.00 13.34 ? 34  ILE A CG2 1 
ATOM   287  C CD1 . ILE A 1 37  ? -5.431  -2.004  -2.802  1.00 18.62 ? 34  ILE A CD1 1 
ATOM   288  N N   . GLU A 1 38  ? -4.744  -0.325  2.780   1.00 18.68 ? 35  GLU A N   1 
ATOM   289  C CA  . GLU A 1 38  ? -3.961  0.541   3.670   1.00 17.01 ? 35  GLU A CA  1 
ATOM   290  C C   . GLU A 1 38  ? -2.546  -0.026  3.701   1.00 15.61 ? 35  GLU A C   1 
ATOM   291  O O   . GLU A 1 38  ? -2.348  -1.222  3.515   1.00 14.12 ? 35  GLU A O   1 
ATOM   292  C CB  . GLU A 1 38  ? -4.528  0.466   5.103   1.00 17.36 ? 35  GLU A CB  1 
ATOM   293  C CG  . GLU A 1 38  ? -5.995  0.800   5.248   1.00 29.85 ? 35  GLU A CG  1 
ATOM   294  C CD  . GLU A 1 38  ? -6.391  0.957   6.693   1.00 29.32 ? 35  GLU A CD  1 
ATOM   295  O OE1 . GLU A 1 38  ? -5.813  0.244   7.551   1.00 28.35 ? 35  GLU A OE1 1 
ATOM   296  O OE2 . GLU A 1 38  ? -7.234  1.839   6.979   1.00 42.47 ? 35  GLU A OE2 1 
ATOM   297  N N   . ILE A 1 39  ? -1.560  0.794   4.041   1.00 16.38 ? 36  ILE A N   1 
ATOM   298  C CA  . ILE A 1 39  ? -0.169  0.308   4.122   1.00 15.21 ? 36  ILE A CA  1 
ATOM   299  C C   . ILE A 1 39  ? 0.369   0.715   5.492   1.00 14.87 ? 36  ILE A C   1 
ATOM   300  O O   . ILE A 1 39  ? 0.234   1.881   5.885   1.00 13.82 ? 36  ILE A O   1 
ATOM   301  C CB  . ILE A 1 39  ? 0.683   0.949   2.997   1.00 16.81 ? 36  ILE A CB  1 
ATOM   302  C CG1 . ILE A 1 39  ? 0.007   0.692   1.651   1.00 18.44 ? 36  ILE A CG1 1 
ATOM   303  C CG2 . ILE A 1 39  ? 2.166   0.431   3.001   1.00 12.32 ? 36  ILE A CG2 1 
ATOM   304  C CD1 . ILE A 1 39  ? 0.811   1.207   0.459   1.00 23.34 ? 36  ILE A CD1 1 
ATOM   305  N N   . VAL A 1 40  ? 1.017   -0.229  6.174   1.00 13.41 ? 37  VAL A N   1 
ATOM   306  C CA  . VAL A 1 40  ? 1.734   0.043   7.421   1.00 15.44 ? 37  VAL A CA  1 
ATOM   307  C C   . VAL A 1 40  ? 3.160   -0.492  7.337   1.00 14.19 ? 37  VAL A C   1 
ATOM   308  O O   . VAL A 1 40  ? 3.527   -1.173  6.356   1.00 14.05 ? 37  VAL A O   1 
ATOM   309  C CB  . VAL A 1 40  ? 1.022   -0.576  8.666   1.00 13.45 ? 37  VAL A CB  1 
ATOM   310  C CG1 . VAL A 1 40  ? -0.396  -0.055  8.809   1.00 16.43 ? 37  VAL A CG1 1 
ATOM   311  C CG2 . VAL A 1 40  ? 1.023   -2.112  8.584   1.00 14.65 ? 37  VAL A CG2 1 
ATOM   312  N N   . LEU A 1 41  ? 4.006   0.075   8.190   1.00 14.88 ? 38  LEU A N   1 
ATOM   313  C CA  . LEU A 1 41  ? 5.400   -0.364  8.278   1.00 15.30 ? 38  LEU A CA  1 
ATOM   314  C C   . LEU A 1 41  ? 5.502   -1.270  9.506   1.00 16.35 ? 38  LEU A C   1 
ATOM   315  O O   . LEU A 1 41  ? 4.799   -1.062  10.489  1.00 16.63 ? 38  LEU A O   1 
ATOM   316  C CB  . LEU A 1 41  ? 6.266   0.881   8.437   1.00 16.22 ? 38  LEU A CB  1 
ATOM   317  C CG  . LEU A 1 41  ? 7.769   0.745   8.640   1.00 15.16 ? 38  LEU A CG  1 
ATOM   318  C CD1 . LEU A 1 41  ? 8.398   0.042   7.434   1.00 15.75 ? 38  LEU A CD1 1 
ATOM   319  C CD2 . LEU A 1 41  ? 8.263   2.176   8.811   1.00 14.93 ? 38  LEU A CD2 1 
ATOM   320  N N   . LEU A 1 42  ? 6.306   -2.319  9.407   1.00 13.65 ? 39  LEU A N   1 
ATOM   321  C CA  . LEU A 1 42  ? 6.611   -3.193  10.532  1.00 15.96 ? 39  LEU A CA  1 
ATOM   322  C C   . LEU A 1 42  ? 7.940   -2.769  11.132  1.00 18.01 ? 39  LEU A C   1 
ATOM   323  O O   . LEU A 1 42  ? 8.917   -2.517  10.410  1.00 17.31 ? 39  LEU A O   1 
ATOM   324  C CB  . LEU A 1 42  ? 6.709   -4.646  10.061  1.00 16.79 ? 39  LEU A CB  1 
ATOM   325  C CG  . LEU A 1 42  ? 5.511   -5.237  9.314   1.00 17.73 ? 39  LEU A CG  1 
ATOM   326  C CD1 . LEU A 1 42  ? 5.724   -6.743  9.086   1.00 15.26 ? 39  LEU A CD1 1 
ATOM   327  C CD2 . LEU A 1 42  ? 4.274   -5.001  10.157  1.00 15.94 ? 39  LEU A CD2 1 
ATOM   328  N N   . ASP A 1 43  ? 7.977   -2.695  12.461  1.00 18.38 ? 40  ASP A N   1 
ATOM   329  C CA  . ASP A 1 43  ? 9.230   -2.489  13.170  1.00 17.42 ? 40  ASP A CA  1 
ATOM   330  C C   . ASP A 1 43  ? 9.967   -3.812  13.381  1.00 17.73 ? 40  ASP A C   1 
ATOM   331  O O   . ASP A 1 43  ? 9.561   -4.842  12.842  1.00 18.90 ? 40  ASP A O   1 
ATOM   332  C CB  . ASP A 1 43  ? 9.005   -1.709  14.467  1.00 18.28 ? 40  ASP A CB  1 
ATOM   333  C CG  . ASP A 1 43  ? 8.361   -2.556  15.564  1.00 22.69 ? 40  ASP A CG  1 
ATOM   334  O OD1 . ASP A 1 43  ? 8.209   -3.784  15.383  1.00 22.04 ? 40  ASP A OD1 1 
ATOM   335  O OD2 . ASP A 1 43  ? 7.971   -1.976  16.597  1.00 22.77 ? 40  ASP A OD2 1 
ATOM   336  N N   . ASP A 1 44  ? 11.145  -3.764  13.997  1.00 19.45 ? 41  ASP A N   1 
ATOM   337  C CA  . ASP A 1 44  ? 12.002  -4.947  13.992  1.00 22.85 ? 41  ASP A CA  1 
ATOM   338  C C   . ASP A 1 44  ? 11.512  -6.059  14.926  1.00 24.54 ? 41  ASP A C   1 
ATOM   339  O O   . ASP A 1 44  ? 12.083  -7.146  14.948  1.00 26.01 ? 41  ASP A O   1 
ATOM   340  C CB  . ASP A 1 44  ? 13.477  -4.594  14.231  1.00 23.95 ? 41  ASP A CB  1 
ATOM   341  C CG  . ASP A 1 44  ? 13.694  -3.787  15.497  1.00 28.54 ? 41  ASP A CG  1 
ATOM   342  O OD1 . ASP A 1 44  ? 12.730  -3.584  16.267  1.00 34.19 ? 41  ASP A OD1 1 
ATOM   343  O OD2 . ASP A 1 44  ? 14.845  -3.369  15.731  1.00 34.17 ? 41  ASP A OD2 1 
ATOM   344  N N   . GLU A 1 45  ? 10.389  -5.815  15.600  1.00 24.55 ? 42  GLU A N   1 
ATOM   345  C CA  . GLU A 1 45  ? 9.687   -6.833  16.386  1.00 24.25 ? 42  GLU A CA  1 
ATOM   346  C C   . GLU A 1 45  ? 8.373   -7.249  15.736  1.00 23.45 ? 42  GLU A C   1 
ATOM   347  O O   . GLU A 1 45  ? 7.552   -7.914  16.362  1.00 22.87 ? 42  GLU A O   1 
ATOM   348  C CB  . GLU A 1 45  ? 9.378   -6.302  17.784  1.00 22.09 ? 42  GLU A CB  1 
ATOM   349  C CG  . GLU A 1 45  ? 10.604  -5.853  18.561  1.00 29.78 ? 42  GLU A CG  1 
ATOM   350  C CD  . GLU A 1 45  ? 10.246  -5.315  19.931  1.00 35.82 ? 42  GLU A CD  1 
ATOM   351  O OE1 . GLU A 1 45  ? 9.575   -4.266  20.009  1.00 44.38 ? 42  GLU A OE1 1 
ATOM   352  O OE2 . GLU A 1 45  ? 10.601  -5.962  20.932  1.00 37.44 ? 42  GLU A OE2 1 
ATOM   353  N N   . GLY A 1 46  ? 8.112   -6.740  14.539  1.00 22.29 ? 43  GLY A N   1 
ATOM   354  C CA  . GLY A 1 46  ? 6.913   -7.116  13.801  1.00 20.59 ? 43  GLY A CA  1 
ATOM   355  C C   . GLY A 1 46  ? 5.647   -6.375  14.202  1.00 19.73 ? 43  GLY A C   1 
ATOM   356  O O   . GLY A 1 46  ? 4.549   -6.760  13.802  1.00 20.54 ? 43  GLY A O   1 
ATOM   357  N N   . LYS A 1 47  ? 5.777   -5.313  14.991  1.00 18.83 ? 44  LYS A N   1 
ATOM   358  C CA  . LYS A 1 47  ? 4.607   -4.494  15.328  1.00 19.06 ? 44  LYS A CA  1 
ATOM   359  C C   . LYS A 1 47  ? 4.314   -3.488  14.212  1.00 18.84 ? 44  LYS A C   1 
ATOM   360  O O   . LYS A 1 47  ? 5.233   -3.096  13.489  1.00 16.92 ? 44  LYS A O   1 
ATOM   361  C CB  . LYS A 1 47  ? 4.835   -3.797  16.672  1.00 22.80 ? 44  LYS A CB  1 
ATOM   362  C CG  . LYS A 1 47  ? 4.076   -2.503  16.905  1.00 27.46 ? 44  LYS A CG  1 
ATOM   363  C CD  . LYS A 1 47  ? 5.047   -1.322  16.971  1.00 37.13 ? 44  LYS A CD  1 
ATOM   364  C CE  . LYS A 1 47  ? 5.251   -0.831  18.394  1.00 42.38 ? 44  LYS A CE  1 
ATOM   365  N NZ  . LYS A 1 47  ? 3.971   -0.938  19.144  1.00 45.21 ? 44  LYS A NZ  1 
ATOM   366  N N   . GLU A 1 48  ? 3.033   -3.217  13.949  1.00 16.33 ? 45  GLU A N   1 
ATOM   367  C CA  . GLU A 1 48  ? 2.668   -2.264  12.894  1.00 17.37 ? 45  GLU A CA  1 
ATOM   368  C C   . GLU A 1 48  ? 2.802   -0.841  13.420  1.00 18.67 ? 45  GLU A C   1 
ATOM   369  O O   . GLU A 1 48  ? 2.296   -0.516  14.494  1.00 18.47 ? 45  GLU A O   1 
ATOM   370  C CB  . GLU A 1 48  ? 1.219   -2.473  12.407  1.00 19.11 ? 45  GLU A CB  1 
ATOM   371  C CG  . GLU A 1 48  ? 0.926   -3.838  11.817  1.00 16.16 ? 45  GLU A CG  1 
ATOM   372  C CD  . GLU A 1 48  ? -0.504  -3.971  11.301  1.00 24.78 ? 45  GLU A CD  1 
ATOM   373  O OE1 . GLU A 1 48  ? -1.316  -3.046  11.516  1.00 20.45 ? 45  GLU A OE1 1 
ATOM   374  O OE2 . GLU A 1 48  ? -0.802  -4.981  10.628  1.00 18.54 ? 45  GLU A OE2 1 
ATOM   375  N N   . ILE A 1 49  ? 3.479   0.010   12.658  1.00 16.22 ? 46  ILE A N   1 
ATOM   376  C CA  . ILE A 1 49  ? 3.606   1.422   13.006  1.00 16.27 ? 46  ILE A CA  1 
ATOM   377  C C   . ILE A 1 49  ? 3.307   2.252   11.757  1.00 16.30 ? 46  ILE A C   1 
ATOM   378  O O   . ILE A 1 49  ? 3.401   1.754   10.628  1.00 16.11 ? 46  ILE A O   1 
ATOM   379  C CB  . ILE A 1 49  ? 5.052   1.742   13.496  1.00 14.67 ? 46  ILE A CB  1 
ATOM   380  C CG1 . ILE A 1 49  ? 6.061   1.471   12.372  1.00 14.75 ? 46  ILE A CG1 1 
ATOM   381  C CG2 . ILE A 1 49  ? 5.389   0.891   14.702  1.00 20.70 ? 46  ILE A CG2 1 
ATOM   382  C CD1 . ILE A 1 49  ? 7.465   1.983   12.677  1.00 13.53 ? 46  ILE A CD1 1 
ATOM   383  N N   . PRO A 1 50  ? 3.050   3.551   11.935  1.00 15.32 ? 47  PRO A N   1 
ATOM   384  C CA  . PRO A 1 50  ? 2.750   4.306   10.726  1.00 15.69 ? 47  PRO A CA  1 
ATOM   385  C C   . PRO A 1 50  ? 3.922   4.343   9.736   1.00 13.88 ? 47  PRO A C   1 
ATOM   386  O O   . PRO A 1 50  ? 5.101   4.467   10.134  1.00 15.40 ? 47  PRO A O   1 
ATOM   387  C CB  . PRO A 1 50  ? 2.426   5.710   11.245  1.00 16.05 ? 47  PRO A CB  1 
ATOM   388  C CG  . PRO A 1 50  ? 2.054   5.503   12.715  1.00 17.57 ? 47  PRO A CG  1 
ATOM   389  C CD  . PRO A 1 50  ? 2.910   4.354   13.170  1.00 16.22 ? 47  PRO A CD  1 
ATOM   390  N N   . ALA A 1 51  ? 3.607   4.233   8.450   1.00 15.84 ? 48  ALA A N   1 
ATOM   391  C CA  . ALA A 1 51  ? 4.640   4.188   7.416   1.00 13.60 ? 48  ALA A CA  1 
ATOM   392  C C   . ALA A 1 51  ? 5.126   5.582   6.981   1.00 14.98 ? 48  ALA A C   1 
ATOM   393  O O   . ALA A 1 51  ? 4.845   6.033   5.865   1.00 11.52 ? 48  ALA A O   1 
ATOM   394  C CB  . ALA A 1 51  ? 4.120   3.395   6.214   1.00 14.54 ? 48  ALA A CB  1 
ATOM   395  N N   . THR A 1 52  ? 5.679   6.332   7.940   1.00 14.83 ? 49  THR A N   1 
ATOM   396  C CA  . THR A 1 52  ? 6.081   7.723   7.727   1.00 14.73 ? 49  THR A CA  1 
ATOM   397  C C   . THR A 1 52  ? 7.374   7.838   6.902   1.00 13.23 ? 49  THR A C   1 
ATOM   398  O O   . THR A 1 52  ? 7.786   8.949   6.535   1.00 12.64 ? 49  THR A O   1 
ATOM   399  C CB  . THR A 1 52  ? 6.359   8.432   9.099   1.00 13.75 ? 49  THR A CB  1 
ATOM   400  O OG1 . THR A 1 52  ? 7.435   7.764   9.787   1.00 17.66 ? 49  THR A OG1 1 
ATOM   401  C CG2 . THR A 1 52  ? 5.110   8.466   10.000  1.00 25.64 ? 49  THR A CG2 1 
ATOM   402  N N   . ILE A 1 53  ? 7.904   6.702   6.437   1.00 13.15 ? 50  ILE A N   1 
ATOM   403  C CA  . ILE A 1 53  ? 9.011   6.743   5.511   1.00 12.09 ? 50  ILE A CA  1 
ATOM   404  C C   . ILE A 1 53  ? 8.554   7.107   4.085   1.00 15.14 ? 50  ILE A C   1 
ATOM   405  O O   . ILE A 1 53  ? 9.392   7.232   3.186   1.00 11.71 ? 50  ILE A O   1 
ATOM   406  C CB  . ILE A 1 53  ? 9.745   5.389   5.489   1.00 12.13 ? 50  ILE A CB  1 
ATOM   407  C CG1 . ILE A 1 53  ? 8.771   4.225   5.221   1.00 11.76 ? 50  ILE A CG1 1 
ATOM   408  C CG2 . ILE A 1 53  ? 10.508  5.132   6.807   1.00 14.41 ? 50  ILE A CG2 1 
ATOM   409  C CD1 . ILE A 1 53  ? 9.497   2.909   4.801   1.00 16.54 ? 50  ILE A CD1 1 
ATOM   410  N N   . PHE A 1 54  ? 7.243   7.094   3.825   1.00 12.58 ? 51  PHE A N   1 
ATOM   411  C CA  . PHE A 1 54  ? 6.772   7.492   2.492   1.00 13.23 ? 51  PHE A CA  1 
ATOM   412  C C   . PHE A 1 54  ? 6.163   8.881   2.621   1.00 16.41 ? 51  PHE A C   1 
ATOM   413  O O   . PHE A 1 54  ? 5.383   9.121   3.508   1.00 17.85 ? 51  PHE A O   1 
ATOM   414  C CB  . PHE A 1 54  ? 5.680   6.532   2.057   1.00 11.19 ? 51  PHE A CB  1 
ATOM   415  C CG  . PHE A 1 54  ? 6.165   5.101   2.069   1.00 12.15 ? 51  PHE A CG  1 
ATOM   416  C CD1 . PHE A 1 54  ? 7.331   4.778   1.384   1.00 12.28 ? 51  PHE A CD1 1 
ATOM   417  C CD2 . PHE A 1 54  ? 5.352   4.089   2.564   1.00 11.99 ? 51  PHE A CD2 1 
ATOM   418  C CE1 . PHE A 1 54  ? 7.812   3.468   1.376   1.00 8.88  ? 51  PHE A CE1 1 
ATOM   419  C CE2 . PHE A 1 54  ? 5.806   2.774   2.574   1.00 16.29 ? 51  PHE A CE2 1 
ATOM   420  C CZ  . PHE A 1 54  ? 7.030   2.448   1.939   1.00 10.80 ? 51  PHE A CZ  1 
ATOM   421  N N   . ASP A 1 55  ? 6.448   9.774   1.696   1.00 17.51 ? 52  ASP A N   1 
ATOM   422  C CA  . ASP A 1 55  ? 5.689   11.012  1.785   1.00 19.30 ? 52  ASP A CA  1 
ATOM   423  C C   . ASP A 1 55  ? 4.491   10.975  0.844   1.00 17.17 ? 52  ASP A C   1 
ATOM   424  O O   . ASP A 1 55  ? 3.670   11.864  0.848   1.00 18.08 ? 52  ASP A O   1 
ATOM   425  C CB  . ASP A 1 55  ? 6.536   12.274  1.659   1.00 24.55 ? 52  ASP A CB  1 
ATOM   426  C CG  . ASP A 1 55  ? 7.198   12.377  0.355   1.00 30.54 ? 52  ASP A CG  1 
ATOM   427  O OD1 . ASP A 1 55  ? 6.940   11.456  -0.431  1.00 22.66 ? 52  ASP A OD1 1 
ATOM   428  O OD2 . ASP A 1 55  ? 8.055   13.271  0.160   1.00 29.06 ? 52  ASP A OD2 1 
ATOM   429  N N   . LYS A 1 56  ? 4.452   9.963   -0.019  1.00 15.80 ? 53  LYS A N   1 
ATOM   430  C CA  . LYS A 1 56  ? 3.182   9.696   -0.703  1.00 16.60 ? 53  LYS A CA  1 
ATOM   431  C C   . LYS A 1 56  ? 3.076   8.315   -1.306  1.00 16.39 ? 53  LYS A C   1 
ATOM   432  O O   . LYS A 1 56  ? 4.077   7.634   -1.475  1.00 12.92 ? 53  LYS A O   1 
ATOM   433  C CB  . LYS A 1 56  ? 2.935   10.738  -1.774  1.00 20.17 ? 53  LYS A CB  1 
ATOM   434  C CG  . LYS A 1 56  ? 3.849   10.615  -2.932  1.00 19.18 ? 53  LYS A CG  1 
ATOM   435  C CD  . LYS A 1 56  ? 3.541   11.762  -3.926  1.00 35.56 ? 53  LYS A CD  1 
ATOM   436  C CE  . LYS A 1 56  ? 4.047   11.454  -5.331  1.00 41.14 ? 53  LYS A CE  1 
ATOM   437  N NZ  . LYS A 1 56  ? 4.969   12.516  -5.834  1.00 43.43 ? 53  LYS A NZ  1 
ATOM   438  N N   . VAL A 1 57  ? 1.837   7.889   -1.568  1.00 12.30 ? 54  VAL A N   1 
ATOM   439  C CA  . VAL A 1 57  ? 1.581   6.591   -2.122  1.00 13.01 ? 54  VAL A CA  1 
ATOM   440  C C   . VAL A 1 57  ? 0.586   6.793   -3.257  1.00 13.20 ? 54  VAL A C   1 
ATOM   441  O O   . VAL A 1 57  ? -0.334  7.578   -3.135  1.00 14.19 ? 54  VAL A O   1 
ATOM   442  C CB  . VAL A 1 57  ? 0.964   5.651   -1.057  1.00 12.20 ? 54  VAL A CB  1 
ATOM   443  C CG1 . VAL A 1 57  ? 0.483   4.369   -1.745  1.00 13.46 ? 54  VAL A CG1 1 
ATOM   444  C CG2 . VAL A 1 57  ? 2.074   5.312   0.008   1.00 8.25  ? 54  VAL A CG2 1 
ATOM   445  N N   . ILE A 1 58  ? 0.872   6.221   -4.420  1.00 10.23 ? 55  ILE A N   1 
ATOM   446  C CA  . ILE A 1 58  ? -0.123  6.333   -5.483  1.00 14.51 ? 55  ILE A CA  1 
ATOM   447  C C   . ILE A 1 58  ? -0.585  4.941   -5.848  1.00 15.68 ? 55  ILE A C   1 
ATOM   448  O O   . ILE A 1 58  ? 0.228   4.077   -6.202  1.00 15.33 ? 55  ILE A O   1 
ATOM   449  C CB  . ILE A 1 58  ? 0.476   7.044   -6.746  1.00 13.78 ? 55  ILE A CB  1 
ATOM   450  C CG1 . ILE A 1 58  ? 1.157   8.365   -6.348  1.00 15.38 ? 55  ILE A CG1 1 
ATOM   451  C CG2 . ILE A 1 58  ? -0.652  7.278   -7.781  1.00 13.97 ? 55  ILE A CG2 1 
ATOM   452  C CD1 . ILE A 1 58  ? 1.900   9.072   -7.518  1.00 18.56 ? 55  ILE A CD1 1 
ATOM   453  N N   . TYR A 1 59  ? -1.908  4.738   -5.820  1.00 13.71 ? 56  TYR A N   1 
ATOM   454  C CA  . TYR A 1 59  ? -2.450  3.478   -6.286  1.00 13.18 ? 56  TYR A CA  1 
ATOM   455  C C   . TYR A 1 59  ? -2.831  3.550   -7.765  1.00 17.39 ? 56  TYR A C   1 
ATOM   456  O O   . TYR A 1 59  ? -3.513  4.479   -8.218  1.00 20.66 ? 56  TYR A O   1 
ATOM   457  C CB  . TYR A 1 59  ? -3.706  3.117   -5.510  1.00 14.35 ? 56  TYR A CB  1 
ATOM   458  C CG  . TYR A 1 59  ? -3.468  2.892   -4.038  1.00 11.82 ? 56  TYR A CG  1 
ATOM   459  C CD1 . TYR A 1 59  ? -3.172  1.620   -3.571  1.00 13.34 ? 56  TYR A CD1 1 
ATOM   460  C CD2 . TYR A 1 59  ? -3.584  3.925   -3.116  1.00 12.33 ? 56  TYR A CD2 1 
ATOM   461  C CE1 . TYR A 1 59  ? -2.885  1.377   -2.256  1.00 14.56 ? 56  TYR A CE1 1 
ATOM   462  C CE2 . TYR A 1 59  ? -3.313  3.698   -1.790  1.00 13.42 ? 56  TYR A CE2 1 
ATOM   463  C CZ  . TYR A 1 59  ? -3.033  2.399   -1.352  1.00 12.86 ? 56  TYR A CZ  1 
ATOM   464  O OH  . TYR A 1 59  ? -2.756  2.172   -0.024  1.00 16.78 ? 56  TYR A OH  1 
ATOM   465  N N   . HIS A 1 60  ? -2.239  2.682   -8.548  1.00 13.47 ? 57  HIS A N   1 
ATOM   466  C CA  . HIS A 1 60  ? -2.469  2.769   -9.980  1.00 12.08 ? 57  HIS A CA  1 
ATOM   467  C C   . HIS A 1 60  ? -3.472  1.695   -10.363 1.00 15.91 ? 57  HIS A C   1 
ATOM   468  O O   . HIS A 1 60  ? -3.144  0.512   -10.450 1.00 14.62 ? 57  HIS A O   1 
ATOM   469  C CB  . HIS A 1 60  ? -1.179  2.581   -10.747 1.00 13.89 ? 57  HIS A CB  1 
ATOM   470  C CG  . HIS A 1 60  ? -0.114  3.557   -10.355 1.00 16.00 ? 57  HIS A CG  1 
ATOM   471  N ND1 . HIS A 1 60  ? -0.153  4.885   -10.735 1.00 14.72 ? 57  HIS A ND1 1 
ATOM   472  C CD2 . HIS A 1 60  ? 1.103   3.355   -9.801  1.00 12.54 ? 57  HIS A CD2 1 
ATOM   473  C CE1 . HIS A 1 60  ? 0.986   5.468   -10.388 1.00 17.59 ? 57  HIS A CE1 1 
ATOM   474  N NE2 . HIS A 1 60  ? 1.740   4.574   -9.770  1.00 15.74 ? 57  HIS A NE2 1 
ATOM   475  N N   . LEU A 1 61  ? -4.705  2.122   -10.532 1.00 14.67 ? 58  LEU A N   1 
ATOM   476  C CA  . LEU A 1 61  ? -5.769  1.147   -10.741 1.00 17.56 ? 58  LEU A CA  1 
ATOM   477  C C   . LEU A 1 61  ? -5.919  0.786   -12.215 1.00 18.62 ? 58  LEU A C   1 
ATOM   478  O O   . LEU A 1 61  ? -5.430  1.490   -13.099 1.00 17.62 ? 58  LEU A O   1 
ATOM   479  C CB  . LEU A 1 61  ? -7.074  1.704   -10.192 1.00 14.34 ? 58  LEU A CB  1 
ATOM   480  C CG  . LEU A 1 61  ? -6.971  2.127   -8.716  1.00 17.70 ? 58  LEU A CG  1 
ATOM   481  C CD1 . LEU A 1 61  ? -8.345  2.550   -8.254  1.00 23.01 ? 58  LEU A CD1 1 
ATOM   482  C CD2 . LEU A 1 61  ? -6.415  1.024   -7.829  1.00 18.74 ? 58  LEU A CD2 1 
ATOM   483  N N   . HIS A 1 62  ? -6.689  -0.269  -12.476 1.00 21.30 ? 59  HIS A N   1 
ATOM   484  C CA  . HIS A 1 62  ? -7.092  -0.588  -13.842 1.00 24.63 ? 59  HIS A CA  1 
ATOM   485  C C   . HIS A 1 62  ? -7.656  0.669   -14.503 1.00 26.16 ? 59  HIS A C   1 
ATOM   486  O O   . HIS A 1 62  ? -8.415  1.422   -13.880 1.00 20.92 ? 59  HIS A O   1 
ATOM   487  C CB  . HIS A 1 62  ? -8.140  -1.700  -13.839 1.00 27.72 ? 59  HIS A CB  1 
ATOM   488  C CG  . HIS A 1 62  ? -8.357  -2.325  -15.182 1.00 36.96 ? 59  HIS A CG  1 
ATOM   489  N ND1 . HIS A 1 62  ? -9.056  -1.695  -16.189 1.00 45.10 ? 59  HIS A ND1 1 
ATOM   490  C CD2 . HIS A 1 62  ? -7.939  -3.507  -15.694 1.00 43.10 ? 59  HIS A CD2 1 
ATOM   491  C CE1 . HIS A 1 62  ? -9.058  -2.462  -17.265 1.00 50.26 ? 59  HIS A CE1 1 
ATOM   492  N NE2 . HIS A 1 62  ? -8.389  -3.568  -16.991 1.00 50.14 ? 59  HIS A NE2 1 
ATOM   493  N N   . PRO A 1 63  ? -7.249  0.920   -15.756 1.00 28.98 ? 60  PRO A N   1 
ATOM   494  C CA  . PRO A 1 63  ? -7.492  2.184   -16.449 1.00 31.65 ? 60  PRO A CA  1 
ATOM   495  C C   . PRO A 1 63  ? -8.965  2.470   -16.717 1.00 32.69 ? 60  PRO A C   1 
ATOM   496  O O   . PRO A 1 63  ? -9.315  3.615   -17.005 1.00 35.32 ? 60  PRO A O   1 
ATOM   497  C CB  . PRO A 1 63  ? -6.736  2.007   -17.773 1.00 35.08 ? 60  PRO A CB  1 
ATOM   498  C CG  . PRO A 1 63  ? -5.657  1.023   -17.452 1.00 34.79 ? 60  PRO A CG  1 
ATOM   499  C CD  . PRO A 1 63  ? -6.305  0.062   -16.495 1.00 32.01 ? 60  PRO A CD  1 
ATOM   500  N N   . THR A 1 64  ? -9.827  1.476   -16.514 1.00 32.07 ? 61  THR A N   1 
ATOM   501  C CA  . THR A 1 64  ? -11.269 1.687   -16.628 1.00 32.85 ? 61  THR A CA  1 
ATOM   502  C C   . THR A 1 64  ? -11.915 2.222   -15.355 1.00 31.73 ? 61  THR A C   1 
ATOM   503  O O   . THR A 1 64  ? -13.137 2.321   -15.290 1.00 30.81 ? 61  THR A O   1 
ATOM   504  C CB  . THR A 1 64  ? -12.015 0.392   -16.989 1.00 33.66 ? 61  THR A CB  1 
ATOM   505  O OG1 . THR A 1 64  ? -11.847 -0.568  -15.933 1.00 34.88 ? 61  THR A OG1 1 
ATOM   506  C CG2 . THR A 1 64  ? -11.526 -0.170  -18.327 1.00 33.85 ? 61  THR A CG2 1 
ATOM   507  N N   . PHE A 1 65  ? -11.134 2.414   -14.294 1.00 25.38 ? 62  PHE A N   1 
ATOM   508  C CA  . PHE A 1 65  ? -11.650 3.150   -13.151 1.00 23.47 ? 62  PHE A CA  1 
ATOM   509  C C   . PHE A 1 65  ? -11.764 4.616   -13.517 1.00 24.84 ? 62  PHE A C   1 
ATOM   510  O O   . PHE A 1 65  ? -10.850 5.171   -14.129 1.00 24.93 ? 62  PHE A O   1 
ATOM   511  C CB  . PHE A 1 65  ? -10.734 3.012   -11.935 1.00 21.99 ? 62  PHE A CB  1 
ATOM   512  C CG  . PHE A 1 65  ? -11.015 1.794   -11.121 1.00 20.31 ? 62  PHE A CG  1 
ATOM   513  C CD1 . PHE A 1 65  ? -11.926 1.837   -10.069 1.00 24.10 ? 62  PHE A CD1 1 
ATOM   514  C CD2 . PHE A 1 65  ? -10.463 0.580   -11.478 1.00 20.91 ? 62  PHE A CD2 1 
ATOM   515  C CE1 . PHE A 1 65  ? -12.225 0.682   -9.336  1.00 22.63 ? 62  PHE A CE1 1 
ATOM   516  C CE2 . PHE A 1 65  ? -10.734 -0.566  -10.732 1.00 25.44 ? 62  PHE A CE2 1 
ATOM   517  C CZ  . PHE A 1 65  ? -11.625 -0.512  -9.679  1.00 24.16 ? 62  PHE A CZ  1 
ATOM   518  N N   . ALA A 1 66  ? -12.745 5.278   -12.913 1.00 28.28 ? 63  ALA A N   1 
ATOM   519  C CA  . ALA A 1 66  ? -12.981 6.703   -13.154 1.00 32.89 ? 63  ALA A CA  1 
ATOM   520  C C   . ALA A 1 66  ? -11.790 7.558   -12.739 1.00 34.38 ? 63  ALA A C   1 
ATOM   521  O O   . ALA A 1 66  ? -11.391 8.478   -13.459 1.00 36.85 ? 63  ALA A O   1 
ATOM   522  C CB  . ALA A 1 66  ? -14.255 7.165   -12.442 1.00 33.59 ? 63  ALA A CB  1 
ATOM   523  N N   . ASN A 1 67  ? -11.203 7.229   -11.592 1.00 29.92 ? 64  ASN A N   1 
ATOM   524  C CA  . ASN A 1 67  ? -10.069 7.965   -11.081 1.00 31.43 ? 64  ASN A CA  1 
ATOM   525  C C   . ASN A 1 67  ? -8.958  6.939   -10.816 1.00 28.07 ? 64  ASN A C   1 
ATOM   526  O O   . ASN A 1 67  ? -8.880  6.426   -9.694  1.00 25.93 ? 64  ASN A O   1 
ATOM   527  C CB  . ASN A 1 67  ? -10.435 8.663   -9.752  1.00 31.18 ? 64  ASN A CB  1 
ATOM   528  C CG  . ASN A 1 67  ? -11.540 9.710   -9.905  1.00 37.91 ? 64  ASN A CG  1 
ATOM   529  O OD1 . ASN A 1 67  ? -11.296 10.823  -10.375 1.00 45.03 ? 64  ASN A OD1 1 
ATOM   530  N ND2 . ASN A 1 67  ? -12.749 9.366   -9.469  1.00 39.86 ? 64  ASN A ND2 1 
ATOM   531  N N   . PRO A 1 68  ? -8.213  6.530   -11.869 1.00 23.81 ? 65  PRO A N   1 
ATOM   532  C CA  . PRO A 1 68  ? -7.410  5.302   -11.784 1.00 20.35 ? 65  PRO A CA  1 
ATOM   533  C C   . PRO A 1 68  ? -6.024  5.508   -11.121 1.00 18.79 ? 65  PRO A C   1 
ATOM   534  O O   . PRO A 1 68  ? -5.429  4.543   -10.655 1.00 20.51 ? 65  PRO A O   1 
ATOM   535  C CB  . PRO A 1 68  ? -7.225  4.908   -13.247 1.00 19.57 ? 65  PRO A CB  1 
ATOM   536  C CG  . PRO A 1 68  ? -7.236  6.221   -13.993 1.00 21.11 ? 65  PRO A CG  1 
ATOM   537  C CD  . PRO A 1 68  ? -8.020  7.224   -13.154 1.00 24.99 ? 65  PRO A CD  1 
ATOM   538  N N   . ASN A 1 69  ? -5.603  6.749   -10.927 1.00 16.53 ? 66  ASN A N   1 
ATOM   539  C CA  . ASN A 1 69  ? -4.316  6.988   -10.212 1.00 14.07 ? 66  ASN A CA  1 
ATOM   540  C C   . ASN A 1 69  ? -4.542  7.905   -9.045  1.00 19.14 ? 66  ASN A C   1 
ATOM   541  O O   . ASN A 1 69  ? -4.839  9.088   -9.234  1.00 24.22 ? 66  ASN A O   1 
ATOM   542  C CB  . ASN A 1 69  ? -3.281  7.587   -11.143 1.00 13.68 ? 66  ASN A CB  1 
ATOM   543  C CG  . ASN A 1 69  ? -3.005  6.690   -12.311 1.00 19.94 ? 66  ASN A CG  1 
ATOM   544  O OD1 . ASN A 1 69  ? -2.478  5.601   -12.126 1.00 14.75 ? 66  ASN A OD1 1 
ATOM   545  N ND2 . ASN A 1 69  ? -3.570  7.027   -13.468 1.00 16.81 ? 66  ASN A ND2 1 
ATOM   546  N N   . ARG A 1 70  ? -4.617  7.318   -7.859  1.00 14.24 ? 67  ARG A N   1 
ATOM   547  C CA  A ARG A 1 70  ? -5.116  8.002   -6.666  0.70 17.22 ? 67  ARG A CA  1 
ATOM   548  C CA  B ARG A 1 70  ? -5.047  8.115   -6.732  0.30 15.69 ? 67  ARG A CA  1 
ATOM   549  C C   . ARG A 1 70  ? -3.913  8.250   -5.724  1.00 15.62 ? 67  ARG A C   1 
ATOM   550  O O   . ARG A 1 70  ? -3.291  7.260   -5.292  1.00 16.78 ? 67  ARG A O   1 
ATOM   551  C CB  A ARG A 1 70  ? -6.093  7.041   -5.987  0.70 17.55 ? 67  ARG A CB  1 
ATOM   552  C CB  B ARG A 1 70  ? -6.354  7.599   -6.128  0.30 16.49 ? 67  ARG A CB  1 
ATOM   553  C CG  A ARG A 1 70  ? -7.119  6.470   -6.959  0.70 27.01 ? 67  ARG A CG  1 
ATOM   554  C CG  B ARG A 1 70  ? -7.570  7.806   -7.045  0.30 11.06 ? 67  ARG A CG  1 
ATOM   555  C CD  A ARG A 1 70  ? -8.375  7.314   -6.933  0.70 33.46 ? 67  ARG A CD  1 
ATOM   556  C CD  B ARG A 1 70  ? -8.697  8.535   -6.330  0.30 15.80 ? 67  ARG A CD  1 
ATOM   557  N NE  A ARG A 1 70  ? -9.226  6.932   -5.806  0.70 44.41 ? 67  ARG A NE  1 
ATOM   558  N NE  B ARG A 1 70  ? -9.465  7.650   -5.445  0.30 22.38 ? 67  ARG A NE  1 
ATOM   559  C CZ  A ARG A 1 70  ? -9.476  7.696   -4.744  0.70 38.63 ? 67  ARG A CZ  1 
ATOM   560  C CZ  B ARG A 1 70  ? -10.215 6.620   -5.838  0.30 21.48 ? 67  ARG A CZ  1 
ATOM   561  N NH1 A ARG A 1 70  ? -8.960  8.921   -4.645  0.70 41.12 ? 67  ARG A NH1 1 
ATOM   562  N NH1 B ARG A 1 70  ? -10.803 5.876   -4.909  0.30 20.98 ? 67  ARG A NH1 1 
ATOM   563  N NH2 A ARG A 1 70  ? -10.264 7.233   -3.784  0.70 38.12 ? 67  ARG A NH2 1 
ATOM   564  N NH2 B ARG A 1 70  ? -10.273 6.238   -7.117  0.30 2.42  ? 67  ARG A NH2 1 
ATOM   565  N N   . THR A 1 71  ? -3.690  9.496   -5.330  1.00 16.76 ? 68  THR A N   1 
ATOM   566  C CA  . THR A 1 71  ? -2.522  9.866   -4.524  1.00 17.66 ? 68  THR A CA  1 
ATOM   567  C C   . THR A 1 71  ? -2.950  10.098  -3.079  1.00 17.25 ? 68  THR A C   1 
ATOM   568  O O   . THR A 1 71  ? -3.965  10.729  -2.822  1.00 20.82 ? 68  THR A O   1 
ATOM   569  C CB  . THR A 1 71  ? -1.904  11.181  -5.066  1.00 19.44 ? 68  THR A CB  1 
ATOM   570  O OG1 . THR A 1 71  ? -1.290  10.914  -6.332  1.00 19.53 ? 68  THR A OG1 1 
ATOM   571  C CG2 . THR A 1 71  ? -0.874  11.735  -4.077  1.00 20.10 ? 68  THR A CG2 1 
ATOM   572  N N   . PHE A 1 72  ? -2.204  9.545   -2.133  1.00 10.95 ? 69  PHE A N   1 
ATOM   573  C CA  . PHE A 1 72  ? -2.529  9.768   -0.731  1.00 13.18 ? 69  PHE A CA  1 
ATOM   574  C C   . PHE A 1 72  ? -1.241  10.179  -0.045  1.00 13.66 ? 69  PHE A C   1 
ATOM   575  O O   . PHE A 1 72  ? -0.169  9.698   -0.386  1.00 15.16 ? 69  PHE A O   1 
ATOM   576  C CB  . PHE A 1 72  ? -3.018  8.461   -0.113  1.00 13.51 ? 69  PHE A CB  1 
ATOM   577  C CG  . PHE A 1 72  ? -4.352  8.021   -0.642  1.00 15.53 ? 69  PHE A CG  1 
ATOM   578  C CD1 . PHE A 1 72  ? -5.508  8.625   -0.200  1.00 24.45 ? 69  PHE A CD1 1 
ATOM   579  C CD2 . PHE A 1 72  ? -4.398  7.252   -1.800  1.00 10.12 ? 69  PHE A CD2 1 
ATOM   580  C CE1 . PHE A 1 72  ? -6.750  8.302   -0.772  1.00 22.62 ? 69  PHE A CE1 1 
ATOM   581  C CE2 . PHE A 1 72  ? -5.627  6.887   -2.340  1.00 15.62 ? 69  PHE A CE2 1 
ATOM   582  C CZ  . PHE A 1 72  ? -6.803  7.440   -1.833  1.00 18.87 ? 69  PHE A CZ  1 
ATOM   583  N N   . THR A 1 73  ? -1.351  11.034  0.964   1.00 12.52 ? 70  THR A N   1 
ATOM   584  C CA  . THR A 1 73  ? -0.125  11.603  1.515   1.00 16.11 ? 70  THR A CA  1 
ATOM   585  C C   . THR A 1 73  ? 0.076   11.307  2.998   1.00 16.08 ? 70  THR A C   1 
ATOM   586  O O   . THR A 1 73  ? 1.071   11.750  3.584   1.00 15.66 ? 70  THR A O   1 
ATOM   587  C CB  . THR A 1 73  ? -0.082  13.149  1.324   1.00 17.72 ? 70  THR A CB  1 
ATOM   588  O OG1 . THR A 1 73  ? -1.279  13.700  1.867   1.00 17.45 ? 70  THR A OG1 1 
ATOM   589  C CG2 . THR A 1 73  ? 0.023   13.492  -0.158  1.00 20.02 ? 70  THR A CG2 1 
ATOM   590  N N   . ASP A 1 74  ? -0.941  10.758  3.646   1.00 14.93 ? 71  ASP A N   1 
ATOM   591  C CA  . ASP A 1 74  ? -0.825  10.482  5.063   1.00 19.27 ? 71  ASP A CA  1 
ATOM   592  C C   . ASP A 1 74  ? -0.977  8.991   5.326   1.00 12.33 ? 71  ASP A C   1 
ATOM   593  O O   . ASP A 1 74  ? -2.025  8.443   4.987   1.00 13.15 ? 71  ASP A O   1 
ATOM   594  C CB  . ASP A 1 74  ? -1.929  11.197  5.831   1.00 19.09 ? 71  ASP A CB  1 
ATOM   595  C CG  . ASP A 1 74  ? -2.054  12.698  5.493   1.00 35.01 ? 71  ASP A CG  1 
ATOM   596  O OD1 . ASP A 1 74  ? -1.120  13.467  5.773   1.00 26.13 ? 71  ASP A OD1 1 
ATOM   597  O OD2 . ASP A 1 74  ? -3.181  13.148  5.190   1.00 41.20 ? 71  ASP A OD2 1 
ATOM   598  N N   . PRO A 1 75  ? -0.139  8.461   6.228   1.00 11.68 ? 72  PRO A N   1 
ATOM   599  C CA  . PRO A 1 75  ? -0.364  7.110   6.709   1.00 12.40 ? 72  PRO A CA  1 
ATOM   600  C C   . PRO A 1 75  ? -1.746  6.936   7.300   1.00 16.61 ? 72  PRO A C   1 
ATOM   601  O O   . PRO A 1 75  ? -2.256  7.846   7.971   1.00 12.20 ? 72  PRO A O   1 
ATOM   602  C CB  . PRO A 1 75  ? 0.730   6.910   7.760   1.00 13.69 ? 72  PRO A CB  1 
ATOM   603  C CG  . PRO A 1 75  ? 1.809   7.922   7.390   1.00 14.72 ? 72  PRO A CG  1 
ATOM   604  C CD  . PRO A 1 75  ? 1.127   9.050   6.717   1.00 9.81  ? 72  PRO A CD  1 
ATOM   605  N N   . PRO A 1 76  ? -2.368  5.772   7.088   1.00 14.69 ? 73  PRO A N   1 
ATOM   606  C CA  . PRO A 1 76  ? -1.877  4.583   6.411   1.00 14.13 ? 73  PRO A CA  1 
ATOM   607  C C   . PRO A 1 76  ? -2.297  4.579   4.951   1.00 14.54 ? 73  PRO A C   1 
ATOM   608  O O   . PRO A 1 76  ? -2.356  3.509   4.318   1.00 15.40 ? 73  PRO A O   1 
ATOM   609  C CB  . PRO A 1 76  ? -2.579  3.458   7.185   1.00 13.57 ? 73  PRO A CB  1 
ATOM   610  C CG  . PRO A 1 76  ? -3.934  4.054   7.442   1.00 13.07 ? 73  PRO A CG  1 
ATOM   611  C CD  . PRO A 1 76  ? -3.671  5.524   7.729   1.00 15.08 ? 73  PRO A CD  1 
ATOM   612  N N   . PHE A 1 77  ? -2.478  5.765   4.368   1.00 12.82 ? 74  PHE A N   1 
ATOM   613  C CA  . PHE A 1 77  ? -2.655  5.859   2.915   1.00 12.12 ? 74  PHE A CA  1 
ATOM   614  C C   . PHE A 1 77  ? -3.852  5.031   2.446   1.00 13.79 ? 74  PHE A C   1 
ATOM   615  O O   . PHE A 1 77  ? -3.755  4.344   1.434   1.00 14.74 ? 74  PHE A O   1 
ATOM   616  C CB  . PHE A 1 77  ? -1.401  5.382   2.186   1.00 15.07 ? 74  PHE A CB  1 
ATOM   617  C CG  . PHE A 1 77  ? -0.138  6.058   2.668   1.00 10.87 ? 74  PHE A CG  1 
ATOM   618  C CD1 . PHE A 1 77  ? 0.729   5.414   3.553   1.00 11.29 ? 74  PHE A CD1 1 
ATOM   619  C CD2 . PHE A 1 77  ? 0.105   7.363   2.292   1.00 8.61  ? 74  PHE A CD2 1 
ATOM   620  C CE1 . PHE A 1 77  ? 1.907   6.068   4.010   1.00 8.51  ? 74  PHE A CE1 1 
ATOM   621  C CE2 . PHE A 1 77  ? 1.288   8.001   2.670   1.00 9.37  ? 74  PHE A CE2 1 
ATOM   622  C CZ  . PHE A 1 77  ? 2.219   7.307   3.512   1.00 7.65  ? 74  PHE A CZ  1 
ATOM   623  N N   . ARG A 1 78  ? -4.971  5.166   3.136   1.00 12.72 ? 75  ARG A N   1 
ATOM   624  C CA  . ARG A 1 78  ? -6.102  4.281   2.891   1.00 12.38 ? 75  ARG A CA  1 
ATOM   625  C C   . ARG A 1 78  ? -6.865  4.687   1.638   1.00 14.14 ? 75  ARG A C   1 
ATOM   626  O O   . ARG A 1 78  ? -7.227  5.851   1.491   1.00 13.85 ? 75  ARG A O   1 
ATOM   627  C CB  . ARG A 1 78  ? -7.049  4.315   4.084   1.00 12.05 ? 75  ARG A CB  1 
ATOM   628  C CG  . ARG A 1 78  ? -8.252  3.409   3.862   1.00 17.25 ? 75  ARG A CG  1 
ATOM   629  C CD  . ARG A 1 78  ? -9.165  3.522   5.065   1.00 19.35 ? 75  ARG A CD  1 
ATOM   630  N NE  . ARG A 1 78  ? -10.439 2.858   4.776   1.00 30.26 ? 75  ARG A NE  1 
ATOM   631  C CZ  . ARG A 1 78  ? -10.755 1.635   5.188   1.00 35.04 ? 75  ARG A CZ  1 
ATOM   632  N NH1 . ARG A 1 78  ? -9.907  0.952   5.941   1.00 32.89 ? 75  ARG A NH1 1 
ATOM   633  N NH2 . ARG A 1 78  ? -11.964 1.139   4.932   1.00 34.61 ? 75  ARG A NH2 1 
ATOM   634  N N   . ILE A 1 79  ? -6.960  3.777   0.663   1.00 13.17 ? 76  ILE A N   1 
ATOM   635  C CA  . ILE A 1 79  ? -7.848  3.986   -0.506  1.00 10.87 ? 76  ILE A CA  1 
ATOM   636  C C   . ILE A 1 79  ? -9.104  3.120   -0.341  1.00 14.54 ? 76  ILE A C   1 
ATOM   637  O O   . ILE A 1 79  ? -9.039  2.026   0.226   1.00 12.48 ? 76  ILE A O   1 
ATOM   638  C CB  . ILE A 1 79  ? -7.141  3.586   -1.833  1.00 11.38 ? 76  ILE A CB  1 
ATOM   639  C CG1 . ILE A 1 79  ? -8.069  3.828   -3.054  1.00 13.41 ? 76  ILE A CG1 1 
ATOM   640  C CG2 . ILE A 1 79  ? -6.591  2.155   -1.762  1.00 12.42 ? 76  ILE A CG2 1 
ATOM   641  C CD1 . ILE A 1 79  ? -7.358  3.724   -4.410  1.00 14.70 ? 76  ILE A CD1 1 
ATOM   642  N N   . GLU A 1 80  ? -10.246 3.687   -0.724  1.00 14.72 ? 77  GLU A N   1 
ATOM   643  C CA  . GLU A 1 80  ? -11.527 2.970   -0.715  1.00 15.30 ? 77  GLU A CA  1 
ATOM   644  C C   . GLU A 1 80  ? -12.118 3.101   -2.109  1.00 15.72 ? 77  GLU A C   1 
ATOM   645  O O   . GLU A 1 80  ? -12.132 4.193   -2.687  1.00 15.41 ? 77  GLU A O   1 
ATOM   646  C CB  . GLU A 1 80  ? -12.492 3.641   0.279   1.00 15.60 ? 77  GLU A CB  1 
ATOM   647  C CG  . GLU A 1 80  ? -12.100 3.391   1.710   1.00 24.47 ? 77  GLU A CG  1 
ATOM   648  C CD  . GLU A 1 80  ? -13.130 3.891   2.692   1.00 38.18 ? 77  GLU A CD  1 
ATOM   649  O OE1 . GLU A 1 80  ? -14.256 4.244   2.264   1.00 39.51 ? 77  GLU A OE1 1 
ATOM   650  O OE2 . GLU A 1 80  ? -12.854 3.776   3.903   1.00 44.44 ? 77  GLU A OE2 1 
ATOM   651  N N   . GLU A 1 81  ? -12.479 1.964   -2.704  1.00 18.23 ? 78  GLU A N   1 
ATOM   652  C CA  . GLU A 1 81  ? -13.046 1.958   -4.041  1.00 15.74 ? 78  GLU A CA  1 
ATOM   653  C C   . GLU A 1 81  ? -14.082 0.840   -4.115  1.00 16.76 ? 78  GLU A C   1 
ATOM   654  O O   . GLU A 1 81  ? -14.388 0.186   -3.109  1.00 15.66 ? 78  GLU A O   1 
ATOM   655  C CB  . GLU A 1 81  ? -11.969 1.718   -5.111  1.00 17.71 ? 78  GLU A CB  1 
ATOM   656  C CG  . GLU A 1 81  ? -11.568 2.972   -5.957  1.00 25.81 ? 78  GLU A CG  1 
ATOM   657  C CD  . GLU A 1 81  ? -12.726 3.573   -6.748  1.00 26.50 ? 78  GLU A CD  1 
ATOM   658  O OE1 . GLU A 1 81  ? -13.787 2.937   -6.883  1.00 23.84 ? 78  GLU A OE1 1 
ATOM   659  O OE2 . GLU A 1 81  ? -12.627 4.728   -7.205  1.00 28.63 ? 78  GLU A OE2 1 
ATOM   660  N N   . GLN A 1 82  ? -14.747 0.782   -5.258  1.00 16.60 ? 79  GLN A N   1 
ATOM   661  C CA  . GLN A 1 82  ? -15.785 -0.217  -5.502  1.00 18.01 ? 79  GLN A CA  1 
ATOM   662  C C   . GLN A 1 82  ? -15.460 -0.862  -6.824  1.00 19.58 ? 79  GLN A C   1 
ATOM   663  O O   . GLN A 1 82  ? -15.103 -0.176  -7.774  1.00 21.27 ? 79  GLN A O   1 
ATOM   664  C CB  . GLN A 1 82  ? -17.152 0.453   -5.633  1.00 17.68 ? 79  GLN A CB  1 
ATOM   665  C CG  . GLN A 1 82  ? -17.615 0.994   -4.323  1.00 24.62 ? 79  GLN A CG  1 
ATOM   666  C CD  . GLN A 1 82  ? -18.918 1.754   -4.457  1.00 31.42 ? 79  GLN A CD  1 
ATOM   667  O OE1 . GLN A 1 82  ? -19.634 1.614   -5.450  1.00 30.60 ? 79  GLN A OE1 1 
ATOM   668  N NE2 . GLN A 1 82  ? -19.271 2.494   -3.414  1.00 29.96 ? 79  GLN A NE2 1 
ATOM   669  N N   . GLY A 1 83  ? -15.753 -2.149  -6.946  1.00 17.77 ? 80  GLY A N   1 
ATOM   670  C CA  . GLY A 1 83  ? -15.708 -2.771  -8.274  1.00 20.31 ? 80  GLY A CA  1 
ATOM   671  C C   . GLY A 1 83  ? -16.269 -4.174  -8.206  1.00 18.23 ? 80  GLY A C   1 
ATOM   672  O O   . GLY A 1 83  ? -16.459 -4.682  -7.113  1.00 17.43 ? 80  GLY A O   1 
ATOM   673  N N   . TRP A 1 84  ? -16.294 -4.856  -9.350  1.00 22.90 ? 81  TRP A N   1 
ATOM   674  C CA  . TRP A 1 84  ? -16.913 -6.180  -9.459  1.00 24.65 ? 81  TRP A CA  1 
ATOM   675  C C   . TRP A 1 84  ? -15.884 -7.243  -9.855  1.00 24.40 ? 81  TRP A C   1 
ATOM   676  O O   . TRP A 1 84  ? -16.115 -8.432  -9.647  1.00 27.81 ? 81  TRP A O   1 
ATOM   677  C CB  . TRP A 1 84  ? -18.060 -6.164  -10.484 1.00 28.15 ? 81  TRP A CB  1 
ATOM   678  C CG  . TRP A 1 84  ? -17.651 -5.553  -11.797 1.00 34.63 ? 81  TRP A CG  1 
ATOM   679  C CD1 . TRP A 1 84  ? -17.629 -4.218  -12.109 1.00 42.05 ? 81  TRP A CD1 1 
ATOM   680  C CD2 . TRP A 1 84  ? -17.082 -6.233  -12.924 1.00 40.19 ? 81  TRP A CD2 1 
ATOM   681  N NE1 . TRP A 1 84  ? -17.085 -4.031  -13.358 1.00 44.67 ? 81  TRP A NE1 1 
ATOM   682  C CE2 . TRP A 1 84  ? -16.739 -5.250  -13.879 1.00 43.59 ? 81  TRP A CE2 1 
ATOM   683  C CE3 . TRP A 1 84  ? -16.837 -7.578  -13.222 1.00 45.22 ? 81  TRP A CE3 1 
ATOM   684  C CZ2 . TRP A 1 84  ? -16.200 -5.573  -15.128 1.00 48.44 ? 81  TRP A CZ2 1 
ATOM   685  C CZ3 . TRP A 1 84  ? -16.296 -7.897  -14.463 1.00 51.82 ? 81  TRP A CZ3 1 
ATOM   686  C CH2 . TRP A 1 84  ? -15.978 -6.899  -15.397 1.00 50.60 ? 81  TRP A CH2 1 
ATOM   687  N N   . GLY A 1 85  ? -14.775 -6.820  -10.453 1.00 21.70 ? 82  GLY A N   1 
ATOM   688  C CA  . GLY A 1 85  ? -13.721 -7.755  -10.819 1.00 24.49 ? 82  GLY A CA  1 
ATOM   689  C C   . GLY A 1 85  ? -12.472 -7.478  -10.007 1.00 23.41 ? 82  GLY A C   1 
ATOM   690  O O   . GLY A 1 85  ? -12.212 -6.350  -9.641  1.00 25.58 ? 82  GLY A O   1 
ATOM   691  N N   . GLY A 1 86  ? -11.745 -8.514  -9.627  1.00 26.48 ? 83  GLY A N   1 
ATOM   692  C CA  . GLY A 1 86  ? -10.539 -8.258  -8.848  1.00 29.52 ? 83  GLY A CA  1 
ATOM   693  C C   . GLY A 1 86  ? -9.353  -7.852  -9.709  1.00 31.60 ? 83  GLY A C   1 
ATOM   694  O O   . GLY A 1 86  ? -8.275  -8.394  -9.559  1.00 36.92 ? 83  GLY A O   1 
ATOM   695  N N   . PHE A 1 87  ? -9.482  -6.782  -10.482 1.00 33.70 ? 84  PHE A N   1 
ATOM   696  C CA  . PHE A 1 87  ? -8.350  -6.334  -11.312 1.00 33.59 ? 84  PHE A CA  1 
ATOM   697  C C   . PHE A 1 87  ? -7.122  -5.959  -10.477 1.00 31.84 ? 84  PHE A C   1 
ATOM   698  O O   . PHE A 1 87  ? -7.260  -5.265  -9.467  1.00 29.81 ? 84  PHE A O   1 
ATOM   699  C CB  . PHE A 1 87  ? -8.794  -5.178  -12.216 1.00 34.74 ? 84  PHE A CB  1 
ATOM   700  C CG  . PHE A 1 87  ? -9.961  -5.531  -13.117 1.00 40.34 ? 84  PHE A CG  1 
ATOM   701  C CD1 . PHE A 1 87  ? -11.166 -4.848  -13.023 1.00 39.88 ? 84  PHE A CD1 1 
ATOM   702  C CD2 . PHE A 1 87  ? -9.889  -6.631  -13.965 1.00 47.62 ? 84  PHE A CD2 1 
ATOM   703  C CE1 . PHE A 1 87  ? -12.256 -5.218  -13.792 1.00 36.30 ? 84  PHE A CE1 1 
ATOM   704  C CE2 . PHE A 1 87  ? -10.979 -7.011  -14.742 1.00 46.06 ? 84  PHE A CE2 1 
ATOM   705  C CZ  . PHE A 1 87  ? -12.158 -6.301  -14.658 1.00 46.55 ? 84  PHE A CZ  1 
ATOM   706  N N   . PRO A 1 88  ? -5.932  -6.477  -10.847 1.00 30.86 ? 85  PRO A N   1 
ATOM   707  C CA  . PRO A 1 88  ? -4.692  -6.172  -10.123 1.00 30.84 ? 85  PRO A CA  1 
ATOM   708  C C   . PRO A 1 88  ? -4.303  -4.701  -10.281 1.00 29.21 ? 85  PRO A C   1 
ATOM   709  O O   . PRO A 1 88  ? -4.910  -3.965  -11.069 1.00 24.49 ? 85  PRO A O   1 
ATOM   710  C CB  . PRO A 1 88  ? -3.639  -7.063  -10.797 1.00 29.05 ? 85  PRO A CB  1 
ATOM   711  C CG  . PRO A 1 88  ? -4.428  -7.987  -11.731 1.00 32.17 ? 85  PRO A CG  1 
ATOM   712  C CD  . PRO A 1 88  ? -5.659  -7.226  -12.085 1.00 31.47 ? 85  PRO A CD  1 
ATOM   713  N N   . LEU A 1 89  ? -3.453  -4.223  -9.381  1.00 28.49 ? 86  LEU A N   1 
ATOM   714  C CA  . LEU A 1 89  ? -3.099  -2.814  -9.417  1.00 21.99 ? 86  LEU A CA  1 
ATOM   715  C C   . LEU A 1 89  ? -1.640  -2.698  -9.035  1.00 23.49 ? 86  LEU A C   1 
ATOM   716  O O   . LEU A 1 89  ? -0.959  -3.697  -8.747  1.00 23.67 ? 86  LEU A O   1 
ATOM   717  C CB  . LEU A 1 89  ? -3.971  -1.989  -8.475  1.00 24.26 ? 86  LEU A CB  1 
ATOM   718  C CG  . LEU A 1 89  ? -3.949  -2.492  -7.038  1.00 24.75 ? 86  LEU A CG  1 
ATOM   719  C CD1 . LEU A 1 89  ? -3.654  -1.392  -6.075  1.00 24.27 ? 86  LEU A CD1 1 
ATOM   720  C CD2 . LEU A 1 89  ? -5.294  -3.144  -6.703  1.00 32.41 ? 86  LEU A CD2 1 
ATOM   721  N N   . ASP A 1 90  ? -1.111  -1.496  -9.213  1.00 17.51 ? 87  ASP A N   1 
ATOM   722  C CA  . ASP A 1 90  ? 0.297   -1.291  -8.863  1.00 17.10 ? 87  ASP A CA  1 
ATOM   723  C C   . ASP A 1 90  ? 0.320   -0.252  -7.822  1.00 14.77 ? 87  ASP A C   1 
ATOM   724  O O   . ASP A 1 90  ? -0.433  0.728   -7.921  1.00 18.91 ? 87  ASP A O   1 
ATOM   725  C CB  . ASP A 1 90  ? 1.101   -0.747  -10.046 1.00 20.12 ? 87  ASP A CB  1 
ATOM   726  C CG  . ASP A 1 90  ? 1.556   -1.834  -10.967 1.00 25.63 ? 87  ASP A CG  1 
ATOM   727  O OD1 . ASP A 1 90  ? 2.102   -2.844  -10.462 1.00 35.74 ? 87  ASP A OD1 1 
ATOM   728  O OD2 . ASP A 1 90  ? 1.226   -1.719  -12.166 1.00 28.37 ? 87  ASP A OD2 1 
ATOM   729  N N   . ILE A 1 91  ? 1.166   -0.454  -6.817  1.00 15.74 ? 88  ILE A N   1 
ATOM   730  C CA  . ILE A 1 91  ? 1.199   0.507   -5.720  1.00 12.34 ? 88  ILE A CA  1 
ATOM   731  C C   . ILE A 1 91  ? 2.559   1.198   -5.725  1.00 15.68 ? 88  ILE A C   1 
ATOM   732  O O   . ILE A 1 91  ? 3.572   0.547   -5.454  1.00 18.60 ? 88  ILE A O   1 
ATOM   733  C CB  . ILE A 1 91  ? 1.026   -0.148  -4.353  1.00 12.36 ? 88  ILE A CB  1 
ATOM   734  C CG1 . ILE A 1 91  ? -0.322  -0.874  -4.272  1.00 14.85 ? 88  ILE A CG1 1 
ATOM   735  C CG2 . ILE A 1 91  ? 1.052   0.933   -3.261  1.00 11.97 ? 88  ILE A CG2 1 
ATOM   736  C CD1 . ILE A 1 91  ? -0.490  -1.656  -2.951  1.00 18.88 ? 88  ILE A CD1 1 
ATOM   737  N N   . SER A 1 92  ? 2.583   2.488   -6.064  1.00 13.97 ? 89  SER A N   1 
ATOM   738  C CA  . SER A 1 92  ? 3.852   3.270   -5.996  1.00 12.56 ? 89  SER A CA  1 
ATOM   739  C C   . SER A 1 92  ? 4.029   3.897   -4.642  1.00 13.02 ? 89  SER A C   1 
ATOM   740  O O   . SER A 1 92  ? 3.189   4.696   -4.200  1.00 14.23 ? 89  SER A O   1 
ATOM   741  C CB  . SER A 1 92  ? 3.857   4.374   -7.061  1.00 13.60 ? 89  SER A CB  1 
ATOM   742  O OG  . SER A 1 92  ? 4.134   3.782   -8.318  1.00 13.95 ? 89  SER A OG  1 
ATOM   743  N N   . VAL A 1 93  ? 5.132   3.591   -3.956  1.00 12.87 ? 90  VAL A N   1 
ATOM   744  C CA  . VAL A 1 93  ? 5.324   4.272   -2.652  1.00 8.96  ? 90  VAL A CA  1 
ATOM   745  C C   . VAL A 1 93  ? 6.583   5.157   -2.842  1.00 13.03 ? 90  VAL A C   1 
ATOM   746  O O   . VAL A 1 93  ? 7.560   4.716   -3.449  1.00 14.46 ? 90  VAL A O   1 
ATOM   747  C CB  . VAL A 1 93  ? 5.527   3.249   -1.487  1.00 11.24 ? 90  VAL A CB  1 
ATOM   748  C CG1 . VAL A 1 93  ? 4.237   2.387   -1.348  1.00 11.07 ? 90  VAL A CG1 1 
ATOM   749  C CG2 . VAL A 1 93  ? 6.752   2.305   -1.767  1.00 11.81 ? 90  VAL A CG2 1 
ATOM   750  N N   . PHE A 1 94  ? 6.530   6.389   -2.339  1.00 11.48 ? 91  PHE A N   1 
ATOM   751  C CA  . PHE A 1 94  ? 7.609   7.336   -2.580  1.00 13.60 ? 91  PHE A CA  1 
ATOM   752  C C   . PHE A 1 94  ? 8.269   7.612   -1.245  1.00 7.99  ? 91  PHE A C   1 
ATOM   753  O O   . PHE A 1 94  ? 7.627   8.133   -0.335  1.00 12.01 ? 91  PHE A O   1 
ATOM   754  C CB  . PHE A 1 94  ? 7.063   8.619   -3.222  1.00 10.68 ? 91  PHE A CB  1 
ATOM   755  C CG  . PHE A 1 94  ? 6.694   8.444   -4.673  1.00 13.52 ? 91  PHE A CG  1 
ATOM   756  C CD1 . PHE A 1 94  ? 7.574   8.780   -5.687  1.00 18.41 ? 91  PHE A CD1 1 
ATOM   757  C CD2 . PHE A 1 94  ? 5.424   7.953   -5.011  1.00 15.50 ? 91  PHE A CD2 1 
ATOM   758  C CE1 . PHE A 1 94  ? 7.214   8.631   -7.041  1.00 13.11 ? 91  PHE A CE1 1 
ATOM   759  C CE2 . PHE A 1 94  ? 5.040   7.819   -6.327  1.00 16.43 ? 91  PHE A CE2 1 
ATOM   760  C CZ  . PHE A 1 94  ? 5.942   8.093   -7.349  1.00 12.91 ? 91  PHE A CZ  1 
ATOM   761  N N   . LEU A 1 95  ? 9.558   7.278   -1.138  1.00 11.68 ? 92  LEU A N   1 
ATOM   762  C CA  . LEU A 1 95  ? 10.336  7.494   0.074   1.00 11.43 ? 92  LEU A CA  1 
ATOM   763  C C   . LEU A 1 95  ? 10.529  8.985   0.285   1.00 12.10 ? 92  LEU A C   1 
ATOM   764  O O   . LEU A 1 95  ? 10.576  9.771   -0.676  1.00 12.67 ? 92  LEU A O   1 
ATOM   765  C CB  . LEU A 1 95  ? 11.706  6.810   -0.067  1.00 12.67 ? 92  LEU A CB  1 
ATOM   766  C CG  . LEU A 1 95  ? 11.610  5.288   -0.136  1.00 13.98 ? 92  LEU A CG  1 
ATOM   767  C CD1 . LEU A 1 95  ? 12.929  4.717   -0.682  1.00 14.60 ? 92  LEU A CD1 1 
ATOM   768  C CD2 . LEU A 1 95  ? 11.345  4.714   1.236   1.00 12.70 ? 92  LEU A CD2 1 
ATOM   769  N N   . LEU A 1 96  ? 10.683  9.384   1.553   1.00 11.20 ? 93  LEU A N   1 
ATOM   770  C CA  . LEU A 1 96  ? 10.982  10.766  1.885   1.00 13.23 ? 93  LEU A CA  1 
ATOM   771  C C   . LEU A 1 96  ? 12.206  11.283  1.131   1.00 10.95 ? 93  LEU A C   1 
ATOM   772  O O   . LEU A 1 96  ? 13.077  10.507  0.706   1.00 11.95 ? 93  LEU A O   1 
ATOM   773  C CB  . LEU A 1 96  ? 11.217  10.934  3.402   1.00 12.28 ? 93  LEU A CB  1 
ATOM   774  C CG  . LEU A 1 96  ? 10.180  10.442  4.412   1.00 15.37 ? 93  LEU A CG  1 
ATOM   775  C CD1 . LEU A 1 96  ? 10.670  10.786  5.808   1.00 13.26 ? 93  LEU A CD1 1 
ATOM   776  C CD2 . LEU A 1 96  ? 8.850   11.226  4.191   1.00 16.15 ? 93  LEU A CD2 1 
ATOM   777  N N   . GLU A 1 97  ? 12.266  12.608  1.010   1.00 11.61 ? 94  GLU A N   1 
ATOM   778  C CA  . GLU A 1 97  ? 13.473  13.320  0.579   1.00 11.57 ? 94  GLU A CA  1 
ATOM   779  C C   . GLU A 1 97  ? 13.882  12.865  -0.839  1.00 11.07 ? 94  GLU A C   1 
ATOM   780  O O   . GLU A 1 97  ? 15.078  12.874  -1.184  1.00 13.15 ? 94  GLU A O   1 
ATOM   781  C CB  . GLU A 1 97  ? 14.616  13.112  1.560   1.00 10.66 ? 94  GLU A CB  1 
ATOM   782  C CG  . GLU A 1 97  ? 14.364  13.792  2.934   1.00 12.52 ? 94  GLU A CG  1 
ATOM   783  C CD  . GLU A 1 97  ? 14.244  15.313  2.836   1.00 13.04 ? 94  GLU A CD  1 
ATOM   784  O OE1 . GLU A 1 97  ? 15.270  15.985  3.103   1.00 12.94 ? 94  GLU A OE1 1 
ATOM   785  O OE2 . GLU A 1 97  ? 13.190  15.815  2.392   1.00 15.47 ? 94  GLU A OE2 1 
ATOM   786  N N   . LYS A 1 98  ? 12.857  12.576  -1.641  1.00 12.74 ? 95  LYS A N   1 
ATOM   787  C CA  . LYS A 1 98  ? 13.078  12.170  -3.036  1.00 13.52 ? 95  LYS A CA  1 
ATOM   788  C C   . LYS A 1 98  ? 14.055  10.995  -3.123  1.00 13.12 ? 95  LYS A C   1 
ATOM   789  O O   . LYS A 1 98  ? 14.737  10.819  -4.145  1.00 14.13 ? 95  LYS A O   1 
ATOM   790  C CB  . LYS A 1 98  ? 13.565  13.379  -3.854  1.00 14.69 ? 95  LYS A CB  1 
ATOM   791  C CG  . LYS A 1 98  ? 12.468  14.425  -4.015  1.00 20.44 ? 95  LYS A CG  1 
ATOM   792  C CD  . LYS A 1 98  ? 13.004  15.615  -4.808  1.00 32.69 ? 95  LYS A CD  1 
ATOM   793  C CE  . LYS A 1 98  ? 11.932  16.664  -5.026  1.00 30.41 ? 95  LYS A CE  1 
ATOM   794  N NZ  . LYS A 1 98  ? 12.598  17.918  -5.477  1.00 44.31 ? 95  LYS A NZ  1 
ATOM   795  N N   . ALA A 1 99  ? 14.037  10.119  -2.123  1.00 10.79 ? 96  ALA A N   1 
ATOM   796  C CA  . ALA A 1 99  ? 14.950  8.980   -2.107  1.00 13.30 ? 96  ALA A CA  1 
ATOM   797  C C   . ALA A 1 99  ? 14.589  7.847   -3.070  1.00 11.71 ? 96  ALA A C   1 
ATOM   798  O O   . ALA A 1 99  ? 15.426  6.997   -3.331  1.00 15.91 ? 96  ALA A O   1 
ATOM   799  C CB  . ALA A 1 99  ? 15.139  8.444   -0.685  1.00 13.53 ? 96  ALA A CB  1 
ATOM   800  N N   . GLY A 1 100 ? 13.363  7.815   -3.596  1.00 12.31 ? 97  GLY A N   1 
ATOM   801  C CA  . GLY A 1 100 ? 13.090  6.943   -4.744  1.00 10.33 ? 97  GLY A CA  1 
ATOM   802  C C   . GLY A 1 100 ? 11.690  6.331   -4.694  1.00 14.20 ? 97  GLY A C   1 
ATOM   803  O O   . GLY A 1 100 ? 11.104  6.147   -3.628  1.00 12.33 ? 97  GLY A O   1 
ATOM   804  N N   . GLU A 1 101 ? 11.164  5.990   -5.859  1.00 10.80 ? 98  GLU A N   1 
ATOM   805  C CA  . GLU A 1 101 ? 9.887   5.302   -5.957  1.00 13.72 ? 98  GLU A CA  1 
ATOM   806  C C   . GLU A 1 101 ? 10.140  3.805   -5.825  1.00 11.90 ? 98  GLU A C   1 
ATOM   807  O O   . GLU A 1 101 ? 11.166  3.301   -6.298  1.00 13.56 ? 98  GLU A O   1 
ATOM   808  C CB  . GLU A 1 101 ? 9.249   5.647   -7.303  1.00 10.90 ? 98  GLU A CB  1 
ATOM   809  C CG  . GLU A 1 101 ? 7.879   5.001   -7.526  1.00 10.61 ? 98  GLU A CG  1 
ATOM   810  C CD  . GLU A 1 101 ? 7.350   5.309   -8.921  1.00 18.85 ? 98  GLU A CD  1 
ATOM   811  O OE1 . GLU A 1 101 ? 8.108   5.931   -9.703  1.00 16.84 ? 98  GLU A OE1 1 
ATOM   812  O OE2 . GLU A 1 101 ? 6.264   4.798   -9.281  1.00 16.07 ? 98  GLU A OE2 1 
ATOM   813  N N   . ARG A 1 102 ? 9.212   3.095   -5.205  1.00 12.77 ? 99  ARG A N   1 
ATOM   814  C CA  . ARG A 1 102 ? 9.204   1.643   -5.264  1.00 11.71 ? 99  ARG A CA  1 
ATOM   815  C C   . ARG A 1 102 ? 7.817   1.270   -5.743  1.00 13.85 ? 99  ARG A C   1 
ATOM   816  O O   . ARG A 1 102 ? 6.826   1.814   -5.286  1.00 12.85 ? 99  ARG A O   1 
ATOM   817  C CB  . ARG A 1 102 ? 9.479   0.997   -3.908  1.00 14.35 ? 99  ARG A CB  1 
ATOM   818  C CG  . ARG A 1 102 ? 10.771  1.391   -3.215  1.00 17.96 ? 99  ARG A CG  1 
ATOM   819  C CD  . ARG A 1 102 ? 11.946  0.652   -3.834  1.00 15.24 ? 99  ARG A CD  1 
ATOM   820  N NE  . ARG A 1 102 ? 13.200  1.002   -3.168  1.00 15.46 ? 99  ARG A NE  1 
ATOM   821  C CZ  . ARG A 1 102 ? 13.942  2.056   -3.499  1.00 19.45 ? 99  ARG A CZ  1 
ATOM   822  N NH1 . ARG A 1 102 ? 13.546  2.878   -4.483  1.00 18.80 ? 99  ARG A NH1 1 
ATOM   823  N NH2 . ARG A 1 102 ? 15.069  2.311   -2.849  1.00 16.97 ? 99  ARG A NH2 1 
ATOM   824  N N   . LYS A 1 103 ? 7.765   0.428   -6.762  1.00 17.56 ? 100 LYS A N   1 
ATOM   825  C CA  . LYS A 1 103 ? 6.508   0.179   -7.440  1.00 23.70 ? 100 LYS A CA  1 
ATOM   826  C C   . LYS A 1 103 ? 6.169   -1.264  -7.177  1.00 26.86 ? 100 LYS A C   1 
ATOM   827  O O   . LYS A 1 103 ? 6.952   -2.126  -7.562  1.00 26.10 ? 100 LYS A O   1 
ATOM   828  C CB  . LYS A 1 103 ? 6.732   0.354   -8.939  1.00 28.84 ? 100 LYS A CB  1 
ATOM   829  C CG  . LYS A 1 103 ? 5.880   1.427   -9.526  1.00 34.16 ? 100 LYS A CG  1 
ATOM   830  C CD  . LYS A 1 103 ? 4.481   0.900   -9.800  1.00 40.24 ? 100 LYS A CD  1 
ATOM   831  C CE  . LYS A 1 103 ? 4.065   1.278   -11.213 1.00 42.74 ? 100 LYS A CE  1 
ATOM   832  N NZ  . LYS A 1 103 ? 5.206   1.101   -12.133 1.00 44.37 ? 100 LYS A NZ  1 
ATOM   833  N N   . ILE A 1 104 ? 5.057   -1.515  -6.473  1.00 24.90 ? 101 ILE A N   1 
ATOM   834  C CA  . ILE A 1 104 ? 4.790   -2.815  -5.877  1.00 23.00 ? 101 ILE A CA  1 
ATOM   835  C C   . ILE A 1 104 ? 3.472   -3.401  -6.369  1.00 22.60 ? 101 ILE A C   1 
ATOM   836  O O   . ILE A 1 104 ? 2.421   -2.843  -6.130  1.00 18.79 ? 101 ILE A O   1 
ATOM   837  C CB  . ILE A 1 104 ? 4.640   -2.699  -4.370  1.00 22.01 ? 101 ILE A CB  1 
ATOM   838  C CG1 . ILE A 1 104 ? 5.975   -2.299  -3.743  1.00 27.65 ? 101 ILE A CG1 1 
ATOM   839  C CG2 . ILE A 1 104 ? 4.156   -4.000  -3.776  1.00 23.76 ? 101 ILE A CG2 1 
ATOM   840  C CD1 . ILE A 1 104 ? 5.798   -1.893  -2.347  1.00 28.04 ? 101 ILE A CD1 1 
ATOM   841  N N   . PRO A 1 105 ? 3.534   -4.513  -7.112  1.00 19.70 ? 102 PRO A N   1 
ATOM   842  C CA  . PRO A 1 105 ? 2.207   -4.920  -7.536  1.00 19.33 ? 102 PRO A CA  1 
ATOM   843  C C   . PRO A 1 105 ? 1.380   -5.562  -6.430  1.00 18.12 ? 102 PRO A C   1 
ATOM   844  O O   . PRO A 1 105 ? 1.883   -5.998  -5.390  1.00 17.19 ? 102 PRO A O   1 
ATOM   845  C CB  . PRO A 1 105 ? 2.471   -5.910  -8.677  1.00 19.60 ? 102 PRO A CB  1 
ATOM   846  C CG  . PRO A 1 105 ? 3.835   -5.484  -9.207  1.00 21.05 ? 102 PRO A CG  1 
ATOM   847  C CD  . PRO A 1 105 ? 4.598   -4.997  -8.013  1.00 22.53 ? 102 PRO A CD  1 
ATOM   848  N N   . HIS A 1 106 ? 0.076   -5.486  -6.614  1.00 19.63 ? 103 HIS A N   1 
ATOM   849  C CA  . HIS A 1 106 ? -0.797  -6.034  -5.627  1.00 15.48 ? 103 HIS A CA  1 
ATOM   850  C C   . HIS A 1 106 ? -1.915  -6.735  -6.356  1.00 19.48 ? 103 HIS A C   1 
ATOM   851  O O   . HIS A 1 106 ? -2.551  -6.177  -7.273  1.00 22.26 ? 103 HIS A O   1 
ATOM   852  C CB  . HIS A 1 106 ? -1.337  -4.890  -4.766  1.00 14.63 ? 103 HIS A CB  1 
ATOM   853  C CG  . HIS A 1 106 ? -2.105  -5.344  -3.572  1.00 16.81 ? 103 HIS A CG  1 
ATOM   854  N ND1 . HIS A 1 106 ? -1.571  -6.189  -2.621  1.00 14.59 ? 103 HIS A ND1 1 
ATOM   855  C CD2 . HIS A 1 106 ? -3.382  -5.093  -3.193  1.00 18.19 ? 103 HIS A CD2 1 
ATOM   856  C CE1 . HIS A 1 106 ? -2.487  -6.421  -1.691  1.00 15.57 ? 103 HIS A CE1 1 
ATOM   857  N NE2 . HIS A 1 106 ? -3.598  -5.788  -2.028  1.00 15.55 ? 103 HIS A NE2 1 
ATOM   858  N N   . ASP A 1 107 ? -2.326  -7.844  -5.763  1.00 15.50 ? 104 ASP A N   1 
ATOM   859  C CA  . ASP A 1 107 ? -3.463  -8.548  -6.305  1.00 19.98 ? 104 ASP A CA  1 
ATOM   860  C C   . ASP A 1 107 ? -4.668  -8.247  -5.439  1.00 17.87 ? 104 ASP A C   1 
ATOM   861  O O   . ASP A 1 107 ? -4.624  -8.431  -4.233  1.00 19.75 ? 104 ASP A O   1 
ATOM   862  C CB  . ASP A 1 107 ? -3.178  -10.041 -6.353  1.00 20.49 ? 104 ASP A CB  1 
ATOM   863  C CG  . ASP A 1 107 ? -4.278  -10.788 -7.035  1.00 33.78 ? 104 ASP A CG  1 
ATOM   864  O OD1 . ASP A 1 107 ? -4.486  -10.507 -8.239  1.00 42.10 ? 104 ASP A OD1 1 
ATOM   865  O OD2 . ASP A 1 107 ? -5.100  -11.376 -6.298  1.00 37.88 ? 104 ASP A OD2 1 
ATOM   866  N N   . LEU A 1 108 ? -5.701  -7.679  -6.050  1.00 18.99 ? 105 LEU A N   1 
ATOM   867  C CA  . LEU A 1 108 ? -6.990  -7.521  -5.388  1.00 20.87 ? 105 LEU A CA  1 
ATOM   868  C C   . LEU A 1 108 ? -7.854  -8.770  -5.608  1.00 24.01 ? 105 LEU A C   1 
ATOM   869  O O   . LEU A 1 108 ? -8.201  -9.090  -6.739  1.00 24.16 ? 105 LEU A O   1 
ATOM   870  C CB  . LEU A 1 108 ? -7.671  -6.252  -5.937  1.00 22.07 ? 105 LEU A CB  1 
ATOM   871  C CG  . LEU A 1 108 ? -9.059  -5.918  -5.399  1.00 27.49 ? 105 LEU A CG  1 
ATOM   872  C CD1 . LEU A 1 108 ? -8.962  -5.636  -3.906  1.00 23.13 ? 105 LEU A CD1 1 
ATOM   873  C CD2 . LEU A 1 108 ? -9.598  -4.714  -6.166  1.00 22.11 ? 105 LEU A CD2 1 
ATOM   874  N N   . ASN A 1 109 ? -8.084  -9.558  -4.558  1.00 20.62 ? 106 ASN A N   1 
ATOM   875  C CA  . ASN A 1 109 ? -8.879  -10.768 -4.718  1.00 25.84 ? 106 ASN A CA  1 
ATOM   876  C C   . ASN A 1 109 ? -10.062 -10.858 -3.758  1.00 25.24 ? 106 ASN A C   1 
ATOM   877  O O   . ASN A 1 109 ? -10.111 -10.156 -2.753  1.00 26.98 ? 106 ASN A O   1 
ATOM   878  C CB  . ASN A 1 109 ? -8.014  -12.017 -4.633  1.00 27.15 ? 106 ASN A CB  1 
ATOM   879  C CG  . ASN A 1 109 ? -7.938  -12.573 -3.233  1.00 35.02 ? 106 ASN A CG  1 
ATOM   880  O OD1 . ASN A 1 109 ? -8.785  -13.370 -2.811  1.00 37.79 ? 106 ASN A OD1 1 
ATOM   881  N ND2 . ASN A 1 109 ? -6.873  -12.214 -2.527  1.00 41.32 ? 106 ASN A ND2 1 
ATOM   882  N N   . PHE A 1 110 ? -11.115 -11.534 -4.192  1.00 22.44 ? 107 PHE A N   1 
ATOM   883  C CA  . PHE A 1 110 ? -12.381 -11.440 -3.468  1.00 22.09 ? 107 PHE A CA  1 
ATOM   884  C C   . PHE A 1 110 ? -12.733 -12.758 -2.771  1.00 24.23 ? 107 PHE A C   1 
ATOM   885  O O   . PHE A 1 110 ? -13.872 -12.973 -2.355  1.00 23.47 ? 107 PHE A O   1 
ATOM   886  C CB  . PHE A 1 110 ? -13.496 -11.005 -4.413  1.00 20.46 ? 107 PHE A CB  1 
ATOM   887  C CG  . PHE A 1 110 ? -13.292 -9.641  -5.010  1.00 20.78 ? 107 PHE A CG  1 
ATOM   888  C CD1 . PHE A 1 110 ? -12.676 -8.622  -4.277  1.00 22.88 ? 107 PHE A CD1 1 
ATOM   889  C CD2 . PHE A 1 110 ? -13.876 -9.320  -6.229  1.00 27.03 ? 107 PHE A CD2 1 
ATOM   890  C CE1 . PHE A 1 110 ? -12.557 -7.338  -4.798  1.00 18.64 ? 107 PHE A CE1 1 
ATOM   891  C CE2 . PHE A 1 110 ? -13.798 -8.031  -6.740  1.00 28.19 ? 107 PHE A CE2 1 
ATOM   892  C CZ  . PHE A 1 110 ? -13.137 -7.034  -6.023  1.00 22.60 ? 107 PHE A CZ  1 
ATOM   893  N N   . LEU A 1 111 ? -11.748 -13.632 -2.617  1.00 26.69 ? 108 LEU A N   1 
ATOM   894  C CA  . LEU A 1 111 ? -11.995 -14.906 -1.964  1.00 29.79 ? 108 LEU A CA  1 
ATOM   895  C C   . LEU A 1 111 ? -12.023 -14.804 -0.438  1.00 30.54 ? 108 LEU A C   1 
ATOM   896  O O   . LEU A 1 111 ? -12.614 -15.649 0.237   1.00 32.65 ? 108 LEU A O   1 
ATOM   897  C CB  . LEU A 1 111 ? -10.982 -15.951 -2.429  1.00 31.48 ? 108 LEU A CB  1 
ATOM   898  C CG  . LEU A 1 111 ? -11.334 -16.631 -3.755  1.00 34.29 ? 108 LEU A CG  1 
ATOM   899  C CD1 . LEU A 1 111 ? -10.369 -17.786 -4.013  1.00 39.87 ? 108 LEU A CD1 1 
ATOM   900  C CD2 . LEU A 1 111 ? -12.786 -17.110 -3.762  1.00 37.78 ? 108 LEU A CD2 1 
ATOM   901  N N   . GLN A 1 112 ? -11.309 -13.824 0.104   1.00 28.32 ? 109 GLN A N   1 
ATOM   902  C CA  . GLN A 1 112 ? -11.293 -13.600 1.548   1.00 28.79 ? 109 GLN A CA  1 
ATOM   903  C C   . GLN A 1 112 ? -11.914 -12.232 1.848   1.00 25.30 ? 109 GLN A C   1 
ATOM   904  O O   . GLN A 1 112 ? -11.795 -11.309 1.047   1.00 27.41 ? 109 GLN A O   1 
ATOM   905  C CB  . GLN A 1 112 ? -9.849  -13.642 2.070   1.00 30.03 ? 109 GLN A CB  1 
ATOM   906  C CG  . GLN A 1 112 ? -9.142  -14.965 1.830   1.00 35.37 ? 109 GLN A CG  1 
ATOM   907  C CD  . GLN A 1 112 ? -7.657  -14.903 2.136   1.00 49.16 ? 109 GLN A CD  1 
ATOM   908  O OE1 . GLN A 1 112 ? -6.815  -15.068 1.247   1.00 52.30 ? 109 GLN A OE1 1 
ATOM   909  N NE2 . GLN A 1 112 ? -7.326  -14.666 3.403   1.00 50.35 ? 109 GLN A NE2 1 
ATOM   910  N N   . GLU A 1 113 ? -12.439 -12.065 3.055   1.00 20.77 ? 110 GLU A N   1 
ATOM   911  C CA  . GLU A 1 113 ? -12.911 -10.760 3.522   1.00 20.39 ? 110 GLU A CA  1 
ATOM   912  C C   . GLU A 1 113 ? -11.765 -9.751  3.695   1.00 17.59 ? 110 GLU A C   1 
ATOM   913  O O   . GLU A 1 113 ? -11.962 -8.546  3.590   1.00 15.43 ? 110 GLU A O   1 
ATOM   914  C CB  . GLU A 1 113 ? -13.588 -10.939 4.875   1.00 22.98 ? 110 GLU A CB  1 
ATOM   915  C CG  . GLU A 1 113 ? -14.159 -9.663  5.436   1.00 29.09 ? 110 GLU A CG  1 
ATOM   916  C CD  . GLU A 1 113 ? -14.845 -9.889  6.763   1.00 44.89 ? 110 GLU A CD  1 
ATOM   917  O OE1 . GLU A 1 113 ? -15.118 -11.063 7.100   1.00 47.11 ? 110 GLU A OE1 1 
ATOM   918  O OE2 . GLU A 1 113 ? -15.123 -8.886  7.454   1.00 51.08 ? 110 GLU A OE2 1 
ATOM   919  N N   . SER A 1 114 ? -10.649 -10.252 4.201   1.00 15.08 ? 111 SER A N   1 
ATOM   920  C CA  . SER A 1 114 ? -9.462  -9.425  4.369   1.00 16.82 ? 111 SER A CA  1 
ATOM   921  C C   . SER A 1 114 ? -8.232  -10.298 4.353   1.00 17.50 ? 111 SER A C   1 
ATOM   922  O O   . SER A 1 114 ? -8.274  -11.466 4.754   1.00 15.81 ? 111 SER A O   1 
ATOM   923  C CB  . SER A 1 114 ? -9.538  -8.657  5.684   1.00 18.07 ? 111 SER A CB  1 
ATOM   924  O OG  . SER A 1 114 ? -9.498  -9.554  6.775   1.00 23.20 ? 111 SER A OG  1 
ATOM   925  N N   . TYR A 1 115 ? -7.116  -9.708  3.939   1.00 13.02 ? 112 TYR A N   1 
ATOM   926  C CA  . TYR A 1 115 ? -5.855  -10.430 3.853   1.00 13.76 ? 112 TYR A CA  1 
ATOM   927  C C   . TYR A 1 115 ? -4.722  -9.413  3.822   1.00 13.17 ? 112 TYR A C   1 
ATOM   928  O O   . TYR A 1 115 ? -4.945  -8.232  3.500   1.00 14.81 ? 112 TYR A O   1 
ATOM   929  C CB  . TYR A 1 115 ? -5.814  -11.313 2.597   1.00 14.78 ? 112 TYR A CB  1 
ATOM   930  C CG  . TYR A 1 115 ? -5.979  -10.563 1.288   1.00 14.31 ? 112 TYR A CG  1 
ATOM   931  C CD1 . TYR A 1 115 ? -4.863  -10.152 0.560   1.00 17.71 ? 112 TYR A CD1 1 
ATOM   932  C CD2 . TYR A 1 115 ? -7.253  -10.302 0.760   1.00 18.38 ? 112 TYR A CD2 1 
ATOM   933  C CE1 . TYR A 1 115 ? -5.008  -9.421  -0.611  1.00 15.57 ? 112 TYR A CE1 1 
ATOM   934  C CE2 . TYR A 1 115 ? -7.411  -9.606  -0.430  1.00 17.48 ? 112 TYR A CE2 1 
ATOM   935  C CZ  . TYR A 1 115 ? -6.270  -9.194  -1.123  1.00 18.07 ? 112 TYR A CZ  1 
ATOM   936  O OH  . TYR A 1 115 ? -6.401  -8.542  -2.328  1.00 18.76 ? 112 TYR A OH  1 
ATOM   937  N N   . GLU A 1 116 ? -3.578  -9.841  4.341   1.00 13.57 ? 113 GLU A N   1 
ATOM   938  C CA  A GLU A 1 116 ? -2.406  -8.980  4.376   0.60 15.21 ? 113 GLU A CA  1 
ATOM   939  C CA  B GLU A 1 116 ? -2.365  -9.018  4.470   0.40 15.29 ? 113 GLU A CA  1 
ATOM   940  C C   . GLU A 1 116 ? -1.272  -9.612  3.579   1.00 16.32 ? 113 GLU A C   1 
ATOM   941  O O   . GLU A 1 116 ? -1.177  -10.844 3.450   1.00 15.62 ? 113 GLU A O   1 
ATOM   942  C CB  A GLU A 1 116 ? -2.005  -8.688  5.822   0.60 16.99 ? 113 GLU A CB  1 
ATOM   943  C CB  B GLU A 1 116 ? -1.872  -9.004  5.928   0.40 16.87 ? 113 GLU A CB  1 
ATOM   944  C CG  A GLU A 1 116 ? -3.146  -8.118  6.674   0.60 14.56 ? 113 GLU A CG  1 
ATOM   945  C CG  B GLU A 1 116 ? -2.959  -8.760  6.984   0.40 17.20 ? 113 GLU A CG  1 
ATOM   946  C CD  A GLU A 1 116 ? -4.207  -9.161  7.030   0.60 18.45 ? 113 GLU A CD  1 
ATOM   947  C CD  B GLU A 1 116 ? -2.429  -8.685  8.418   0.40 23.39 ? 113 GLU A CD  1 
ATOM   948  O OE1 A GLU A 1 116 ? -3.833  -10.237 7.524   0.60 20.32 ? 113 GLU A OE1 1 
ATOM   949  O OE1 B GLU A 1 116 ? -1.517  -9.465  8.780   0.40 21.09 ? 113 GLU A OE1 1 
ATOM   950  O OE2 A GLU A 1 116 ? -5.416  -8.925  6.812   0.60 15.77 ? 113 GLU A OE2 1 
ATOM   951  O OE2 B GLU A 1 116 ? -2.953  -7.856  9.197   0.40 20.75 ? 113 GLU A OE2 1 
ATOM   952  N N   . VAL A 1 117 ? -0.429  -8.760  3.001   1.00 14.81 ? 114 VAL A N   1 
ATOM   953  C CA  . VAL A 1 117 ? 0.710   -9.226  2.197   1.00 14.37 ? 114 VAL A CA  1 
ATOM   954  C C   . VAL A 1 117 ? 1.907   -8.374  2.615   1.00 15.83 ? 114 VAL A C   1 
ATOM   955  O O   . VAL A 1 117 ? 1.799   -7.157  2.685   1.00 16.20 ? 114 VAL A O   1 
ATOM   956  C CB  . VAL A 1 117 ? 0.499   -8.993  0.673   1.00 16.93 ? 114 VAL A CB  1 
ATOM   957  C CG1 . VAL A 1 117 ? 1.681   -9.576  -0.107  1.00 20.98 ? 114 VAL A CG1 1 
ATOM   958  C CG2 . VAL A 1 117 ? -0.822  -9.637  0.186   1.00 19.25 ? 114 VAL A CG2 1 
ATOM   959  N N   . GLU A 1 118 ? 3.034   -9.005  2.899   1.00 14.52 ? 115 GLU A N   1 
ATOM   960  C CA  . GLU A 1 118 ? 4.215   -8.234  3.273   1.00 14.65 ? 115 GLU A CA  1 
ATOM   961  C C   . GLU A 1 118 ? 5.195   -8.139  2.126   1.00 15.10 ? 115 GLU A C   1 
ATOM   962  O O   . GLU A 1 118 ? 5.352   -9.091  1.358   1.00 16.32 ? 115 GLU A O   1 
ATOM   963  C CB  . GLU A 1 118 ? 4.877   -8.820  4.517   1.00 15.08 ? 115 GLU A CB  1 
ATOM   964  C CG  . GLU A 1 118 ? 3.997   -8.632  5.743   1.00 17.65 ? 115 GLU A CG  1 
ATOM   965  C CD  . GLU A 1 118 ? 4.363   -9.517  6.909   1.00 25.13 ? 115 GLU A CD  1 
ATOM   966  O OE1 . GLU A 1 118 ? 5.501   -10.029 6.956   1.00 23.47 ? 115 GLU A OE1 1 
ATOM   967  O OE2 . GLU A 1 118 ? 3.513   -9.666  7.813   1.00 33.84 ? 115 GLU A OE2 1 
ATOM   968  N N   . HIS A 1 119 ? 5.929   -7.026  2.079   1.00 14.51 ? 116 HIS A N   1 
ATOM   969  C CA  . HIS A 1 119 ? 6.966   -6.837  1.074   1.00 14.43 ? 116 HIS A CA  1 
ATOM   970  C C   . HIS A 1 119 ? 8.167   -6.232  1.772   1.00 15.04 ? 116 HIS A C   1 
ATOM   971  O O   . HIS A 1 119 ? 8.026   -5.301  2.569   1.00 16.60 ? 116 HIS A O   1 
ATOM   972  C CB  . HIS A 1 119 ? 6.502   -5.836  0.009   1.00 15.92 ? 116 HIS A CB  1 
ATOM   973  C CG  . HIS A 1 119 ? 5.371   -6.329  -0.826  1.00 21.75 ? 116 HIS A CG  1 
ATOM   974  N ND1 . HIS A 1 119 ? 5.560   -7.117  -1.940  1.00 23.20 ? 116 HIS A ND1 1 
ATOM   975  C CD2 . HIS A 1 119 ? 4.033   -6.168  -0.697  1.00 21.12 ? 116 HIS A CD2 1 
ATOM   976  C CE1 . HIS A 1 119 ? 4.384   -7.431  -2.457  1.00 24.90 ? 116 HIS A CE1 1 
ATOM   977  N NE2 . HIS A 1 119 ? 3.441   -6.871  -1.718  1.00 20.19 ? 116 HIS A NE2 1 
ATOM   978  N N   . VAL A 1 120 ? 9.345   -6.679  1.356   1.00 15.97 ? 117 VAL A N   1 
ATOM   979  C CA  . VAL A 1 120 ? 10.589  -6.122  1.865   1.00 15.25 ? 117 VAL A CA  1 
ATOM   980  C C   . VAL A 1 120 ? 11.070  -5.108  0.839   1.00 17.35 ? 117 VAL A C   1 
ATOM   981  O O   . VAL A 1 120 ? 11.197  -5.423  -0.346  1.00 17.40 ? 117 VAL A O   1 
ATOM   982  C CB  . VAL A 1 120 ? 11.644  -7.222  2.038   1.00 16.42 ? 117 VAL A CB  1 
ATOM   983  C CG1 . VAL A 1 120 ? 12.967  -6.631  2.557   1.00 15.29 ? 117 VAL A CG1 1 
ATOM   984  C CG2 . VAL A 1 120 ? 11.132  -8.314  2.981   1.00 17.27 ? 117 VAL A CG2 1 
ATOM   985  N N   . ILE A 1 121 ? 11.416  -3.914  1.296   1.00 15.02 ? 118 ILE A N   1 
ATOM   986  C CA  . ILE A 1 121 ? 11.997  -2.941  0.387   1.00 15.00 ? 118 ILE A CA  1 
ATOM   987  C C   . ILE A 1 121 ? 13.347  -2.493  0.912   1.00 16.49 ? 118 ILE A C   1 
ATOM   988  O O   . ILE A 1 121 ? 13.607  -2.557  2.110   1.00 17.08 ? 118 ILE A O   1 
ATOM   989  C CB  . ILE A 1 121 ? 11.086  -1.714  0.121   1.00 17.09 ? 118 ILE A CB  1 
ATOM   990  C CG1 . ILE A 1 121 ? 10.781  -0.959  1.411   1.00 16.89 ? 118 ILE A CG1 1 
ATOM   991  C CG2 . ILE A 1 121 ? 9.800   -2.129  -0.634  1.00 20.22 ? 118 ILE A CG2 1 
ATOM   992  C CD1 . ILE A 1 121 ? 10.142  0.438   1.214   1.00 17.83 ? 118 ILE A CD1 1 
ATOM   993  N N   . GLN A 1 122 ? 14.223  -2.132  -0.015  1.00 16.90 ? 119 GLN A N   1 
ATOM   994  C CA  . GLN A 1 122 ? 15.579  -1.698  0.314   1.00 15.91 ? 119 GLN A CA  1 
ATOM   995  C C   . GLN A 1 122 ? 15.635  -0.178  0.200   1.00 17.27 ? 119 GLN A C   1 
ATOM   996  O O   . GLN A 1 122 ? 15.142  0.386   -0.781  1.00 20.28 ? 119 GLN A O   1 
ATOM   997  C CB  . GLN A 1 122 ? 16.557  -2.327  -0.665  1.00 17.84 ? 119 GLN A CB  1 
ATOM   998  C CG  . GLN A 1 122 ? 17.071  -3.672  -0.200  1.00 32.62 ? 119 GLN A CG  1 
ATOM   999  C CD  . GLN A 1 122 ? 18.418  -4.001  -0.801  1.00 44.04 ? 119 GLN A CD  1 
ATOM   1000 O OE1 . GLN A 1 122 ? 19.288  -3.135  -0.926  1.00 51.79 ? 119 GLN A OE1 1 
ATOM   1001 N NE2 . GLN A 1 122 ? 18.576  -5.240  -1.235  1.00 48.52 ? 119 GLN A NE2 1 
ATOM   1002 N N   . ILE A 1 123 ? 16.035  0.472   1.293   1.00 15.22 ? 120 ILE A N   1 
ATOM   1003 C CA  . ILE A 1 123 ? 15.944  1.928   1.434   1.00 13.65 ? 120 ILE A CA  1 
ATOM   1004 C C   . ILE A 1 123 ? 17.337  2.537   1.649   1.00 14.59 ? 120 ILE A C   1 
ATOM   1005 O O   . ILE A 1 123 ? 18.101  2.036   2.485   1.00 14.89 ? 120 ILE A O   1 
ATOM   1006 C CB  . ILE A 1 123 ? 15.049  2.293   2.632   1.00 13.83 ? 120 ILE A CB  1 
ATOM   1007 C CG1 . ILE A 1 123 ? 13.600  1.781   2.411   1.00 13.48 ? 120 ILE A CG1 1 
ATOM   1008 C CG2 . ILE A 1 123 ? 14.974  3.812   2.795   1.00 15.57 ? 120 ILE A CG2 1 
ATOM   1009 C CD1 . ILE A 1 123 ? 12.817  1.643   3.684   1.00 18.81 ? 120 ILE A CD1 1 
ATOM   1010 N N   . PRO A 1 124 ? 17.695  3.558   0.859   1.00 13.46 ? 121 PRO A N   1 
ATOM   1011 C CA  . PRO A 1 124 ? 19.024  4.155   1.017   1.00 13.75 ? 121 PRO A CA  1 
ATOM   1012 C C   . PRO A 1 124 ? 19.180  4.962   2.296   1.00 13.79 ? 121 PRO A C   1 
ATOM   1013 O O   . PRO A 1 124 ? 18.203  5.323   2.973   1.00 15.38 ? 121 PRO A O   1 
ATOM   1014 C CB  . PRO A 1 124 ? 19.178  5.064   -0.210  1.00 18.57 ? 121 PRO A CB  1 
ATOM   1015 C CG  . PRO A 1 124 ? 17.835  5.310   -0.722  1.00 15.66 ? 121 PRO A CG  1 
ATOM   1016 C CD  . PRO A 1 124 ? 16.917  4.192   -0.226  1.00 12.36 ? 121 PRO A CD  1 
ATOM   1017 N N   . LEU A 1 125 ? 20.442  5.163   2.676   1.00 15.25 ? 122 LEU A N   1 
ATOM   1018 C CA  . LEU A 1 125 ? 20.777  5.772   3.954   1.00 15.36 ? 122 LEU A CA  1 
ATOM   1019 C C   . LEU A 1 125 ? 21.480  7.111   3.717   1.00 20.18 ? 122 LEU A C   1 
ATOM   1020 O O   . LEU A 1 125 ? 22.388  7.489   4.476   1.00 23.43 ? 122 LEU A O   1 
ATOM   1021 C CB  . LEU A 1 125 ? 21.714  4.841   4.751   1.00 11.75 ? 122 LEU A CB  1 
ATOM   1022 C CG  . LEU A 1 125 ? 21.058  3.613   5.383   1.00 13.18 ? 122 LEU A CG  1 
ATOM   1023 C CD1 . LEU A 1 125 ? 22.115  2.694   6.024   1.00 15.62 ? 122 LEU A CD1 1 
ATOM   1024 C CD2 . LEU A 1 125 ? 19.939  3.918   6.387   1.00 17.70 ? 122 LEU A CD2 1 
ATOM   1025 N N   . ASN A 1 126 ? 21.161  7.758   2.601   1.00 13.85 ? 123 ASN A N   1 
ATOM   1026 C CA  . ASN A 1 126 ? 21.872  8.978   2.226   1.00 18.78 ? 123 ASN A CA  1 
ATOM   1027 C C   . ASN A 1 126 ? 21.087  10.296  2.289   1.00 19.62 ? 123 ASN A C   1 
ATOM   1028 O O   . ASN A 1 126 ? 21.586  11.322  1.836   1.00 18.83 ? 123 ASN A O   1 
ATOM   1029 C CB  . ASN A 1 126 ? 22.471  8.830   0.840   1.00 22.56 ? 123 ASN A CB  1 
ATOM   1030 C CG  . ASN A 1 126 ? 21.441  8.528   -0.218  1.00 28.04 ? 123 ASN A CG  1 
ATOM   1031 O OD1 . ASN A 1 126 ? 20.245  8.261   0.058   1.00 24.43 ? 123 ASN A OD1 1 
ATOM   1032 N ND2 . ASN A 1 126 ? 21.947  8.374   -1.432  1.00 29.75 ? 123 ASN A ND2 1 
ATOM   1033 N N   . LYS A 1 127 ? 19.869  10.256  2.824   1.00 15.42 ? 124 LYS A N   1 
ATOM   1034 C CA  . LYS A 1 127 ? 19.049  11.471  3.031   1.00 13.53 ? 124 LYS A CA  1 
ATOM   1035 C C   . LYS A 1 127 ? 18.782  11.589  4.504   1.00 16.56 ? 124 LYS A C   1 
ATOM   1036 O O   . LYS A 1 127 ? 18.046  10.777  5.058   1.00 14.50 ? 124 LYS A O   1 
ATOM   1037 C CB  . LYS A 1 127 ? 17.691  11.401  2.303   1.00 15.71 ? 124 LYS A CB  1 
ATOM   1038 C CG  . LYS A 1 127 ? 17.804  11.172  0.807   1.00 15.81 ? 124 LYS A CG  1 
ATOM   1039 C CD  . LYS A 1 127 ? 18.410  12.375  0.084   1.00 19.08 ? 124 LYS A CD  1 
ATOM   1040 C CE  . LYS A 1 127 ? 18.366  12.168  -1.426  1.00 30.65 ? 124 LYS A CE  1 
ATOM   1041 N NZ  . LYS A 1 127 ? 18.936  13.365  -2.119  1.00 37.84 ? 124 LYS A NZ  1 
ATOM   1042 N N   . PRO A 1 128 ? 19.446  12.554  5.162   1.00 18.05 ? 125 PRO A N   1 
ATOM   1043 C CA  . PRO A 1 128 ? 19.431  12.605  6.620   1.00 15.40 ? 125 PRO A CA  1 
ATOM   1044 C C   . PRO A 1 128 ? 18.056  12.533  7.245   1.00 17.26 ? 125 PRO A C   1 
ATOM   1045 O O   . PRO A 1 128 ? 17.872  11.794  8.204   1.00 13.94 ? 125 PRO A O   1 
ATOM   1046 C CB  . PRO A 1 128 ? 20.152  13.936  6.908   1.00 16.00 ? 125 PRO A CB  1 
ATOM   1047 C CG  . PRO A 1 128 ? 21.253  13.936  5.816   1.00 20.38 ? 125 PRO A CG  1 
ATOM   1048 C CD  . PRO A 1 128 ? 20.494  13.432  4.588   1.00 18.26 ? 125 PRO A CD  1 
ATOM   1049 N N   . LEU A 1 129 ? 17.051  13.194  6.665   1.00 15.22 ? 126 LEU A N   1 
ATOM   1050 C CA  . LEU A 1 129 ? 15.734  13.126  7.271   1.00 13.65 ? 126 LEU A CA  1 
ATOM   1051 C C   . LEU A 1 129 ? 15.166  11.719  7.156   1.00 11.05 ? 126 LEU A C   1 
ATOM   1052 O O   . LEU A 1 129 ? 14.448  11.266  8.022   1.00 15.22 ? 126 LEU A O   1 
ATOM   1053 C CB  . LEU A 1 129 ? 14.760  14.148  6.662   1.00 16.69 ? 126 LEU A CB  1 
ATOM   1054 C CG  . LEU A 1 129 ? 14.764  15.605  7.064   1.00 22.52 ? 126 LEU A CG  1 
ATOM   1055 C CD1 . LEU A 1 129 ? 13.466  16.234  6.535   1.00 18.00 ? 126 LEU A CD1 1 
ATOM   1056 C CD2 . LEU A 1 129 ? 14.885  15.746  8.585   1.00 27.33 ? 126 LEU A CD2 1 
ATOM   1057 N N   . LEU A 1 130 ? 15.385  11.039  6.033   1.00 10.63 ? 127 LEU A N   1 
ATOM   1058 C CA  . LEU A 1 130 ? 14.821  9.697   5.921   1.00 9.44  ? 127 LEU A CA  1 
ATOM   1059 C C   . LEU A 1 130 ? 15.579  8.791   6.905   1.00 9.91  ? 127 LEU A C   1 
ATOM   1060 O O   . LEU A 1 130 ? 15.014  7.873   7.475   1.00 11.33 ? 127 LEU A O   1 
ATOM   1061 C CB  . LEU A 1 130 ? 15.037  9.200   4.489   1.00 10.07 ? 127 LEU A CB  1 
ATOM   1062 C CG  . LEU A 1 130 ? 14.590  7.771   4.162   1.00 14.21 ? 127 LEU A CG  1 
ATOM   1063 C CD1 . LEU A 1 130 ? 13.200  7.326   4.626   1.00 11.46 ? 127 LEU A CD1 1 
ATOM   1064 C CD2 . LEU A 1 130 ? 14.769  7.497   2.672   1.00 13.53 ? 127 LEU A CD2 1 
ATOM   1065 N N   . THR A 1 131 ? 16.894  8.980   6.951   1.00 13.07 ? 128 THR A N   1 
ATOM   1066 C CA  . THR A 1 131 ? 17.764  8.127   7.771   1.00 12.29 ? 128 THR A CA  1 
ATOM   1067 C C   . THR A 1 131 ? 17.311  8.248   9.223   1.00 15.94 ? 128 THR A C   1 
ATOM   1068 O O   . THR A 1 131 ? 17.132  7.253   9.918   1.00 17.44 ? 128 THR A O   1 
ATOM   1069 C CB  . THR A 1 131 ? 19.197  8.580   7.611   1.00 11.63 ? 128 THR A CB  1 
ATOM   1070 O OG1 . THR A 1 131 ? 19.617  8.317   6.259   1.00 14.71 ? 128 THR A OG1 1 
ATOM   1071 C CG2 . THR A 1 131 ? 20.094  7.795   8.569   1.00 16.00 ? 128 THR A CG2 1 
ATOM   1072 N N   . GLU A 1 132 ? 17.014  9.475   9.639   1.00 16.64 ? 129 GLU A N   1 
ATOM   1073 C CA  . GLU A 1 132 ? 16.427  9.707   10.953  1.00 19.66 ? 129 GLU A CA  1 
ATOM   1074 C C   . GLU A 1 132 ? 15.095  9.007   11.153  1.00 18.66 ? 129 GLU A C   1 
ATOM   1075 O O   . GLU A 1 132 ? 14.836  8.420   12.196  1.00 16.58 ? 129 GLU A O   1 
ATOM   1076 C CB  . GLU A 1 132 ? 16.282  11.198  11.259  1.00 21.22 ? 129 GLU A CB  1 
ATOM   1077 C CG  . GLU A 1 132 ? 17.609  11.891  11.501  1.00 27.49 ? 129 GLU A CG  1 
ATOM   1078 C CD  . GLU A 1 132 ? 17.457  13.285  12.091  1.00 39.04 ? 129 GLU A CD  1 
ATOM   1079 O OE1 . GLU A 1 132 ? 16.355  13.862  12.004  1.00 37.96 ? 129 GLU A OE1 1 
ATOM   1080 O OE2 . GLU A 1 132 ? 18.469  13.839  12.574  1.00 48.68 ? 129 GLU A OE2 1 
ATOM   1081 N N   . GLU A 1 133 ? 14.182  9.183   10.208  1.00 16.92 ? 130 GLU A N   1 
ATOM   1082 C CA  . GLU A 1 133 ? 12.896  8.511   10.276  1.00 14.41 ? 130 GLU A CA  1 
ATOM   1083 C C   . GLU A 1 133 ? 13.061  6.987   10.369  1.00 13.52 ? 130 GLU A C   1 
ATOM   1084 O O   . GLU A 1 133 ? 12.267  6.309   11.018  1.00 18.44 ? 130 GLU A O   1 
ATOM   1085 C CB  . GLU A 1 133 ? 12.103  8.877   9.017   1.00 14.83 ? 130 GLU A CB  1 
ATOM   1086 C CG  . GLU A 1 133 ? 10.622  8.793   9.179   1.00 18.37 ? 130 GLU A CG  1 
ATOM   1087 C CD  . GLU A 1 133 ? 10.067  9.733   10.268  1.00 16.01 ? 130 GLU A CD  1 
ATOM   1088 O OE1 . GLU A 1 133 ? 10.686  10.766  10.595  1.00 19.09 ? 130 GLU A OE1 1 
ATOM   1089 O OE2 . GLU A 1 133 ? 8.958   9.444   10.738  1.00 19.74 ? 130 GLU A OE2 1 
ATOM   1090 N N   . LEU A 1 134 ? 14.040  6.435   9.673   1.00 15.31 ? 131 LEU A N   1 
ATOM   1091 C CA  . LEU A 1 134 ? 14.197  4.975   9.654   1.00 15.42 ? 131 LEU A CA  1 
ATOM   1092 C C   . LEU A 1 134 ? 14.519  4.395   11.045  1.00 16.95 ? 131 LEU A C   1 
ATOM   1093 O O   . LEU A 1 134 ? 14.223  3.217   11.300  1.00 15.60 ? 131 LEU A O   1 
ATOM   1094 C CB  . LEU A 1 134 ? 15.302  4.555   8.681   1.00 16.44 ? 131 LEU A CB  1 
ATOM   1095 C CG  . LEU A 1 134 ? 14.896  4.572   7.209   1.00 16.79 ? 131 LEU A CG  1 
ATOM   1096 C CD1 . LEU A 1 134 ? 16.109  4.563   6.306   1.00 16.67 ? 131 LEU A CD1 1 
ATOM   1097 C CD2 . LEU A 1 134 ? 13.901  3.470   6.882   1.00 16.59 ? 131 LEU A CD2 1 
ATOM   1098 N N   . ALA A 1 135 ? 15.036  5.240   11.948  1.00 17.14 ? 132 ALA A N   1 
ATOM   1099 C CA  . ALA A 1 135 ? 15.369  4.807   13.315  1.00 18.24 ? 132 ALA A CA  1 
ATOM   1100 C C   . ALA A 1 135 ? 14.150  4.333   14.087  1.00 20.71 ? 132 ALA A C   1 
ATOM   1101 O O   . ALA A 1 135 ? 14.267  3.482   14.976  1.00 20.50 ? 132 ALA A O   1 
ATOM   1102 C CB  . ALA A 1 135 ? 16.108  5.907   14.098  1.00 18.55 ? 132 ALA A CB  1 
ATOM   1103 N N   . LYS A 1 136 ? 12.963  4.766   13.665  1.00 20.36 ? 133 LYS A N   1 
ATOM   1104 C CA  . LYS A 1 136 ? 11.731  4.375   14.360  1.00 22.12 ? 133 LYS A CA  1 
ATOM   1105 C C   . LYS A 1 136 ? 11.407  2.902   14.160  1.00 20.43 ? 133 LYS A C   1 
ATOM   1106 O O   . LYS A 1 136 ? 10.634  2.323   14.927  1.00 23.65 ? 133 LYS A O   1 
ATOM   1107 C CB  . LYS A 1 136 ? 10.527  5.211   13.900  1.00 20.91 ? 133 LYS A CB  1 
ATOM   1108 C CG  . LYS A 1 136 ? 10.645  6.703   14.202  1.00 25.19 ? 133 LYS A CG  1 
ATOM   1109 C CD  . LYS A 1 136 ? 9.412   7.453   13.691  1.00 30.00 ? 133 LYS A CD  1 
ATOM   1110 C CE  . LYS A 1 136 ? 9.450   8.920   14.091  1.00 34.99 ? 133 LYS A CE  1 
ATOM   1111 N NZ  . LYS A 1 136 ? 8.419   9.692   13.331  1.00 34.07 ? 133 LYS A NZ  1 
ATOM   1112 N N   . SER A 1 137 ? 11.841  2.345   13.037  1.00 17.81 ? 134 SER A N   1 
ATOM   1113 C CA  . SER A 1 137 ? 11.370  1.024   12.662  1.00 18.42 ? 134 SER A CA  1 
ATOM   1114 C C   . SER A 1 137 ? 12.434  -0.063  12.783  1.00 18.57 ? 134 SER A C   1 
ATOM   1115 O O   . SER A 1 137 ? 12.152  -1.238  12.597  1.00 20.77 ? 134 SER A O   1 
ATOM   1116 C CB  . SER A 1 137 ? 10.749  1.033   11.264  1.00 18.08 ? 134 SER A CB  1 
ATOM   1117 O OG  . SER A 1 137 ? 11.614  1.650   10.327  1.00 16.99 ? 134 SER A OG  1 
ATOM   1118 N N   . GLY A 1 138 ? 13.657  0.324   13.117  1.00 19.13 ? 135 GLY A N   1 
ATOM   1119 C CA  . GLY A 1 138 ? 14.698  -0.671  13.323  1.00 18.46 ? 135 GLY A CA  1 
ATOM   1120 C C   . GLY A 1 138 ? 16.057  -0.015  13.395  1.00 17.86 ? 135 GLY A C   1 
ATOM   1121 O O   . GLY A 1 138 ? 16.166  1.202   13.529  1.00 17.19 ? 135 GLY A O   1 
ATOM   1122 N N   . SER A 1 139 ? 17.105  -0.822  13.317  1.00 19.45 ? 136 SER A N   1 
ATOM   1123 C CA  . SER A 1 139 ? 18.444  -0.253  13.308  1.00 20.86 ? 136 SER A CA  1 
ATOM   1124 C C   . SER A 1 139 ? 18.795  0.238   11.902  1.00 19.86 ? 136 SER A C   1 
ATOM   1125 O O   . SER A 1 139 ? 18.169  -0.156  10.909  1.00 22.32 ? 136 SER A O   1 
ATOM   1126 C CB  . SER A 1 139 ? 19.471  -1.257  13.829  1.00 21.63 ? 136 SER A CB  1 
ATOM   1127 O OG  . SER A 1 139 ? 19.468  -2.443  13.060  1.00 32.07 ? 136 SER A OG  1 
ATOM   1128 N N   . THR A 1 140 ? 19.750  1.157   11.830  1.00 17.38 ? 137 THR A N   1 
ATOM   1129 C CA  . THR A 1 140 ? 20.160  1.744   10.558  1.00 18.13 ? 137 THR A CA  1 
ATOM   1130 C C   . THR A 1 140 ? 21.687  1.679   10.424  1.00 21.87 ? 137 THR A C   1 
ATOM   1131 O O   . THR A 1 140 ? 22.353  1.499   11.443  1.00 21.84 ? 137 THR A O   1 
ATOM   1132 C CB  . THR A 1 140 ? 19.692  3.197   10.482  1.00 20.08 ? 137 THR A CB  1 
ATOM   1133 O OG1 . THR A 1 140 ? 20.043  3.864   11.694  1.00 19.11 ? 137 THR A OG1 1 
ATOM   1134 C CG2 . THR A 1 140 ? 18.175  3.230   10.369  1.00 15.91 ? 137 THR A CG2 1 
ATOM   1135 O OXT . THR A 1 140 ? 22.240  1.666   9.321   1.00 22.10 ? 137 THR A OXT 1 
HETATM 1136 C C1  . PGE B 2 .   ? -14.407 -3.340  -11.951 1.00 60.59 ? 138 PGE A C1  1 
HETATM 1137 O O1  . PGE B 2 .   ? -13.880 -3.879  -10.735 1.00 52.53 ? 138 PGE A O1  1 
HETATM 1138 C C2  . PGE B 2 .   ? -13.476 -2.253  -12.480 1.00 69.14 ? 138 PGE A C2  1 
HETATM 1139 O O2  . PGE B 2 .   ? -14.093 -1.571  -13.572 1.00 73.68 ? 138 PGE A O2  1 
HETATM 1140 C C3  . PGE B 2 .   ? -14.079 -0.153  -13.392 1.00 76.63 ? 138 PGE A C3  1 
HETATM 1141 C C4  . PGE B 2 .   ? -15.418 0.321   -12.833 1.00 76.89 ? 138 PGE A C4  1 
HETATM 1142 O O4  . PGE B 2 .   ? -19.104 -0.429  -10.782 1.00 64.69 ? 138 PGE A O4  1 
HETATM 1143 C C6  . PGE B 2 .   ? -17.755 -0.117  -10.422 1.00 69.12 ? 138 PGE A C6  1 
HETATM 1144 C C5  . PGE B 2 .   ? -16.827 -0.889  -11.353 1.00 70.91 ? 138 PGE A C5  1 
HETATM 1145 O O3  . PGE B 2 .   ? -15.592 -0.191  -11.510 1.00 77.67 ? 138 PGE A O3  1 
HETATM 1146 O O   . HOH C 3 .   ? -10.596 6.520   -1.710  1.00 29.22 ? 139 HOH A O   1 
HETATM 1147 O O   . HOH C 3 .   ? 18.193  8.084   3.741   1.00 11.89 ? 140 HOH A O   1 
HETATM 1148 O O   . HOH C 3 .   ? 8.346   5.307   10.574  1.00 23.53 ? 141 HOH A O   1 
HETATM 1149 O O   . HOH C 3 .   ? 10.696  -3.704  8.973   1.00 16.28 ? 142 HOH A O   1 
HETATM 1150 O O   . HOH C 3 .   ? 22.928  5.200   0.645   1.00 18.91 ? 143 HOH A O   1 
HETATM 1151 O O   . HOH C 3 .   ? 9.901   12.466  -1.294  1.00 17.02 ? 144 HOH A O   1 
HETATM 1152 O O   . HOH C 3 .   ? 10.765  4.275   10.286  1.00 15.93 ? 145 HOH A O   1 
HETATM 1153 O O   . HOH C 3 .   ? 10.903  9.457   -3.416  1.00 12.96 ? 146 HOH A O   1 
HETATM 1154 O O   . HOH C 3 .   ? 3.902   6.569   -9.746  1.00 23.16 ? 147 HOH A O   1 
HETATM 1155 O O   . HOH C 3 .   ? 14.087  4.428   -6.773  1.00 28.26 ? 148 HOH A O   1 
HETATM 1156 O O   . HOH C 3 .   ? 3.432   10.799  4.750   1.00 19.90 ? 149 HOH A O   1 
HETATM 1157 O O   . HOH C 3 .   ? -7.859  -1.948  4.101   1.00 20.24 ? 150 HOH A O   1 
HETATM 1158 O O   . HOH C 3 .   ? -23.575 -5.884  -5.454  1.00 14.96 ? 151 HOH A O   1 
HETATM 1159 O O   . HOH C 3 .   ? 0.897   3.597   7.915   1.00 14.17 ? 152 HOH A O   1 
HETATM 1160 O O   . HOH C 3 .   ? -3.426  3.372   -13.525 1.00 15.97 ? 153 HOH A O   1 
HETATM 1161 O O   . HOH C 3 .   ? 10.821  14.610  2.569   1.00 31.26 ? 154 HOH A O   1 
HETATM 1162 O O   . HOH C 3 .   ? 17.397  14.945  4.439   1.00 17.33 ? 155 HOH A O   1 
HETATM 1163 O O   . HOH C 3 .   ? -17.516 -9.579  -7.318  1.00 22.15 ? 156 HOH A O   1 
HETATM 1164 O O   . HOH C 3 .   ? -3.600  4.965   -15.813 1.00 15.54 ? 157 HOH A O   1 
HETATM 1165 O O   . HOH C 3 .   ? 18.690  -4.036  6.840   1.00 23.34 ? 158 HOH A O   1 
HETATM 1166 O O   . HOH C 3 .   ? 9.512   11.983  -3.943  1.00 22.54 ? 159 HOH A O   1 
HETATM 1167 O O   . HOH C 3 .   ? -6.657  8.152   3.019   1.00 22.68 ? 160 HOH A O   1 
HETATM 1168 O O   . HOH C 3 .   ? -7.018  9.691   -11.308 1.00 34.59 ? 161 HOH A O   1 
HETATM 1169 O O   . HOH C 3 .   ? -1.435  5.545   11.183  1.00 22.64 ? 162 HOH A O   1 
HETATM 1170 O O   . HOH C 3 .   ? -5.633  -3.955  -13.677 1.00 39.32 ? 163 HOH A O   1 
HETATM 1171 O O   . HOH C 3 .   ? -14.266 0.309   2.510   1.00 44.69 ? 164 HOH A O   1 
HETATM 1172 O O   . HOH C 3 .   ? 7.438   -6.090  -9.537  1.00 26.89 ? 165 HOH A O   1 
HETATM 1173 O O   . HOH C 3 .   ? 22.389  4.620   -2.201  1.00 41.35 ? 166 HOH A O   1 
HETATM 1174 O O   . HOH C 3 .   ? -13.349 -2.025  3.024   1.00 34.43 ? 167 HOH A O   1 
HETATM 1175 O O   . HOH C 3 .   ? -16.436 4.034   -4.374  1.00 50.35 ? 168 HOH A O   1 
HETATM 1176 O O   . HOH C 3 .   ? -4.079  -2.655  -15.272 1.00 39.43 ? 169 HOH A O   1 
HETATM 1177 O O   . HOH C 3 .   ? -14.871 3.717   -10.979 1.00 36.57 ? 170 HOH A O   1 
HETATM 1178 O O   . HOH C 3 .   ? -3.825  9.450   3.106   1.00 19.76 ? 171 HOH A O   1 
HETATM 1179 O O   . HOH C 3 .   ? 22.736  -1.041  12.830  1.00 26.70 ? 172 HOH A O   1 
HETATM 1180 O O   . HOH C 3 .   ? -16.191 -14.662 -2.343  1.00 38.38 ? 173 HOH A O   1 
HETATM 1181 O O   . HOH C 3 .   ? -5.205  9.335   -13.277 1.00 23.94 ? 174 HOH A O   1 
HETATM 1182 O O   . HOH C 3 .   ? -5.481  7.116   5.235   1.00 23.28 ? 175 HOH A O   1 
HETATM 1183 O O   . HOH C 3 .   ? -23.907 -1.737  -10.943 1.00 20.12 ? 176 HOH A O   1 
HETATM 1184 O O   . HOH C 3 .   ? -0.363  -9.256  -3.912  1.00 30.50 ? 177 HOH A O   1 
HETATM 1185 O O   . HOH C 3 .   ? 12.802  12.538  9.949   1.00 22.01 ? 178 HOH A O   1 
HETATM 1186 O O   . HOH C 3 .   ? 6.772   12.262  -3.257  1.00 32.80 ? 179 HOH A O   1 
HETATM 1187 O O   . HOH C 3 .   ? 18.340  12.578  -5.144  1.00 41.82 ? 180 HOH A O   1 
HETATM 1188 O O   . HOH C 3 .   ? -28.925 -4.154  -6.028  1.00 23.18 ? 181 HOH A O   1 
HETATM 1189 O O   . HOH C 3 .   ? -3.688  -12.532 5.353   1.00 16.20 ? 182 HOH A O   1 
HETATM 1190 O O   . HOH C 3 .   ? 6.159   5.455   12.550  1.00 24.65 ? 183 HOH A O   1 
HETATM 1191 O O   . HOH C 3 .   ? 22.276  4.139   13.354  1.00 17.29 ? 184 HOH A O   1 
HETATM 1192 O O   . HOH C 3 .   ? -15.267 2.428   -8.857  1.00 30.84 ? 185 HOH A O   1 
HETATM 1193 O O   . HOH C 3 .   ? 19.015  6.391   11.782  1.00 20.39 ? 186 HOH A O   1 
HETATM 1194 O O   . HOH C 3 .   ? 16.353  15.413  -1.618  1.00 43.55 ? 187 HOH A O   1 
HETATM 1195 O O   . HOH C 3 .   ? 17.855  -2.525  9.578   1.00 24.73 ? 188 HOH A O   1 
HETATM 1196 O O   . HOH C 3 .   ? 6.621   11.335  7.110   1.00 27.14 ? 189 HOH A O   1 
HETATM 1197 O O   . HOH C 3 .   ? 12.132  -0.682  16.050  1.00 35.12 ? 190 HOH A O   1 
HETATM 1198 O O   . HOH C 3 .   ? -4.749  8.787   7.115   1.00 21.91 ? 191 HOH A O   1 
HETATM 1199 O O   . HOH C 3 .   ? 21.804  9.982   5.620   1.00 23.56 ? 192 HOH A O   1 
HETATM 1200 O O   . HOH C 3 .   ? -7.057  -10.786 7.565   1.00 28.93 ? 193 HOH A O   1 
HETATM 1201 O O   . HOH C 3 .   ? -5.352  11.425  6.750   1.00 32.19 ? 194 HOH A O   1 
HETATM 1202 O O   . HOH C 3 .   ? 20.842  5.787   15.297  1.00 39.73 ? 195 HOH A O   1 
HETATM 1203 O O   . HOH C 3 .   ? 4.240   -12.530 8.861   1.00 34.92 ? 196 HOH A O   1 
HETATM 1204 O O   . HOH C 3 .   ? -27.890 -6.002  -12.094 1.00 33.44 ? 197 HOH A O   1 
HETATM 1205 O O   . HOH C 3 .   ? 17.223  15.475  -3.784  1.00 42.61 ? 198 HOH A O   1 
HETATM 1206 O O   . HOH C 3 .   ? 0.865   -9.639  -6.548  1.00 40.63 ? 199 HOH A O   1 
HETATM 1207 O O   . HOH C 3 .   ? -25.760 -7.302  -4.682  1.00 26.51 ? 200 HOH A O   1 
HETATM 1208 O O   . HOH C 3 .   ? -23.883 2.392   -2.620  1.00 35.30 ? 201 HOH A O   1 
HETATM 1209 O O   . HOH C 3 .   ? -0.079  -8.545  -8.910  1.00 25.17 ? 202 HOH A O   1 
HETATM 1210 O O   . HOH C 3 .   ? 6.987   -10.192 9.403   1.00 31.80 ? 203 HOH A O   1 
HETATM 1211 O O   . HOH C 3 .   ? 7.994   13.470  7.864   1.00 40.62 ? 204 HOH A O   1 
HETATM 1212 O O   . HOH C 3 .   ? 3.884   10.975  7.212   1.00 39.89 ? 205 HOH A O   1 
HETATM 1213 O O   . HOH C 3 .   ? 8.532   2.762   16.247  1.00 33.39 ? 206 HOH A O   1 
HETATM 1214 O O   . HOH C 3 .   ? -6.621  10.986  -3.760  1.00 34.97 ? 207 HOH A O   1 
HETATM 1215 O O   . HOH C 3 .   ? 10.003  14.577  5.678   1.00 40.89 ? 208 HOH A O   1 
HETATM 1216 O O   . HOH C 3 .   ? -7.731  10.398  2.257   1.00 35.98 ? 209 HOH A O   1 
HETATM 1217 O O   . HOH C 3 .   ? -7.535  12.124  0.830   1.00 43.20 ? 210 HOH A O   1 
HETATM 1218 O O   . HOH C 3 .   ? 4.155   -7.593  -6.112  1.00 32.74 ? 211 HOH A O   1 
HETATM 1219 O O   . HOH C 3 .   ? 1.030   -6.921  -2.712  1.00 30.02 ? 212 HOH A O   1 
HETATM 1220 O O   . HOH C 3 .   ? 15.816  -4.566  -3.311  1.00 41.33 ? 213 HOH A O   1 
HETATM 1221 O O   . HOH C 3 .   ? 12.729  -6.176  6.444   1.00 28.95 ? 214 HOH A O   1 
HETATM 1222 O O   . HOH C 3 .   ? 9.325   -9.171  -0.102  1.00 24.24 ? 215 HOH A O   1 
HETATM 1223 O O   . HOH C 3 .   ? -14.803 -3.705  3.512   1.00 38.66 ? 216 HOH A O   1 
HETATM 1224 O O   . HOH C 3 .   ? 12.770  -3.115  10.842  1.00 20.62 ? 217 HOH A O   1 
HETATM 1225 O O   . HOH C 3 .   ? -1.547  -0.618  12.394  1.00 22.30 ? 218 HOH A O   1 
HETATM 1226 O O   . HOH C 3 .   ? -16.034 3.555   -1.749  1.00 49.77 ? 219 HOH A O   1 
HETATM 1227 O O   . HOH C 3 .   ? -5.138  -13.689 -0.419  1.00 42.89 ? 220 HOH A O   1 
HETATM 1228 O O   . HOH C 3 .   ? 10.484  -6.557  10.470  1.00 47.28 ? 221 HOH A O   1 
HETATM 1229 O O   . HOH C 3 .   ? -5.326  6.485   -16.937 1.00 24.23 ? 222 HOH A O   1 
HETATM 1230 O O   . HOH C 3 .   ? 16.119  4.577   -4.053  1.00 22.28 ? 223 HOH A O   1 
HETATM 1231 O O   . HOH C 3 .   ? 0.333   1.745   12.403  1.00 20.40 ? 224 HOH A O   1 
HETATM 1232 O O   . HOH C 3 .   ? 18.736  2.951   14.033  1.00 27.41 ? 225 HOH A O   1 
HETATM 1233 O O   . HOH C 3 .   ? -10.662 -12.941 6.230   1.00 27.38 ? 226 HOH A O   1 
HETATM 1234 O O   . HOH C 3 .   ? -0.593  3.313   10.161  1.00 19.32 ? 227 HOH A O   1 
HETATM 1235 O O   . HOH C 3 .   ? -2.892  1.789   10.441  1.00 21.35 ? 228 HOH A O   1 
HETATM 1236 O O   . HOH C 3 .   ? -5.052  12.724  -0.994  1.00 44.98 ? 229 HOH A O   1 
HETATM 1237 O O   . HOH C 3 .   ? -21.748 -7.192  2.392   1.00 33.13 ? 230 HOH A O   1 
HETATM 1238 O O   . HOH C 3 .   ? -1.635  15.842  4.393   1.00 38.11 ? 231 HOH A O   1 
HETATM 1239 O O   . HOH C 3 .   ? 4.722   -2.691  -10.884 1.00 31.63 ? 232 HOH A O   1 
HETATM 1240 O O   . HOH C 3 .   ? 6.524   -3.818  -11.586 1.00 18.49 ? 233 HOH A O   1 
HETATM 1241 O O   . HOH C 3 .   ? -3.345  -7.186  1.374   1.00 13.78 ? 234 HOH A O   1 
HETATM 1242 O O   . HOH C 3 .   ? 13.417  -2.195  -2.885  1.00 24.50 ? 235 HOH A O   1 
HETATM 1243 O O   . HOH C 3 .   ? -3.946  11.677  1.947   1.00 23.30 ? 236 HOH A O   1 
HETATM 1244 O O   . HOH C 3 .   ? -6.403  -6.543  6.054   1.00 22.81 ? 237 HOH A O   1 
HETATM 1245 O O   . HOH C 3 .   ? 0.977   -4.409  15.525  1.00 21.59 ? 238 HOH A O   1 
HETATM 1246 O O   . HOH C 3 .   ? -9.744  6.974   0.937   1.00 29.82 ? 239 HOH A O   1 
HETATM 1247 O O   . HOH C 3 .   ? 10.526  -0.856  -7.409  1.00 25.55 ? 240 HOH A O   1 
HETATM 1248 O O   . HOH C 3 .   ? -12.049 -4.185  -8.851  1.00 18.15 ? 241 HOH A O   1 
HETATM 1249 O O   . HOH C 3 .   ? 2.907   -11.760 3.003   1.00 22.02 ? 242 HOH A O   1 
HETATM 1250 O O   . HOH C 3 .   ? -2.316  16.130  1.263   1.00 27.70 ? 243 HOH A O   1 
HETATM 1251 O O   . HOH C 3 .   ? 0.992   -12.099 5.225   1.00 33.79 ? 244 HOH A O   1 
HETATM 1252 O O   . HOH C 3 .   ? -7.757  3.749   8.112   1.00 35.79 ? 245 HOH A O   1 
HETATM 1253 O O   . HOH C 3 .   ? -6.117  5.043   10.377  1.00 24.13 ? 246 HOH A O   1 
HETATM 1254 O O   . HOH C 3 .   ? -4.009  4.266   11.274  1.00 27.53 ? 247 HOH A O   1 
HETATM 1255 O O   . HOH C 3 .   ? -3.091  11.237  -8.326  1.00 26.56 ? 248 HOH A O   1 
HETATM 1256 O O   . HOH C 3 .   ? 5.209   8.382   13.532  1.00 35.11 ? 249 HOH A O   1 
HETATM 1257 O O   . HOH C 3 .   ? -7.379  -4.740  7.618   1.00 33.50 ? 250 HOH A O   1 
HETATM 1258 O O   . HOH C 3 .   ? 4.255   -9.189  12.690  1.00 29.99 ? 251 HOH A O   1 
HETATM 1259 O O   . HOH C 3 .   ? -19.893 0.970   -7.857  1.00 34.48 ? 252 HOH A O   1 
HETATM 1260 O O   . HOH C 3 .   ? 1.201   0.935   -13.393 1.00 26.78 ? 253 HOH A O   1 
HETATM 1261 O O   . HOH C 3 .   ? -7.663  5.509   -17.905 1.00 29.69 ? 254 HOH A O   1 
HETATM 1262 O O   . HOH C 3 .   ? 29.488  1.406   5.804   1.00 37.23 ? 255 HOH A O   1 
HETATM 1263 O O   . HOH C 3 .   ? 5.299   13.355  4.530   1.00 37.89 ? 256 HOH A O   1 
HETATM 1264 O O   . HOH C 3 .   ? -16.401 -9.686  2.718   1.00 24.94 ? 257 HOH A O   1 
HETATM 1265 O O   . HOH C 3 .   ? 8.144   -10.720 4.459   1.00 38.43 ? 258 HOH A O   1 
HETATM 1266 O O   . HOH C 3 .   ? 20.656  1.400   14.869  1.00 32.09 ? 259 HOH A O   1 
HETATM 1267 O O   . HOH C 3 .   ? 18.063  7.636   -3.587  1.00 23.37 ? 260 HOH A O   1 
HETATM 1268 O O   . HOH C 3 .   ? -3.933  -0.031  8.684   1.00 27.84 ? 261 HOH A O   1 
HETATM 1269 O O   . HOH C 3 .   ? 13.939  13.837  11.703  1.00 31.94 ? 262 HOH A O   1 
HETATM 1270 O O   . HOH C 3 .   ? -9.160  11.177  -11.900 1.00 42.31 ? 263 HOH A O   1 
HETATM 1271 O O   . HOH C 3 .   ? 13.846  16.411  11.871  1.00 39.21 ? 264 HOH A O   1 
HETATM 1272 O O   . HOH C 3 .   ? 1.713   -7.049  13.813  1.00 27.50 ? 265 HOH A O   1 
HETATM 1273 O O   . HOH C 3 .   ? 20.938  -2.390  10.261  1.00 36.46 ? 266 HOH A O   1 
HETATM 1274 O O   . HOH C 3 .   ? -9.015  -3.278  -9.229  1.00 28.57 ? 267 HOH A O   1 
HETATM 1275 O O   . HOH C 3 .   ? 14.320  -5.544  8.004   1.00 33.48 ? 268 HOH A O   1 
HETATM 1276 O O   . HOH C 3 .   ? 19.759  -3.592  2.455   1.00 36.18 ? 269 HOH A O   1 
HETATM 1277 O O   . HOH C 3 .   ? -21.720 2.895   -6.437  1.00 38.21 ? 270 HOH A O   1 
HETATM 1278 O O   . HOH C 3 .   ? 13.944  -8.089  6.419   1.00 34.15 ? 271 HOH A O   1 
HETATM 1279 O O   . HOH C 3 .   ? 6.721   4.386   15.313  1.00 24.44 ? 272 HOH A O   1 
HETATM 1280 O O   . HOH C 3 .   ? -3.262  -2.521  -17.623 1.00 33.68 ? 273 HOH A O   1 
HETATM 1281 O O   . HOH C 3 .   ? 5.674   14.667  -3.012  1.00 41.24 ? 274 HOH A O   1 
HETATM 1282 O O   . HOH C 3 .   ? 16.217  17.051  -5.913  1.00 52.86 ? 275 HOH A O   1 
HETATM 1283 O O   . HOH C 3 .   ? -7.273  -2.152  -10.305 1.00 27.27 ? 276 HOH A O   1 
HETATM 1284 O O   . HOH C 3 .   ? 9.914   -9.627  6.307   1.00 32.53 ? 277 HOH A O   1 
# 
